data_5QXN
# 
_entry.id   5QXN 
# 
_audit_conform.dict_name       mmcif_pdbx.dic 
_audit_conform.dict_version    5.387 
_audit_conform.dict_location   http://mmcif.pdb.org/dictionaries/ascii/mmcif_pdbx.dic 
# 
loop_
_database_2.database_id 
_database_2.database_code 
_database_2.pdbx_database_accession 
_database_2.pdbx_DOI 
PDB   5QXN         pdb_00005qxn 10.2210/pdb5qxn/pdb 
WWPDB D_1001402444 ?            ?                   
# 
loop_
_pdbx_audit_revision_history.ordinal 
_pdbx_audit_revision_history.data_content_type 
_pdbx_audit_revision_history.major_revision 
_pdbx_audit_revision_history.minor_revision 
_pdbx_audit_revision_history.revision_date 
1 'Structure model' 1 0 2020-04-08 
2 'Structure model' 1 1 2024-03-06 
# 
_pdbx_audit_revision_details.ordinal             1 
_pdbx_audit_revision_details.revision_ordinal    1 
_pdbx_audit_revision_details.data_content_type   'Structure model' 
_pdbx_audit_revision_details.provider            repository 
_pdbx_audit_revision_details.type                'Initial release' 
_pdbx_audit_revision_details.description         ? 
_pdbx_audit_revision_details.details             ? 
# 
loop_
_pdbx_audit_revision_group.ordinal 
_pdbx_audit_revision_group.revision_ordinal 
_pdbx_audit_revision_group.data_content_type 
_pdbx_audit_revision_group.group 
1 2 'Structure model' 'Data collection'     
2 2 'Structure model' 'Database references' 
# 
loop_
_pdbx_audit_revision_category.ordinal 
_pdbx_audit_revision_category.revision_ordinal 
_pdbx_audit_revision_category.data_content_type 
_pdbx_audit_revision_category.category 
1 2 'Structure model' chem_comp_atom 
2 2 'Structure model' chem_comp_bond 
3 2 'Structure model' database_2     
# 
loop_
_pdbx_audit_revision_item.ordinal 
_pdbx_audit_revision_item.revision_ordinal 
_pdbx_audit_revision_item.data_content_type 
_pdbx_audit_revision_item.item 
1 2 'Structure model' '_database_2.pdbx_DOI'                
2 2 'Structure model' '_database_2.pdbx_database_accession' 
# 
_pdbx_database_status.entry_id                        5QXN 
_pdbx_database_status.status_code                     REL 
_pdbx_database_status.status_code_sf                  REL 
_pdbx_database_status.status_code_mr                  ? 
_pdbx_database_status.status_code_cs                  ? 
_pdbx_database_status.recvd_initial_deposition_date   2020-02-11 
_pdbx_database_status.deposit_site                    RCSB 
_pdbx_database_status.process_site                    RCSB 
_pdbx_database_status.SG_entry                        ? 
_pdbx_database_status.pdb_format_compatible           Y 
_pdbx_database_status.methods_development_category    ? 
_pdbx_database_status.status_code_nmr_data            ? 
# 
loop_
_audit_author.name 
_audit_author.pdbx_ordinal 
'Snee, M.'         1 
'Talon, R.'        2 
'Fowley, D.'       3 
'Collins, P.'      4 
'Nelson, A.'       5 
'Arrowsmith, C.H.' 6 
'Bountra, C.'      7 
'Edwards, A.'      8 
'Von-Delft, F.'    9 
# 
_citation.id                        primary 
_citation.title                     'PanDDA analysis group deposition - Bromodomain of human ATAD2 fragment screening' 
_citation.journal_abbrev            'To Be Published' 
_citation.journal_volume            ? 
_citation.page_first                ? 
_citation.page_last                 ? 
_citation.year                      ? 
_citation.journal_id_ASTM           ? 
_citation.country                   ? 
_citation.journal_id_ISSN           ? 
_citation.journal_id_CSD            0353 
_citation.book_publisher            ? 
_citation.pdbx_database_id_PubMed   ? 
_citation.pdbx_database_id_DOI      ? 
# 
loop_
_citation_author.citation_id 
_citation_author.name 
_citation_author.identifier_ORCID 
_citation_author.ordinal 
primary 'Snee, M.'         ? 1 
primary 'Talon, R.'        ? 2 
primary 'Fowley, D.'       ? 3 
primary 'Collins, P.'      ? 4 
primary 'Nelson, A.'       ? 5 
primary 'Arrowsmith, C.H.' ? 6 
primary 'Bountra, C.'      ? 7 
primary 'Edwards, A.'      ? 8 
primary 'Von-Delft, F.'    ? 9 
# 
loop_
_entity.id 
_entity.type 
_entity.src_method 
_entity.pdbx_description 
_entity.formula_weight 
_entity.pdbx_number_of_molecules 
_entity.pdbx_ec 
_entity.pdbx_mutation 
_entity.pdbx_fragment 
_entity.details 
1 polymer     man 'ATPase family AAA domain-containing protein 2'                                       15512.562 1   3.6.1.3 ? ? 
? 
2 non-polymer syn '(3aR,8S,9aS)-2-[(trifluoromethyl)sulfonyl]decahydro-3a,8-epoxypyrrolo[3,4-c]azocine' 300.298   3   ?       ? ? 
? 
3 non-polymer syn 'SULFATE ION'                                                                         96.063    2   ?       ? ? 
? 
4 non-polymer syn 1,2-ETHANEDIOL                                                                        62.068    3   ?       ? ? 
? 
5 water       nat water                                                                                 18.015    212 ?       ? ? 
? 
# 
_entity_name_com.entity_id   1 
_entity_name_com.name        'AAA nuclear coregulator cancer-associated protein,ANCCA' 
# 
_entity_poly.entity_id                      1 
_entity_poly.type                           'polypeptide(L)' 
_entity_poly.nstd_linkage                   no 
_entity_poly.nstd_monomer                   no 
_entity_poly.pdbx_seq_one_letter_code       
;SMQEEDTFRELRIFLRNVTHRLAIDKRFRVFTKPVDPDEVPDYRTVIKEPMDLSSVISKIDLHKYLTVKDYLRDIDLICS
NALEYNPDRDPGDRLIRHRACALRDTAYAIIKEELDEDFEQLCEEIQESR
;
_entity_poly.pdbx_seq_one_letter_code_can   
;SMQEEDTFRELRIFLRNVTHRLAIDKRFRVFTKPVDPDEVPDYRTVIKEPMDLSSVISKIDLHKYLTVKDYLRDIDLICS
NALEYNPDRDPGDRLIRHRACALRDTAYAIIKEELDEDFEQLCEEIQESR
;
_entity_poly.pdbx_strand_id                 A 
_entity_poly.pdbx_target_identifier         ? 
# 
loop_
_pdbx_entity_nonpoly.entity_id 
_pdbx_entity_nonpoly.name 
_pdbx_entity_nonpoly.comp_id 
2 '(3aR,8S,9aS)-2-[(trifluoromethyl)sulfonyl]decahydro-3a,8-epoxypyrrolo[3,4-c]azocine' RHG 
3 'SULFATE ION'                                                                         SO4 
4 1,2-ETHANEDIOL                                                                        EDO 
5 water                                                                                 HOH 
# 
loop_
_entity_poly_seq.entity_id 
_entity_poly_seq.num 
_entity_poly_seq.mon_id 
_entity_poly_seq.hetero 
1 1   SER n 
1 2   MET n 
1 3   GLN n 
1 4   GLU n 
1 5   GLU n 
1 6   ASP n 
1 7   THR n 
1 8   PHE n 
1 9   ARG n 
1 10  GLU n 
1 11  LEU n 
1 12  ARG n 
1 13  ILE n 
1 14  PHE n 
1 15  LEU n 
1 16  ARG n 
1 17  ASN n 
1 18  VAL n 
1 19  THR n 
1 20  HIS n 
1 21  ARG n 
1 22  LEU n 
1 23  ALA n 
1 24  ILE n 
1 25  ASP n 
1 26  LYS n 
1 27  ARG n 
1 28  PHE n 
1 29  ARG n 
1 30  VAL n 
1 31  PHE n 
1 32  THR n 
1 33  LYS n 
1 34  PRO n 
1 35  VAL n 
1 36  ASP n 
1 37  PRO n 
1 38  ASP n 
1 39  GLU n 
1 40  VAL n 
1 41  PRO n 
1 42  ASP n 
1 43  TYR n 
1 44  ARG n 
1 45  THR n 
1 46  VAL n 
1 47  ILE n 
1 48  LYS n 
1 49  GLU n 
1 50  PRO n 
1 51  MET n 
1 52  ASP n 
1 53  LEU n 
1 54  SER n 
1 55  SER n 
1 56  VAL n 
1 57  ILE n 
1 58  SER n 
1 59  LYS n 
1 60  ILE n 
1 61  ASP n 
1 62  LEU n 
1 63  HIS n 
1 64  LYS n 
1 65  TYR n 
1 66  LEU n 
1 67  THR n 
1 68  VAL n 
1 69  LYS n 
1 70  ASP n 
1 71  TYR n 
1 72  LEU n 
1 73  ARG n 
1 74  ASP n 
1 75  ILE n 
1 76  ASP n 
1 77  LEU n 
1 78  ILE n 
1 79  CYS n 
1 80  SER n 
1 81  ASN n 
1 82  ALA n 
1 83  LEU n 
1 84  GLU n 
1 85  TYR n 
1 86  ASN n 
1 87  PRO n 
1 88  ASP n 
1 89  ARG n 
1 90  ASP n 
1 91  PRO n 
1 92  GLY n 
1 93  ASP n 
1 94  ARG n 
1 95  LEU n 
1 96  ILE n 
1 97  ARG n 
1 98  HIS n 
1 99  ARG n 
1 100 ALA n 
1 101 CYS n 
1 102 ALA n 
1 103 LEU n 
1 104 ARG n 
1 105 ASP n 
1 106 THR n 
1 107 ALA n 
1 108 TYR n 
1 109 ALA n 
1 110 ILE n 
1 111 ILE n 
1 112 LYS n 
1 113 GLU n 
1 114 GLU n 
1 115 LEU n 
1 116 ASP n 
1 117 GLU n 
1 118 ASP n 
1 119 PHE n 
1 120 GLU n 
1 121 GLN n 
1 122 LEU n 
1 123 CYS n 
1 124 GLU n 
1 125 GLU n 
1 126 ILE n 
1 127 GLN n 
1 128 GLU n 
1 129 SER n 
1 130 ARG n 
# 
_entity_src_gen.entity_id                          1 
_entity_src_gen.pdbx_src_id                        1 
_entity_src_gen.pdbx_alt_source_flag               sample 
_entity_src_gen.pdbx_seq_type                      'Biological sequence' 
_entity_src_gen.pdbx_beg_seq_num                   1 
_entity_src_gen.pdbx_end_seq_num                   130 
_entity_src_gen.gene_src_common_name               Human 
_entity_src_gen.gene_src_genus                     ? 
_entity_src_gen.pdbx_gene_src_gene                 'ATAD2, L16, PRO2000' 
_entity_src_gen.gene_src_species                   ? 
_entity_src_gen.gene_src_strain                    ? 
_entity_src_gen.gene_src_tissue                    ? 
_entity_src_gen.gene_src_tissue_fraction           ? 
_entity_src_gen.gene_src_details                   ? 
_entity_src_gen.pdbx_gene_src_fragment             ? 
_entity_src_gen.pdbx_gene_src_scientific_name      'Homo sapiens' 
_entity_src_gen.pdbx_gene_src_ncbi_taxonomy_id     9606 
_entity_src_gen.pdbx_gene_src_variant              ? 
_entity_src_gen.pdbx_gene_src_cell_line            ? 
_entity_src_gen.pdbx_gene_src_atcc                 ? 
_entity_src_gen.pdbx_gene_src_organ                ? 
_entity_src_gen.pdbx_gene_src_organelle            ? 
_entity_src_gen.pdbx_gene_src_cell                 ? 
_entity_src_gen.pdbx_gene_src_cellular_location    ? 
_entity_src_gen.host_org_common_name               ? 
_entity_src_gen.pdbx_host_org_scientific_name      'Escherichia coli' 
_entity_src_gen.pdbx_host_org_ncbi_taxonomy_id     562 
_entity_src_gen.host_org_genus                     ? 
_entity_src_gen.pdbx_host_org_gene                 ? 
_entity_src_gen.pdbx_host_org_organ                ? 
_entity_src_gen.host_org_species                   ? 
_entity_src_gen.pdbx_host_org_tissue               ? 
_entity_src_gen.pdbx_host_org_tissue_fraction      ? 
_entity_src_gen.pdbx_host_org_strain               ? 
_entity_src_gen.pdbx_host_org_variant              ? 
_entity_src_gen.pdbx_host_org_cell_line            ? 
_entity_src_gen.pdbx_host_org_atcc                 ? 
_entity_src_gen.pdbx_host_org_culture_collection   ? 
_entity_src_gen.pdbx_host_org_cell                 ? 
_entity_src_gen.pdbx_host_org_organelle            ? 
_entity_src_gen.pdbx_host_org_cellular_location    ? 
_entity_src_gen.pdbx_host_org_vector_type          ? 
_entity_src_gen.pdbx_host_org_vector               ? 
_entity_src_gen.host_org_details                   ? 
_entity_src_gen.expression_system_id               ? 
_entity_src_gen.plasmid_name                       ? 
_entity_src_gen.plasmid_details                    ? 
_entity_src_gen.pdbx_description                   ? 
# 
loop_
_chem_comp.id 
_chem_comp.type 
_chem_comp.mon_nstd_flag 
_chem_comp.name 
_chem_comp.pdbx_synonyms 
_chem_comp.formula 
_chem_comp.formula_weight 
ALA 'L-peptide linking' y ALANINE                                                                               ?                 
'C3 H7 N O2'         89.093  
ARG 'L-peptide linking' y ARGININE                                                                              ?                 
'C6 H15 N4 O2 1'     175.209 
ASN 'L-peptide linking' y ASPARAGINE                                                                            ?                 
'C4 H8 N2 O3'        132.118 
ASP 'L-peptide linking' y 'ASPARTIC ACID'                                                                       ?                 
'C4 H7 N O4'         133.103 
CYS 'L-peptide linking' y CYSTEINE                                                                              ?                 
'C3 H7 N O2 S'       121.158 
EDO non-polymer         . 1,2-ETHANEDIOL                                                                        'ETHYLENE GLYCOL' 
'C2 H6 O2'           62.068  
GLN 'L-peptide linking' y GLUTAMINE                                                                             ?                 
'C5 H10 N2 O3'       146.144 
GLU 'L-peptide linking' y 'GLUTAMIC ACID'                                                                       ?                 
'C5 H9 N O4'         147.129 
GLY 'peptide linking'   y GLYCINE                                                                               ?                 
'C2 H5 N O2'         75.067  
HIS 'L-peptide linking' y HISTIDINE                                                                             ?                 
'C6 H10 N3 O2 1'     156.162 
HOH non-polymer         . WATER                                                                                 ?                 
'H2 O'               18.015  
ILE 'L-peptide linking' y ISOLEUCINE                                                                            ?                 
'C6 H13 N O2'        131.173 
LEU 'L-peptide linking' y LEUCINE                                                                               ?                 
'C6 H13 N O2'        131.173 
LYS 'L-peptide linking' y LYSINE                                                                                ?                 
'C6 H15 N2 O2 1'     147.195 
MET 'L-peptide linking' y METHIONINE                                                                            ?                 
'C5 H11 N O2 S'      149.211 
PHE 'L-peptide linking' y PHENYLALANINE                                                                         ?                 
'C9 H11 N O2'        165.189 
PRO 'L-peptide linking' y PROLINE                                                                               ?                 
'C5 H9 N O2'         115.130 
RHG non-polymer         . '(3aR,8S,9aS)-2-[(trifluoromethyl)sulfonyl]decahydro-3a,8-epoxypyrrolo[3,4-c]azocine' ?                 
'C10 H15 F3 N2 O3 S' 300.298 
SER 'L-peptide linking' y SERINE                                                                                ?                 
'C3 H7 N O3'         105.093 
SO4 non-polymer         . 'SULFATE ION'                                                                         ?                 
'O4 S -2'            96.063  
THR 'L-peptide linking' y THREONINE                                                                             ?                 
'C4 H9 N O3'         119.119 
TYR 'L-peptide linking' y TYROSINE                                                                              ?                 
'C9 H11 N O3'        181.189 
VAL 'L-peptide linking' y VALINE                                                                                ?                 
'C5 H11 N O2'        117.146 
# 
loop_
_pdbx_poly_seq_scheme.asym_id 
_pdbx_poly_seq_scheme.entity_id 
_pdbx_poly_seq_scheme.seq_id 
_pdbx_poly_seq_scheme.mon_id 
_pdbx_poly_seq_scheme.ndb_seq_num 
_pdbx_poly_seq_scheme.pdb_seq_num 
_pdbx_poly_seq_scheme.auth_seq_num 
_pdbx_poly_seq_scheme.pdb_mon_id 
_pdbx_poly_seq_scheme.auth_mon_id 
_pdbx_poly_seq_scheme.pdb_strand_id 
_pdbx_poly_seq_scheme.pdb_ins_code 
_pdbx_poly_seq_scheme.hetero 
A 1 1   SER 1   979  979  SER SER A . n 
A 1 2   MET 2   980  980  MET MET A . n 
A 1 3   GLN 3   981  981  GLN GLN A . n 
A 1 4   GLU 4   982  982  GLU GLU A . n 
A 1 5   GLU 5   983  983  GLU GLU A . n 
A 1 6   ASP 6   984  984  ASP ASP A . n 
A 1 7   THR 7   985  985  THR THR A . n 
A 1 8   PHE 8   986  986  PHE PHE A . n 
A 1 9   ARG 9   987  987  ARG ARG A . n 
A 1 10  GLU 10  988  988  GLU GLU A . n 
A 1 11  LEU 11  989  989  LEU LEU A . n 
A 1 12  ARG 12  990  990  ARG ARG A . n 
A 1 13  ILE 13  991  991  ILE ILE A . n 
A 1 14  PHE 14  992  992  PHE PHE A . n 
A 1 15  LEU 15  993  993  LEU LEU A . n 
A 1 16  ARG 16  994  994  ARG ARG A . n 
A 1 17  ASN 17  995  995  ASN ASN A . n 
A 1 18  VAL 18  996  996  VAL VAL A . n 
A 1 19  THR 19  997  997  THR THR A . n 
A 1 20  HIS 20  998  998  HIS HIS A . n 
A 1 21  ARG 21  999  999  ARG ARG A . n 
A 1 22  LEU 22  1000 1000 LEU LEU A . n 
A 1 23  ALA 23  1001 1001 ALA ALA A . n 
A 1 24  ILE 24  1002 1002 ILE ILE A . n 
A 1 25  ASP 25  1003 1003 ASP ASP A . n 
A 1 26  LYS 26  1004 1004 LYS LYS A . n 
A 1 27  ARG 27  1005 1005 ARG ARG A . n 
A 1 28  PHE 28  1006 1006 PHE PHE A . n 
A 1 29  ARG 29  1007 1007 ARG ARG A . n 
A 1 30  VAL 30  1008 1008 VAL VAL A . n 
A 1 31  PHE 31  1009 1009 PHE PHE A . n 
A 1 32  THR 32  1010 1010 THR THR A . n 
A 1 33  LYS 33  1011 1011 LYS LYS A . n 
A 1 34  PRO 34  1012 1012 PRO PRO A . n 
A 1 35  VAL 35  1013 1013 VAL VAL A . n 
A 1 36  ASP 36  1014 1014 ASP ASP A . n 
A 1 37  PRO 37  1015 1015 PRO PRO A . n 
A 1 38  ASP 38  1016 1016 ASP ASP A . n 
A 1 39  GLU 39  1017 1017 GLU GLU A . n 
A 1 40  VAL 40  1018 1018 VAL VAL A . n 
A 1 41  PRO 41  1019 1019 PRO PRO A . n 
A 1 42  ASP 42  1020 1020 ASP ASP A . n 
A 1 43  TYR 43  1021 1021 TYR TYR A . n 
A 1 44  ARG 44  1022 1022 ARG ARG A . n 
A 1 45  THR 45  1023 1023 THR THR A . n 
A 1 46  VAL 46  1024 1024 VAL VAL A . n 
A 1 47  ILE 47  1025 1025 ILE ILE A . n 
A 1 48  LYS 48  1026 1026 LYS LYS A . n 
A 1 49  GLU 49  1027 1027 GLU GLU A . n 
A 1 50  PRO 50  1028 1028 PRO PRO A . n 
A 1 51  MET 51  1029 1029 MET MET A . n 
A 1 52  ASP 52  1030 1030 ASP ASP A . n 
A 1 53  LEU 53  1031 1031 LEU LEU A . n 
A 1 54  SER 54  1032 1032 SER SER A . n 
A 1 55  SER 55  1033 1033 SER SER A . n 
A 1 56  VAL 56  1034 1034 VAL VAL A . n 
A 1 57  ILE 57  1035 1035 ILE ILE A . n 
A 1 58  SER 58  1036 1036 SER SER A . n 
A 1 59  LYS 59  1037 1037 LYS LYS A . n 
A 1 60  ILE 60  1038 1038 ILE ILE A . n 
A 1 61  ASP 61  1039 1039 ASP ASP A . n 
A 1 62  LEU 62  1040 1040 LEU LEU A . n 
A 1 63  HIS 63  1041 1041 HIS HIS A . n 
A 1 64  LYS 64  1042 1042 LYS LYS A . n 
A 1 65  TYR 65  1043 1043 TYR TYR A . n 
A 1 66  LEU 66  1044 1044 LEU LEU A . n 
A 1 67  THR 67  1045 1045 THR THR A . n 
A 1 68  VAL 68  1046 1046 VAL VAL A . n 
A 1 69  LYS 69  1047 1047 LYS LYS A . n 
A 1 70  ASP 70  1048 1048 ASP ASP A . n 
A 1 71  TYR 71  1049 1049 TYR TYR A . n 
A 1 72  LEU 72  1050 1050 LEU LEU A . n 
A 1 73  ARG 73  1051 1051 ARG ARG A . n 
A 1 74  ASP 74  1052 1052 ASP ASP A . n 
A 1 75  ILE 75  1053 1053 ILE ILE A . n 
A 1 76  ASP 76  1054 1054 ASP ASP A . n 
A 1 77  LEU 77  1055 1055 LEU LEU A . n 
A 1 78  ILE 78  1056 1056 ILE ILE A . n 
A 1 79  CYS 79  1057 1057 CYS CYS A . n 
A 1 80  SER 80  1058 1058 SER SER A . n 
A 1 81  ASN 81  1059 1059 ASN ASN A . n 
A 1 82  ALA 82  1060 1060 ALA ALA A . n 
A 1 83  LEU 83  1061 1061 LEU LEU A . n 
A 1 84  GLU 84  1062 1062 GLU GLU A . n 
A 1 85  TYR 85  1063 1063 TYR TYR A . n 
A 1 86  ASN 86  1064 1064 ASN ASN A . n 
A 1 87  PRO 87  1065 1065 PRO PRO A . n 
A 1 88  ASP 88  1066 1066 ASP ASP A . n 
A 1 89  ARG 89  1067 1067 ARG ARG A . n 
A 1 90  ASP 90  1068 1068 ASP ASP A . n 
A 1 91  PRO 91  1069 1069 PRO PRO A . n 
A 1 92  GLY 92  1070 1070 GLY GLY A . n 
A 1 93  ASP 93  1071 1071 ASP ASP A . n 
A 1 94  ARG 94  1072 1072 ARG ARG A . n 
A 1 95  LEU 95  1073 1073 LEU LEU A . n 
A 1 96  ILE 96  1074 1074 ILE ILE A . n 
A 1 97  ARG 97  1075 1075 ARG ARG A . n 
A 1 98  HIS 98  1076 1076 HIS HIS A . n 
A 1 99  ARG 99  1077 1077 ARG ARG A . n 
A 1 100 ALA 100 1078 1078 ALA ALA A . n 
A 1 101 CYS 101 1079 1079 CYS CYS A . n 
A 1 102 ALA 102 1080 1080 ALA ALA A . n 
A 1 103 LEU 103 1081 1081 LEU LEU A . n 
A 1 104 ARG 104 1082 1082 ARG ARG A . n 
A 1 105 ASP 105 1083 1083 ASP ASP A . n 
A 1 106 THR 106 1084 1084 THR THR A . n 
A 1 107 ALA 107 1085 1085 ALA ALA A . n 
A 1 108 TYR 108 1086 1086 TYR TYR A . n 
A 1 109 ALA 109 1087 1087 ALA ALA A . n 
A 1 110 ILE 110 1088 1088 ILE ILE A . n 
A 1 111 ILE 111 1089 1089 ILE ILE A . n 
A 1 112 LYS 112 1090 1090 LYS LYS A . n 
A 1 113 GLU 113 1091 1091 GLU GLU A . n 
A 1 114 GLU 114 1092 1092 GLU GLU A . n 
A 1 115 LEU 115 1093 1093 LEU LEU A . n 
A 1 116 ASP 116 1094 1094 ASP ASP A . n 
A 1 117 GLU 117 1095 1095 GLU GLU A . n 
A 1 118 ASP 118 1096 1096 ASP ASP A . n 
A 1 119 PHE 119 1097 1097 PHE PHE A . n 
A 1 120 GLU 120 1098 1098 GLU GLU A . n 
A 1 121 GLN 121 1099 1099 GLN GLN A . n 
A 1 122 LEU 122 1100 1100 LEU LEU A . n 
A 1 123 CYS 123 1101 1101 CYS CYS A . n 
A 1 124 GLU 124 1102 1102 GLU GLU A . n 
A 1 125 GLU 125 1103 1103 GLU GLU A . n 
A 1 126 ILE 126 1104 1104 ILE ILE A . n 
A 1 127 GLN 127 1105 1105 GLN GLN A . n 
A 1 128 GLU 128 1106 1106 GLU GLU A . n 
A 1 129 SER 129 1107 1107 SER SER A . n 
A 1 130 ARG 130 1108 1108 ARG ARG A . n 
# 
loop_
_pdbx_nonpoly_scheme.asym_id 
_pdbx_nonpoly_scheme.entity_id 
_pdbx_nonpoly_scheme.mon_id 
_pdbx_nonpoly_scheme.ndb_seq_num 
_pdbx_nonpoly_scheme.pdb_seq_num 
_pdbx_nonpoly_scheme.auth_seq_num 
_pdbx_nonpoly_scheme.pdb_mon_id 
_pdbx_nonpoly_scheme.auth_mon_id 
_pdbx_nonpoly_scheme.pdb_strand_id 
_pdbx_nonpoly_scheme.pdb_ins_code 
B 2 RHG 1   1201 1201 RHG LIG A . 
C 2 RHG 1   1202 1301 RHG LIG A . 
D 2 RHG 1   1203 1401 RHG LIG A . 
E 3 SO4 1   1204 1    SO4 SO4 A . 
F 3 SO4 1   1205 2    SO4 SO4 A . 
G 4 EDO 1   1206 3    EDO EDO A . 
H 4 EDO 1   1207 5    EDO EDO A . 
I 4 EDO 1   1208 6    EDO EDO A . 
J 5 HOH 1   1301 184  HOH HOH A . 
J 5 HOH 2   1302 256  HOH HOH A . 
J 5 HOH 3   1303 79   HOH HOH A . 
J 5 HOH 4   1304 144  HOH HOH A . 
J 5 HOH 5   1305 192  HOH HOH A . 
J 5 HOH 6   1306 134  HOH HOH A . 
J 5 HOH 7   1307 201  HOH HOH A . 
J 5 HOH 8   1308 194  HOH HOH A . 
J 5 HOH 9   1309 68   HOH HOH A . 
J 5 HOH 10  1310 191  HOH HOH A . 
J 5 HOH 11  1311 129  HOH HOH A . 
J 5 HOH 12  1312 161  HOH HOH A . 
J 5 HOH 13  1313 118  HOH HOH A . 
J 5 HOH 14  1314 261  HOH HOH A . 
J 5 HOH 15  1315 16   HOH HOH A . 
J 5 HOH 16  1316 163  HOH HOH A . 
J 5 HOH 17  1317 106  HOH HOH A . 
J 5 HOH 18  1318 59   HOH HOH A . 
J 5 HOH 19  1319 5    HOH HOH A . 
J 5 HOH 20  1320 200  HOH HOH A . 
J 5 HOH 21  1321 87   HOH HOH A . 
J 5 HOH 22  1322 111  HOH HOH A . 
J 5 HOH 23  1323 23   HOH HOH A . 
J 5 HOH 24  1324 50   HOH HOH A . 
J 5 HOH 25  1325 13   HOH HOH A . 
J 5 HOH 26  1326 142  HOH HOH A . 
J 5 HOH 27  1327 259  HOH HOH A . 
J 5 HOH 28  1328 27   HOH HOH A . 
J 5 HOH 29  1329 77   HOH HOH A . 
J 5 HOH 30  1330 140  HOH HOH A . 
J 5 HOH 31  1331 94   HOH HOH A . 
J 5 HOH 32  1332 56   HOH HOH A . 
J 5 HOH 33  1333 28   HOH HOH A . 
J 5 HOH 34  1334 203  HOH HOH A . 
J 5 HOH 35  1335 64   HOH HOH A . 
J 5 HOH 36  1336 162  HOH HOH A . 
J 5 HOH 37  1337 9    HOH HOH A . 
J 5 HOH 38  1338 51   HOH HOH A . 
J 5 HOH 39  1339 113  HOH HOH A . 
J 5 HOH 40  1340 109  HOH HOH A . 
J 5 HOH 41  1341 160  HOH HOH A . 
J 5 HOH 42  1342 42   HOH HOH A . 
J 5 HOH 43  1343 258  HOH HOH A . 
J 5 HOH 44  1344 80   HOH HOH A . 
J 5 HOH 45  1345 165  HOH HOH A . 
J 5 HOH 46  1346 17   HOH HOH A . 
J 5 HOH 47  1347 20   HOH HOH A . 
J 5 HOH 48  1348 252  HOH HOH A . 
J 5 HOH 49  1349 75   HOH HOH A . 
J 5 HOH 50  1350 25   HOH HOH A . 
J 5 HOH 51  1351 175  HOH HOH A . 
J 5 HOH 52  1352 21   HOH HOH A . 
J 5 HOH 53  1353 47   HOH HOH A . 
J 5 HOH 54  1354 99   HOH HOH A . 
J 5 HOH 55  1355 221  HOH HOH A . 
J 5 HOH 56  1356 31   HOH HOH A . 
J 5 HOH 57  1357 34   HOH HOH A . 
J 5 HOH 58  1358 253  HOH HOH A . 
J 5 HOH 59  1359 33   HOH HOH A . 
J 5 HOH 60  1360 19   HOH HOH A . 
J 5 HOH 61  1361 189  HOH HOH A . 
J 5 HOH 62  1362 14   HOH HOH A . 
J 5 HOH 63  1363 100  HOH HOH A . 
J 5 HOH 64  1364 61   HOH HOH A . 
J 5 HOH 65  1365 139  HOH HOH A . 
J 5 HOH 66  1366 2    HOH HOH A . 
J 5 HOH 67  1367 265  HOH HOH A . 
J 5 HOH 68  1368 1    HOH HOH A . 
J 5 HOH 69  1369 22   HOH HOH A . 
J 5 HOH 70  1370 88   HOH HOH A . 
J 5 HOH 71  1371 7    HOH HOH A . 
J 5 HOH 72  1372 236  HOH HOH A . 
J 5 HOH 73  1373 132  HOH HOH A . 
J 5 HOH 74  1374 40   HOH HOH A . 
J 5 HOH 75  1375 177  HOH HOH A . 
J 5 HOH 76  1376 89   HOH HOH A . 
J 5 HOH 77  1377 29   HOH HOH A . 
J 5 HOH 78  1378 240  HOH HOH A . 
J 5 HOH 79  1379 24   HOH HOH A . 
J 5 HOH 80  1380 46   HOH HOH A . 
J 5 HOH 81  1381 131  HOH HOH A . 
J 5 HOH 82  1382 187  HOH HOH A . 
J 5 HOH 83  1383 70   HOH HOH A . 
J 5 HOH 84  1384 141  HOH HOH A . 
J 5 HOH 85  1385 30   HOH HOH A . 
J 5 HOH 86  1386 197  HOH HOH A . 
J 5 HOH 87  1387 43   HOH HOH A . 
J 5 HOH 88  1388 76   HOH HOH A . 
J 5 HOH 89  1389 6    HOH HOH A . 
J 5 HOH 90  1390 58   HOH HOH A . 
J 5 HOH 91  1391 15   HOH HOH A . 
J 5 HOH 92  1392 176  HOH HOH A . 
J 5 HOH 93  1393 48   HOH HOH A . 
J 5 HOH 94  1394 54   HOH HOH A . 
J 5 HOH 95  1395 206  HOH HOH A . 
J 5 HOH 96  1396 12   HOH HOH A . 
J 5 HOH 97  1397 95   HOH HOH A . 
J 5 HOH 98  1398 215  HOH HOH A . 
J 5 HOH 99  1399 83   HOH HOH A . 
J 5 HOH 100 1400 154  HOH HOH A . 
J 5 HOH 101 1401 85   HOH HOH A . 
J 5 HOH 102 1402 4    HOH HOH A . 
J 5 HOH 103 1403 105  HOH HOH A . 
J 5 HOH 104 1404 130  HOH HOH A . 
J 5 HOH 105 1405 216  HOH HOH A . 
J 5 HOH 106 1406 52   HOH HOH A . 
J 5 HOH 107 1407 102  HOH HOH A . 
J 5 HOH 108 1408 3    HOH HOH A . 
J 5 HOH 109 1409 147  HOH HOH A . 
J 5 HOH 110 1410 207  HOH HOH A . 
J 5 HOH 111 1411 73   HOH HOH A . 
J 5 HOH 112 1412 36   HOH HOH A . 
J 5 HOH 113 1413 247  HOH HOH A . 
J 5 HOH 114 1414 260  HOH HOH A . 
J 5 HOH 115 1415 264  HOH HOH A . 
J 5 HOH 116 1416 90   HOH HOH A . 
J 5 HOH 117 1417 78   HOH HOH A . 
J 5 HOH 118 1418 234  HOH HOH A . 
J 5 HOH 119 1419 67   HOH HOH A . 
J 5 HOH 120 1420 245  HOH HOH A . 
J 5 HOH 121 1421 101  HOH HOH A . 
J 5 HOH 122 1422 82   HOH HOH A . 
J 5 HOH 123 1423 246  HOH HOH A . 
J 5 HOH 124 1424 107  HOH HOH A . 
J 5 HOH 125 1425 145  HOH HOH A . 
J 5 HOH 126 1426 10   HOH HOH A . 
J 5 HOH 127 1427 62   HOH HOH A . 
J 5 HOH 128 1428 18   HOH HOH A . 
J 5 HOH 129 1429 97   HOH HOH A . 
J 5 HOH 130 1430 209  HOH HOH A . 
J 5 HOH 131 1431 53   HOH HOH A . 
J 5 HOH 132 1432 11   HOH HOH A . 
J 5 HOH 133 1433 124  HOH HOH A . 
J 5 HOH 134 1434 123  HOH HOH A . 
J 5 HOH 135 1435 26   HOH HOH A . 
J 5 HOH 136 1436 39   HOH HOH A . 
J 5 HOH 137 1437 180  HOH HOH A . 
J 5 HOH 138 1438 155  HOH HOH A . 
J 5 HOH 139 1439 254  HOH HOH A . 
J 5 HOH 140 1440 57   HOH HOH A . 
J 5 HOH 141 1441 179  HOH HOH A . 
J 5 HOH 142 1442 262  HOH HOH A . 
J 5 HOH 143 1443 237  HOH HOH A . 
J 5 HOH 144 1444 171  HOH HOH A . 
J 5 HOH 145 1445 199  HOH HOH A . 
J 5 HOH 146 1446 172  HOH HOH A . 
J 5 HOH 147 1447 178  HOH HOH A . 
J 5 HOH 148 1448 93   HOH HOH A . 
J 5 HOH 149 1449 96   HOH HOH A . 
J 5 HOH 150 1450 205  HOH HOH A . 
J 5 HOH 151 1451 188  HOH HOH A . 
J 5 HOH 152 1452 164  HOH HOH A . 
J 5 HOH 153 1453 181  HOH HOH A . 
J 5 HOH 154 1454 243  HOH HOH A . 
J 5 HOH 155 1455 122  HOH HOH A . 
J 5 HOH 156 1456 41   HOH HOH A . 
J 5 HOH 157 1457 114  HOH HOH A . 
J 5 HOH 158 1458 38   HOH HOH A . 
J 5 HOH 159 1459 69   HOH HOH A . 
J 5 HOH 160 1460 110  HOH HOH A . 
J 5 HOH 161 1461 81   HOH HOH A . 
J 5 HOH 162 1462 152  HOH HOH A . 
J 5 HOH 163 1463 186  HOH HOH A . 
J 5 HOH 164 1464 167  HOH HOH A . 
J 5 HOH 165 1465 66   HOH HOH A . 
J 5 HOH 166 1466 91   HOH HOH A . 
J 5 HOH 167 1467 60   HOH HOH A . 
J 5 HOH 168 1468 220  HOH HOH A . 
J 5 HOH 169 1469 150  HOH HOH A . 
J 5 HOH 170 1470 225  HOH HOH A . 
J 5 HOH 171 1471 159  HOH HOH A . 
J 5 HOH 172 1472 217  HOH HOH A . 
J 5 HOH 173 1473 224  HOH HOH A . 
J 5 HOH 174 1474 37   HOH HOH A . 
J 5 HOH 175 1475 151  HOH HOH A . 
J 5 HOH 176 1476 146  HOH HOH A . 
J 5 HOH 177 1477 157  HOH HOH A . 
J 5 HOH 178 1478 119  HOH HOH A . 
J 5 HOH 179 1479 112  HOH HOH A . 
J 5 HOH 180 1480 250  HOH HOH A . 
J 5 HOH 181 1481 174  HOH HOH A . 
J 5 HOH 182 1482 8    HOH HOH A . 
J 5 HOH 183 1483 103  HOH HOH A . 
J 5 HOH 184 1484 125  HOH HOH A . 
J 5 HOH 185 1485 233  HOH HOH A . 
J 5 HOH 186 1486 84   HOH HOH A . 
J 5 HOH 187 1487 183  HOH HOH A . 
J 5 HOH 188 1488 248  HOH HOH A . 
J 5 HOH 189 1489 71   HOH HOH A . 
J 5 HOH 190 1490 44   HOH HOH A . 
J 5 HOH 191 1491 74   HOH HOH A . 
J 5 HOH 192 1492 127  HOH HOH A . 
J 5 HOH 193 1493 137  HOH HOH A . 
J 5 HOH 194 1494 244  HOH HOH A . 
J 5 HOH 195 1495 63   HOH HOH A . 
J 5 HOH 196 1496 149  HOH HOH A . 
J 5 HOH 197 1497 263  HOH HOH A . 
J 5 HOH 198 1498 185  HOH HOH A . 
J 5 HOH 199 1499 35   HOH HOH A . 
J 5 HOH 200 1500 148  HOH HOH A . 
J 5 HOH 201 1501 211  HOH HOH A . 
J 5 HOH 202 1502 168  HOH HOH A . 
J 5 HOH 203 1503 249  HOH HOH A . 
J 5 HOH 204 1504 257  HOH HOH A . 
J 5 HOH 205 1505 255  HOH HOH A . 
J 5 HOH 206 1506 202  HOH HOH A . 
J 5 HOH 207 1507 219  HOH HOH A . 
J 5 HOH 208 1508 213  HOH HOH A . 
J 5 HOH 209 1509 196  HOH HOH A . 
J 5 HOH 210 1510 121  HOH HOH A . 
J 5 HOH 211 1511 136  HOH HOH A . 
J 5 HOH 212 1512 214  HOH HOH A . 
# 
loop_
_pdbx_unobs_or_zero_occ_atoms.id 
_pdbx_unobs_or_zero_occ_atoms.PDB_model_num 
_pdbx_unobs_or_zero_occ_atoms.polymer_flag 
_pdbx_unobs_or_zero_occ_atoms.occupancy_flag 
_pdbx_unobs_or_zero_occ_atoms.auth_asym_id 
_pdbx_unobs_or_zero_occ_atoms.auth_comp_id 
_pdbx_unobs_or_zero_occ_atoms.auth_seq_id 
_pdbx_unobs_or_zero_occ_atoms.PDB_ins_code 
_pdbx_unobs_or_zero_occ_atoms.auth_atom_id 
_pdbx_unobs_or_zero_occ_atoms.label_alt_id 
_pdbx_unobs_or_zero_occ_atoms.label_asym_id 
_pdbx_unobs_or_zero_occ_atoms.label_comp_id 
_pdbx_unobs_or_zero_occ_atoms.label_seq_id 
_pdbx_unobs_or_zero_occ_atoms.label_atom_id 
1 1 Y 1 A LYS 1004 ? CG ? A LYS 26 CG 
2 1 Y 1 A LYS 1004 ? CD ? A LYS 26 CD 
3 1 Y 1 A LYS 1004 ? CE ? A LYS 26 CE 
4 1 Y 1 A LYS 1004 ? NZ ? A LYS 26 NZ 
# 
loop_
_software.pdbx_ordinal 
_software.name 
_software.version 
_software.date 
_software.type 
_software.contact_author 
_software.contact_author_email 
_software.classification 
_software.location 
_software.language 
_software.citation_id 
1 REFMAC      5.8.0238 ?               program 'Garib N. Murshudov' garib@ysbl.york.ac.uk    refinement        
http://www.ccp4.ac.uk/dist/html/refmac5.html        Fortran_77 ? 
2 Aimless     0.5.23   02/02/16        program 'Phil Evans'         ?                        'data scaling'    
http://www.mrc-lmb.cam.ac.uk/harry/pre/aimless.html ?          ? 
3 PDB_EXTRACT 3.23     'SEP. 23, 2016' package PDB                  deposit@deposit.rcsb.org 'data extraction' 
http://sw-tools.pdb.org/apps/PDB_EXTRACT/           C++        ? 
4 XDS         .        ?               program ?                    ?                        'data reduction'  ? ?          ? 
5 REFMAC      .        ?               program ?                    ?                        phasing           ? ?          ? 
# 
_cell.entry_id           5QXN 
_cell.length_a           80.340 
_cell.length_b           80.340 
_cell.length_c           139.990 
_cell.angle_alpha        90.000 
_cell.angle_beta         90.000 
_cell.angle_gamma        120.000 
_cell.Z_PDB              12 
_cell.pdbx_unique_axis   ? 
# 
_symmetry.entry_id                         5QXN 
_symmetry.Int_Tables_number                179 
_symmetry.space_group_name_H-M             'P 65 2 2' 
_symmetry.pdbx_full_space_group_name_H-M   ? 
_symmetry.cell_setting                     ? 
# 
_exptl.crystals_number   1 
_exptl.entry_id          5QXN 
_exptl.method            'X-RAY DIFFRACTION' 
# 
_exptl_crystal.id                    1 
_exptl_crystal.pdbx_mosaicity        0.000 
_exptl_crystal.pdbx_mosaicity_esd    ? 
_exptl_crystal.density_Matthews      4.2 
_exptl_crystal.density_diffrn        ? 
_exptl_crystal.density_meas          ? 
_exptl_crystal.density_meas_temp     ? 
_exptl_crystal.density_percent_sol   70.7 
_exptl_crystal.size_max              ? 
_exptl_crystal.size_mid              ? 
_exptl_crystal.size_min              ? 
_exptl_crystal.size_rad              ? 
_exptl_crystal.description           ? 
# 
_exptl_crystal_grow.crystal_id      1 
_exptl_crystal_grow.method          'VAPOR DIFFUSION, SITTING DROP' 
_exptl_crystal_grow.pH              5.5 
_exptl_crystal_grow.temp            277 
_exptl_crystal_grow.pdbx_details    '1.6M Ammonium Sulfate, 0.1M bis-tris pH 5.5' 
_exptl_crystal_grow.temp_details    ? 
_exptl_crystal_grow.pdbx_pH_range   ? 
# 
_diffrn.id                     1 
_diffrn.ambient_temp           100 
_diffrn.crystal_id             1 
_diffrn.ambient_temp_details   ? 
# 
_diffrn_detector.detector               PIXEL 
_diffrn_detector.type                   'DECTRIS PILATUS 6M' 
_diffrn_detector.pdbx_collection_date   2016-04-23 
_diffrn_detector.diffrn_id              1 
_diffrn_detector.details                ? 
# 
_diffrn_radiation.diffrn_id                        1 
_diffrn_radiation.wavelength_id                    1 
_diffrn_radiation.pdbx_diffrn_protocol             'SINGLE WAVELENGTH' 
_diffrn_radiation.pdbx_monochromatic_or_laue_m_l   ? 
_diffrn_radiation.monochromator                    ? 
_diffrn_radiation.pdbx_scattering_type             x-ray 
# 
_diffrn_radiation_wavelength.id           1 
_diffrn_radiation_wavelength.wavelength   0.92819 
_diffrn_radiation_wavelength.wt           1.0 
# 
_diffrn_source.diffrn_id                   1 
_diffrn_source.source                      SYNCHROTRON 
_diffrn_source.type                        'DIAMOND BEAMLINE I04-1' 
_diffrn_source.pdbx_wavelength_list        0.92819 
_diffrn_source.pdbx_synchrotron_site       Diamond 
_diffrn_source.pdbx_synchrotron_beamline   I04-1 
_diffrn_source.pdbx_wavelength             ? 
# 
_reflns.entry_id                     5QXN 
_reflns.pdbx_diffrn_id               1 
_reflns.pdbx_ordinal                 1 
_reflns.observed_criterion_sigma_I   ? 
_reflns.observed_criterion_sigma_F   ? 
_reflns.d_resolution_low             70.000 
_reflns.d_resolution_high            1.410 
_reflns.number_obs                   52166 
_reflns.number_all                   ? 
_reflns.percent_possible_obs         100.000 
_reflns.pdbx_Rmerge_I_obs            0.091 
_reflns.pdbx_Rsym_value              ? 
_reflns.pdbx_netI_over_sigmaI        21.900 
_reflns.B_iso_Wilson_estimate        ? 
_reflns.pdbx_redundancy              18.900 
_reflns.pdbx_Rrim_I_all              0.094 
_reflns.pdbx_Rpim_I_all              0.021 
_reflns.pdbx_CC_half                 1.000 
_reflns.pdbx_netI_over_av_sigmaI     ? 
_reflns.pdbx_number_measured_all     983503 
_reflns.pdbx_scaling_rejects         0 
_reflns.pdbx_chi_squared             ? 
_reflns.Rmerge_F_all                 ? 
_reflns.Rmerge_F_obs                 ? 
_reflns.observed_criterion_F_max     ? 
_reflns.observed_criterion_F_min     ? 
_reflns.observed_criterion_I_max     ? 
_reflns.observed_criterion_I_min     ? 
_reflns.pdbx_d_res_high_opt          ? 
_reflns.pdbx_d_res_low_opt           ? 
_reflns.details                      ? 
# 
loop_
_reflns_shell.pdbx_diffrn_id 
_reflns_shell.pdbx_ordinal 
_reflns_shell.d_res_high 
_reflns_shell.d_res_low 
_reflns_shell.number_measured_obs 
_reflns_shell.number_measured_all 
_reflns_shell.number_unique_obs 
_reflns_shell.pdbx_rejects 
_reflns_shell.Rmerge_I_obs 
_reflns_shell.meanI_over_sigI_obs 
_reflns_shell.pdbx_Rsym_value 
_reflns_shell.pdbx_chi_squared 
_reflns_shell.pdbx_redundancy 
_reflns_shell.percent_possible_obs 
_reflns_shell.pdbx_netI_over_sigmaI_obs 
_reflns_shell.number_possible 
_reflns_shell.number_unique_all 
_reflns_shell.Rmerge_F_all 
_reflns_shell.Rmerge_F_obs 
_reflns_shell.Rmerge_I_all 
_reflns_shell.meanI_over_sigI_all 
_reflns_shell.percent_possible_all 
_reflns_shell.pdbx_Rrim_I_all 
_reflns_shell.pdbx_Rpim_I_all 
_reflns_shell.pdbx_CC_half 
1 1 1.410 1.450  ? 60683 ? ? 2.259 ? ? ? 16.100 ? 1.400  ? 3772 ? ? ? ? 100.000 2.333 0.579 0.504 
1 2 6.310 70.000 ? 12307 ? ? 0.022 ? ? ? 16.900 ? 93.500 ? 727  ? ? ? ? 99.900  0.023 0.005 1.000 
# 
_refine.entry_id                                 5QXN 
_refine.pdbx_refine_id                           'X-RAY DIFFRACTION' 
_refine.ls_d_res_high                            1.4100 
_refine.ls_d_res_low                             69.5800 
_refine.pdbx_ls_sigma_F                          0.000 
_refine.pdbx_data_cutoff_high_absF               ? 
_refine.pdbx_data_cutoff_low_absF                ? 
_refine.ls_percent_reflns_obs                    99.9600 
_refine.ls_number_reflns_obs                     49449 
_refine.ls_number_reflns_all                     ? 
_refine.pdbx_ls_cross_valid_method               THROUGHOUT 
_refine.ls_matrix_type                           ? 
_refine.pdbx_R_Free_selection_details            RANDOM 
_refine.details                                  
'HYDROGENS HAVE BEEN ADDED IN THE RIDING POSITIONS U VALUES      : REFINED INDIVIDUALLY' 
_refine.ls_R_factor_all                          ? 
_refine.ls_R_factor_obs                          0.1752 
_refine.ls_R_factor_R_work                       0.1744 
_refine.ls_wR_factor_R_work                      ? 
_refine.ls_R_factor_R_free                       0.1903 
_refine.ls_wR_factor_R_free                      ? 
_refine.ls_percent_reflns_R_free                 5.1000 
_refine.ls_number_reflns_R_free                  2640 
_refine.ls_number_reflns_R_work                  ? 
_refine.ls_R_factor_R_free_error                 ? 
_refine.B_iso_mean                               23.6970 
_refine.solvent_model_param_bsol                 ? 
_refine.solvent_model_param_ksol                 ? 
_refine.pdbx_isotropic_thermal_model             ? 
_refine.aniso_B[1][1]                            -0.0500 
_refine.aniso_B[2][2]                            -0.0500 
_refine.aniso_B[3][3]                            0.1600 
_refine.aniso_B[1][2]                            -0.0200 
_refine.aniso_B[1][3]                            -0.0000 
_refine.aniso_B[2][3]                            0.0000 
_refine.correlation_coeff_Fo_to_Fc               0.9670 
_refine.correlation_coeff_Fo_to_Fc_free          0.9440 
_refine.overall_SU_R_Cruickshank_DPI             ? 
_refine.pdbx_overall_SU_R_free_Cruickshank_DPI   ? 
_refine.pdbx_overall_SU_R_Blow_DPI               ? 
_refine.pdbx_overall_SU_R_free_Blow_DPI          ? 
_refine.overall_SU_R_free                        ? 
_refine.pdbx_overall_ESU_R                       0.0620 
_refine.pdbx_overall_ESU_R_Free                  0.0610 
_refine.overall_SU_ML                            0.0430 
_refine.overall_SU_B                             1.1240 
_refine.solvent_model_details                    MASK 
_refine.pdbx_solvent_vdw_probe_radii             1.2000 
_refine.pdbx_solvent_ion_probe_radii             0.8000 
_refine.pdbx_solvent_shrinkage_radii             0.8000 
_refine.ls_number_parameters                     ? 
_refine.ls_number_restraints                     ? 
_refine.pdbx_starting_model                      3DAI 
_refine.pdbx_method_to_determine_struct          'FOURIER SYNTHESIS' 
_refine.pdbx_stereochemistry_target_values       'MAXIMUM LIKELIHOOD' 
_refine.pdbx_stereochem_target_val_spec_case     ? 
_refine.overall_FOM_work_R_set                   ? 
_refine.B_iso_max                                106.630 
_refine.B_iso_min                                10.200 
_refine.pdbx_overall_phase_error                 ? 
_refine.occupancy_max                            ? 
_refine.occupancy_min                            ? 
_refine.pdbx_diffrn_id                           1 
_refine.pdbx_TLS_residual_ADP_flag               ? 
_refine.pdbx_ls_sigma_I                          ? 
_refine.pdbx_data_cutoff_high_rms_absF           ? 
_refine.ls_R_factor_R_free_error_details         ? 
# 
_refine_hist.cycle_id                         final 
_refine_hist.pdbx_refine_id                   'X-RAY DIFFRACTION' 
_refine_hist.d_res_high                       1.4100 
_refine_hist.d_res_low                        69.5800 
_refine_hist.pdbx_number_atoms_ligand         79 
_refine_hist.number_atoms_solvent             212 
_refine_hist.number_atoms_total               1375 
_refine_hist.pdbx_number_residues_total       130 
_refine_hist.pdbx_B_iso_mean_ligand           43.62 
_refine_hist.pdbx_B_iso_mean_solvent          35.43 
_refine_hist.pdbx_number_atoms_protein        1084 
_refine_hist.pdbx_number_atoms_nucleic_acid   0 
# 
loop_
_refine_ls_restr.pdbx_refine_id 
_refine_ls_restr.type 
_refine_ls_restr.number 
_refine_ls_restr.dev_ideal 
_refine_ls_restr.dev_ideal_target 
_refine_ls_restr.weight 
_refine_ls_restr.pdbx_restraint_function 
'X-RAY DIFFRACTION' r_bond_refined_d       3620 0.012  0.016  ? ? 
'X-RAY DIFFRACTION' r_bond_other_d         1902 0.017  0.017  ? ? 
'X-RAY DIFFRACTION' r_angle_refined_deg    3212 1.992  1.795  ? ? 
'X-RAY DIFFRACTION' r_angle_other_deg      4507 1.925  1.692  ? ? 
'X-RAY DIFFRACTION' r_dihedral_angle_1_deg 289  5.176  5.000  ? ? 
'X-RAY DIFFRACTION' r_dihedral_angle_2_deg 141  32.745 21.206 ? ? 
'X-RAY DIFFRACTION' r_dihedral_angle_3_deg 341  13.904 15.000 ? ? 
'X-RAY DIFFRACTION' r_dihedral_angle_4_deg 24   16.612 15.000 ? ? 
'X-RAY DIFFRACTION' r_chiral_restr         283  0.098  0.200  ? ? 
'X-RAY DIFFRACTION' r_gen_planes_refined   2654 0.009  0.020  ? ? 
'X-RAY DIFFRACTION' r_gen_planes_other     494  0.009  0.020  ? ? 
'X-RAY DIFFRACTION' r_mcbond_it            1584 1.473  2.024  ? ? 
'X-RAY DIFFRACTION' r_mcbond_other         1447 1.533  1.897  ? ? 
'X-RAY DIFFRACTION' r_mcangle_it           1317 2.895  2.802  ? ? 
# 
_refine_ls_shell.d_res_high                       1.4100 
_refine_ls_shell.d_res_low                        1.4470 
_refine_ls_shell.pdbx_total_number_of_bins_used   20 
_refine_ls_shell.percent_reflns_obs               99.8900 
_refine_ls_shell.number_reflns_R_work             3582 
_refine_ls_shell.R_factor_all                     ? 
_refine_ls_shell.R_factor_R_work                  0.3070 
_refine_ls_shell.R_factor_R_free                  0.3140 
_refine_ls_shell.percent_reflns_R_free            ? 
_refine_ls_shell.number_reflns_R_free             179 
_refine_ls_shell.R_factor_R_free_error            ? 
_refine_ls_shell.number_reflns_all                3761 
_refine_ls_shell.number_reflns_obs                ? 
_refine_ls_shell.pdbx_refine_id                   'X-RAY DIFFRACTION' 
# 
_struct.entry_id                  5QXN 
_struct.title                     'PanDDA analysis group deposition -- Crystal Structure of ATAD2 in complex with DF826' 
_struct.pdbx_model_details        ? 
_struct.pdbx_CASP_flag            ? 
_struct.pdbx_model_type_details   ? 
# 
_struct_keywords.entry_id        5QXN 
_struct_keywords.text            
'SGC - Diamond I04-1 fragment screening, PanDDA, XChemExplorer, HYDROLASE-HYDROLASE INHIBITOR complex' 
_struct_keywords.pdbx_keywords   'HYDROLASE/HYDROLASE INHIBITOR' 
# 
loop_
_struct_asym.id 
_struct_asym.pdbx_blank_PDB_chainid_flag 
_struct_asym.pdbx_modified 
_struct_asym.entity_id 
_struct_asym.details 
A N N 1 ? 
B N N 2 ? 
C N N 2 ? 
D N N 2 ? 
E N N 3 ? 
F N N 3 ? 
G N N 4 ? 
H N N 4 ? 
I N N 4 ? 
J N N 5 ? 
# 
_struct_ref.id                         1 
_struct_ref.db_name                    UNP 
_struct_ref.db_code                    ATAD2_HUMAN 
_struct_ref.pdbx_db_accession          Q6PL18 
_struct_ref.pdbx_db_isoform            ? 
_struct_ref.entity_id                  1 
_struct_ref.pdbx_seq_one_letter_code   
;QEEDTFRELRIFLRNVTHRLAIDKRFRVFTKPVDPDEVPDYVTVIKQPMDLSSVISKIDLHKYLTVKDYLRDIDLICSNA
LEYNPDRDPGDRLIRHRACALRDTAYAIIKEELDEDFEQLCEEIQESR
;
_struct_ref.pdbx_align_begin           981 
# 
_struct_ref_seq.align_id                      1 
_struct_ref_seq.ref_id                        1 
_struct_ref_seq.pdbx_PDB_id_code              5QXN 
_struct_ref_seq.pdbx_strand_id                A 
_struct_ref_seq.seq_align_beg                 3 
_struct_ref_seq.pdbx_seq_align_beg_ins_code   ? 
_struct_ref_seq.seq_align_end                 130 
_struct_ref_seq.pdbx_seq_align_end_ins_code   ? 
_struct_ref_seq.pdbx_db_accession             Q6PL18 
_struct_ref_seq.db_align_beg                  981 
_struct_ref_seq.pdbx_db_align_beg_ins_code    ? 
_struct_ref_seq.db_align_end                  1108 
_struct_ref_seq.pdbx_db_align_end_ins_code    ? 
_struct_ref_seq.pdbx_auth_seq_align_beg       981 
_struct_ref_seq.pdbx_auth_seq_align_end       1108 
# 
loop_
_struct_ref_seq_dif.align_id 
_struct_ref_seq_dif.pdbx_pdb_id_code 
_struct_ref_seq_dif.mon_id 
_struct_ref_seq_dif.pdbx_pdb_strand_id 
_struct_ref_seq_dif.seq_num 
_struct_ref_seq_dif.pdbx_pdb_ins_code 
_struct_ref_seq_dif.pdbx_seq_db_name 
_struct_ref_seq_dif.pdbx_seq_db_accession_code 
_struct_ref_seq_dif.db_mon_id 
_struct_ref_seq_dif.pdbx_seq_db_seq_num 
_struct_ref_seq_dif.details 
_struct_ref_seq_dif.pdbx_auth_seq_num 
_struct_ref_seq_dif.pdbx_ordinal 
1 5QXN SER A 1  ? UNP Q6PL18 ?   ?    'expression tag' 979  1 
1 5QXN MET A 2  ? UNP Q6PL18 ?   ?    'expression tag' 980  2 
1 5QXN ARG A 44 ? UNP Q6PL18 VAL 1022 conflict         1022 3 
1 5QXN GLU A 49 ? UNP Q6PL18 GLN 1027 conflict         1027 4 
# 
_pdbx_struct_assembly.id                   1 
_pdbx_struct_assembly.details              author_and_software_defined_assembly 
_pdbx_struct_assembly.method_details       PISA 
_pdbx_struct_assembly.oligomeric_details   monomeric 
_pdbx_struct_assembly.oligomeric_count     1 
# 
_pdbx_struct_assembly_gen.assembly_id       1 
_pdbx_struct_assembly_gen.oper_expression   1 
_pdbx_struct_assembly_gen.asym_id_list      A,B,C,D,E,F,G,H,I,J 
# 
_pdbx_struct_oper_list.id                   1 
_pdbx_struct_oper_list.type                 'identity operation' 
_pdbx_struct_oper_list.name                 1_555 
_pdbx_struct_oper_list.symmetry_operation   x,y,z 
_pdbx_struct_oper_list.matrix[1][1]         1.0000000000 
_pdbx_struct_oper_list.matrix[1][2]         0.0000000000 
_pdbx_struct_oper_list.matrix[1][3]         0.0000000000 
_pdbx_struct_oper_list.vector[1]            0.0000000000 
_pdbx_struct_oper_list.matrix[2][1]         0.0000000000 
_pdbx_struct_oper_list.matrix[2][2]         1.0000000000 
_pdbx_struct_oper_list.matrix[2][3]         0.0000000000 
_pdbx_struct_oper_list.vector[2]            0.0000000000 
_pdbx_struct_oper_list.matrix[3][1]         0.0000000000 
_pdbx_struct_oper_list.matrix[3][2]         0.0000000000 
_pdbx_struct_oper_list.matrix[3][3]         1.0000000000 
_pdbx_struct_oper_list.vector[3]            0.0000000000 
# 
loop_
_struct_conf.conf_type_id 
_struct_conf.id 
_struct_conf.pdbx_PDB_helix_id 
_struct_conf.beg_label_comp_id 
_struct_conf.beg_label_asym_id 
_struct_conf.beg_label_seq_id 
_struct_conf.pdbx_beg_PDB_ins_code 
_struct_conf.end_label_comp_id 
_struct_conf.end_label_asym_id 
_struct_conf.end_label_seq_id 
_struct_conf.pdbx_end_PDB_ins_code 
_struct_conf.beg_auth_comp_id 
_struct_conf.beg_auth_asym_id 
_struct_conf.beg_auth_seq_id 
_struct_conf.end_auth_comp_id 
_struct_conf.end_auth_asym_id 
_struct_conf.end_auth_seq_id 
_struct_conf.pdbx_PDB_helix_class 
_struct_conf.details 
_struct_conf.pdbx_PDB_helix_length 
HELX_P HELX_P1 AA1 SER A 1   ? ILE A 24  ? SER A 979  ILE A 1002 1 ? 24 
HELX_P HELX_P2 AA2 ASP A 25  ? THR A 32  ? ASP A 1003 THR A 1010 5 ? 8  
HELX_P HELX_P3 AA3 ASP A 42  ? ILE A 47  ? ASP A 1020 ILE A 1025 1 ? 6  
HELX_P HELX_P4 AA4 ASP A 52  ? LEU A 62  ? ASP A 1030 LEU A 1040 1 ? 11 
HELX_P HELX_P5 AA5 THR A 67  ? ASN A 86  ? THR A 1045 ASN A 1064 1 ? 20 
HELX_P HELX_P6 AA6 ASP A 90  ? LEU A 115 ? ASP A 1068 LEU A 1093 1 ? 26 
HELX_P HELX_P7 AA7 ASP A 116 ? SER A 129 ? ASP A 1094 SER A 1107 1 ? 14 
# 
_struct_conf_type.id          HELX_P 
_struct_conf_type.criteria    ? 
_struct_conf_type.reference   ? 
# 
loop_
_struct_site.id 
_struct_site.pdbx_evidence_code 
_struct_site.pdbx_auth_asym_id 
_struct_site.pdbx_auth_comp_id 
_struct_site.pdbx_auth_seq_id 
_struct_site.pdbx_auth_ins_code 
_struct_site.pdbx_num_residues 
_struct_site.details 
AC1 Software A RHG 1201 ? 9 'binding site for residue RHG A 1201' 
AC2 Software A RHG 1202 ? 6 'binding site for residue RHG A 1202' 
AC3 Software A RHG 1203 ? 9 'binding site for residue RHG A 1203' 
AC4 Software A SO4 1204 ? 8 'binding site for residue SO4 A 1204' 
AC5 Software A SO4 1205 ? 8 'binding site for residue SO4 A 1205' 
AC6 Software A EDO 1206 ? 5 'binding site for residue EDO A 1206' 
AC7 Software A EDO 1207 ? 6 'binding site for residue EDO A 1207' 
AC8 Software A EDO 1208 ? 4 'binding site for residue EDO A 1208' 
# 
loop_
_struct_site_gen.id 
_struct_site_gen.site_id 
_struct_site_gen.pdbx_num_res 
_struct_site_gen.label_comp_id 
_struct_site_gen.label_asym_id 
_struct_site_gen.label_seq_id 
_struct_site_gen.pdbx_auth_ins_code 
_struct_site_gen.auth_comp_id 
_struct_site_gen.auth_asym_id 
_struct_site_gen.auth_seq_id 
_struct_site_gen.label_atom_id 
_struct_site_gen.label_alt_id 
_struct_site_gen.symmetry 
_struct_site_gen.details 
1  AC1 9 VAL A 68  ? VAL A 1046 . ? 1_555  ? 
2  AC1 9 LYS A 69  ? LYS A 1047 . ? 1_555  ? 
3  AC1 9 ILE A 111 ? ILE A 1089 . ? 1_555  ? 
4  AC1 9 LEU A 115 ? LEU A 1093 . ? 1_555  ? 
5  AC1 9 GLU A 120 ? GLU A 1098 . ? 1_555  ? 
6  AC1 9 GLU A 124 ? GLU A 1102 . ? 1_555  ? 
7  AC1 9 HOH J .   ? HOH A 1401 . ? 1_555  ? 
8  AC1 9 HOH J .   ? HOH A 1468 . ? 1_555  ? 
9  AC1 9 HOH J .   ? HOH A 1476 . ? 1_555  ? 
10 AC2 6 ALA A 23  ? ALA A 1001 . ? 1_555  ? 
11 AC2 6 THR A 32  ? THR A 1010 . ? 1_555  ? 
12 AC2 6 LEU A 53  ? LEU A 1031 . ? 1_555  ? 
13 AC2 6 SER A 54  ? SER A 1032 . ? 1_555  ? 
14 AC2 6 ILE A 57  ? ILE A 1035 . ? 1_555  ? 
15 AC2 6 HOH J .   ? HOH A 1444 . ? 1_555  ? 
16 AC3 9 THR A 45  ? THR A 1023 . ? 7_554  ? 
17 AC3 9 VAL A 46  ? VAL A 1024 . ? 1_555  ? 
18 AC3 9 VAL A 46  ? VAL A 1024 . ? 7_554  ? 
19 AC3 9 GLU A 84  ? GLU A 1062 . ? 1_555  ? 
20 AC3 9 TYR A 85  ? TYR A 1063 . ? 1_555  ? 
21 AC3 9 PRO A 87  ? PRO A 1065 . ? 1_555  ? 
22 AC3 9 ASP A 93  ? ASP A 1071 . ? 1_555  ? 
23 AC3 9 HOH J .   ? HOH A 1327 . ? 1_555  ? 
24 AC3 9 HOH J .   ? HOH A 1414 . ? 1_555  ? 
25 AC4 8 ARG A 9   ? ARG A 987  . ? 6_654  ? 
26 AC4 8 ARG A 12  ? ARG A 990  . ? 6_654  ? 
27 AC4 8 ARG A 16  ? ARG A 994  . ? 6_654  ? 
28 AC4 8 ARG A 89  ? ARG A 1067 . ? 1_555  ? 
29 AC4 8 ARG A 94  ? ARG A 1072 . ? 1_555  ? 
30 AC4 8 HOH J .   ? HOH A 1302 . ? 1_555  ? 
31 AC4 8 HOH J .   ? HOH A 1395 . ? 1_555  ? 
32 AC4 8 HOH J .   ? HOH A 1404 . ? 1_555  ? 
33 AC5 8 LYS A 64  ? LYS A 1042 . ? 12_564 ? 
34 AC5 8 LYS A 64  ? LYS A 1042 . ? 1_555  ? 
35 AC5 8 HOH J .   ? HOH A 1326 . ? 12_564 ? 
36 AC5 8 HOH J .   ? HOH A 1326 . ? 1_555  ? 
37 AC5 8 HOH J .   ? HOH A 1357 . ? 12_564 ? 
38 AC5 8 HOH J .   ? HOH A 1357 . ? 1_555  ? 
39 AC5 8 HOH J .   ? HOH A 1373 . ? 1_555  ? 
40 AC5 8 HOH J .   ? HOH A 1373 . ? 12_564 ? 
41 AC6 5 GLU A 10  ? GLU A 988  . ? 1_555  ? 
42 AC6 5 ASP A 116 ? ASP A 1094 . ? 1_555  ? 
43 AC6 5 PHE A 119 ? PHE A 1097 . ? 1_555  ? 
44 AC6 5 HOH J .   ? HOH A 1366 . ? 1_555  ? 
45 AC6 5 HOH J .   ? HOH A 1413 . ? 1_555  ? 
46 AC7 6 HIS A 20  ? HIS A 998  . ? 10_665 ? 
47 AC7 6 GLU A 113 ? GLU A 1091 . ? 1_555  ? 
48 AC7 6 GLU A 114 ? GLU A 1092 . ? 1_555  ? 
49 AC7 6 LEU A 115 ? LEU A 1093 . ? 1_555  ? 
50 AC7 6 ASP A 116 ? ASP A 1094 . ? 1_555  ? 
51 AC7 6 HOH J .   ? HOH A 1415 . ? 1_555  ? 
52 AC8 4 PRO A 50  ? PRO A 1028 . ? 12_564 ? 
53 AC8 4 HOH J .   ? HOH A 1323 . ? 1_555  ? 
54 AC8 4 HOH J .   ? HOH A 1388 . ? 1_555  ? 
55 AC8 4 HOH J .   ? HOH A 1425 . ? 1_555  ? 
# 
loop_
_pdbx_validate_close_contact.id 
_pdbx_validate_close_contact.PDB_model_num 
_pdbx_validate_close_contact.auth_atom_id_1 
_pdbx_validate_close_contact.auth_asym_id_1 
_pdbx_validate_close_contact.auth_comp_id_1 
_pdbx_validate_close_contact.auth_seq_id_1 
_pdbx_validate_close_contact.PDB_ins_code_1 
_pdbx_validate_close_contact.label_alt_id_1 
_pdbx_validate_close_contact.auth_atom_id_2 
_pdbx_validate_close_contact.auth_asym_id_2 
_pdbx_validate_close_contact.auth_comp_id_2 
_pdbx_validate_close_contact.auth_seq_id_2 
_pdbx_validate_close_contact.PDB_ins_code_2 
_pdbx_validate_close_contact.label_alt_id_2 
_pdbx_validate_close_contact.dist 
1 1 CD2 A HIS 998  ? ? O A HOH 1305 ? ? 2.00 
2 1 O   A HOH 1421 ? ? O A HOH 1470 ? ? 2.12 
# 
_pdbx_validate_symm_contact.id                1 
_pdbx_validate_symm_contact.PDB_model_num     1 
_pdbx_validate_symm_contact.auth_atom_id_1    O 
_pdbx_validate_symm_contact.auth_asym_id_1    A 
_pdbx_validate_symm_contact.auth_comp_id_1    HOH 
_pdbx_validate_symm_contact.auth_seq_id_1     1441 
_pdbx_validate_symm_contact.PDB_ins_code_1    ? 
_pdbx_validate_symm_contact.label_alt_id_1    ? 
_pdbx_validate_symm_contact.site_symmetry_1   1_555 
_pdbx_validate_symm_contact.auth_atom_id_2    O 
_pdbx_validate_symm_contact.auth_asym_id_2    A 
_pdbx_validate_symm_contact.auth_comp_id_2    HOH 
_pdbx_validate_symm_contact.auth_seq_id_2     1441 
_pdbx_validate_symm_contact.PDB_ins_code_2    ? 
_pdbx_validate_symm_contact.label_alt_id_2    ? 
_pdbx_validate_symm_contact.site_symmetry_2   10_665 
_pdbx_validate_symm_contact.dist              2.12 
# 
_pdbx_validate_rmsd_bond.id                        1 
_pdbx_validate_rmsd_bond.PDB_model_num             1 
_pdbx_validate_rmsd_bond.auth_atom_id_1            CD 
_pdbx_validate_rmsd_bond.auth_asym_id_1            A 
_pdbx_validate_rmsd_bond.auth_comp_id_1            GLU 
_pdbx_validate_rmsd_bond.auth_seq_id_1             1102 
_pdbx_validate_rmsd_bond.PDB_ins_code_1            ? 
_pdbx_validate_rmsd_bond.label_alt_id_1            ? 
_pdbx_validate_rmsd_bond.auth_atom_id_2            OE2 
_pdbx_validate_rmsd_bond.auth_asym_id_2            A 
_pdbx_validate_rmsd_bond.auth_comp_id_2            GLU 
_pdbx_validate_rmsd_bond.auth_seq_id_2             1102 
_pdbx_validate_rmsd_bond.PDB_ins_code_2            ? 
_pdbx_validate_rmsd_bond.label_alt_id_2            ? 
_pdbx_validate_rmsd_bond.bond_value                1.343 
_pdbx_validate_rmsd_bond.bond_target_value         1.252 
_pdbx_validate_rmsd_bond.bond_deviation            0.091 
_pdbx_validate_rmsd_bond.bond_standard_deviation   0.011 
_pdbx_validate_rmsd_bond.linker_flag               N 
# 
loop_
_pdbx_validate_rmsd_angle.id 
_pdbx_validate_rmsd_angle.PDB_model_num 
_pdbx_validate_rmsd_angle.auth_atom_id_1 
_pdbx_validate_rmsd_angle.auth_asym_id_1 
_pdbx_validate_rmsd_angle.auth_comp_id_1 
_pdbx_validate_rmsd_angle.auth_seq_id_1 
_pdbx_validate_rmsd_angle.PDB_ins_code_1 
_pdbx_validate_rmsd_angle.label_alt_id_1 
_pdbx_validate_rmsd_angle.auth_atom_id_2 
_pdbx_validate_rmsd_angle.auth_asym_id_2 
_pdbx_validate_rmsd_angle.auth_comp_id_2 
_pdbx_validate_rmsd_angle.auth_seq_id_2 
_pdbx_validate_rmsd_angle.PDB_ins_code_2 
_pdbx_validate_rmsd_angle.label_alt_id_2 
_pdbx_validate_rmsd_angle.auth_atom_id_3 
_pdbx_validate_rmsd_angle.auth_asym_id_3 
_pdbx_validate_rmsd_angle.auth_comp_id_3 
_pdbx_validate_rmsd_angle.auth_seq_id_3 
_pdbx_validate_rmsd_angle.PDB_ins_code_3 
_pdbx_validate_rmsd_angle.label_alt_id_3 
_pdbx_validate_rmsd_angle.angle_value 
_pdbx_validate_rmsd_angle.angle_target_value 
_pdbx_validate_rmsd_angle.angle_deviation 
_pdbx_validate_rmsd_angle.angle_standard_deviation 
_pdbx_validate_rmsd_angle.linker_flag 
1 1 NE A ARG 987  ? B CZ A ARG 987  ? B NH1 A ARG 987  ? B 115.94 120.30 -4.36 0.50 N 
2 1 NE A ARG 987  ? C CZ A ARG 987  ? C NH1 A ARG 987  ? C 116.73 120.30 -3.57 0.50 N 
3 1 NE A ARG 987  ? B CZ A ARG 987  ? B NH2 A ARG 987  ? B 123.86 120.30 3.56  0.50 N 
4 1 NE A ARG 987  ? C CZ A ARG 987  ? C NH2 A ARG 987  ? C 123.45 120.30 3.15  0.50 N 
5 1 NE A ARG 994  ? ? CZ A ARG 994  ? ? NH1 A ARG 994  ? ? 123.47 120.30 3.17  0.50 N 
6 1 NE A ARG 994  ? ? CZ A ARG 994  ? ? NH2 A ARG 994  ? ? 116.57 120.30 -3.73 0.50 N 
7 1 NE A ARG 1067 ? ? CZ A ARG 1067 ? ? NH2 A ARG 1067 ? ? 115.44 120.30 -4.86 0.50 N 
# 
loop_
_pdbx_struct_special_symmetry.id 
_pdbx_struct_special_symmetry.PDB_model_num 
_pdbx_struct_special_symmetry.auth_asym_id 
_pdbx_struct_special_symmetry.auth_comp_id 
_pdbx_struct_special_symmetry.auth_seq_id 
_pdbx_struct_special_symmetry.PDB_ins_code 
_pdbx_struct_special_symmetry.label_asym_id 
_pdbx_struct_special_symmetry.label_comp_id 
_pdbx_struct_special_symmetry.label_seq_id 
1 1 A SO4 1205 ? F SO4 . 
2 1 A HOH 1335 ? J HOH . 
# 
_phasing.method   MR 
# 
_pdbx_entry_details.entry_id                 5QXN 
_pdbx_entry_details.has_ligand_of_interest   Y 
_pdbx_entry_details.compound_details         ? 
_pdbx_entry_details.source_details           ? 
_pdbx_entry_details.nonpolymer_details       ? 
_pdbx_entry_details.sequence_details         ? 
# 
loop_
_chem_comp_atom.comp_id 
_chem_comp_atom.atom_id 
_chem_comp_atom.type_symbol 
_chem_comp_atom.pdbx_aromatic_flag 
_chem_comp_atom.pdbx_stereo_config 
_chem_comp_atom.pdbx_ordinal 
ALA N    N N N 1   
ALA CA   C N S 2   
ALA C    C N N 3   
ALA O    O N N 4   
ALA CB   C N N 5   
ALA OXT  O N N 6   
ALA H    H N N 7   
ALA H2   H N N 8   
ALA HA   H N N 9   
ALA HB1  H N N 10  
ALA HB2  H N N 11  
ALA HB3  H N N 12  
ALA HXT  H N N 13  
ARG N    N N N 14  
ARG CA   C N S 15  
ARG C    C N N 16  
ARG O    O N N 17  
ARG CB   C N N 18  
ARG CG   C N N 19  
ARG CD   C N N 20  
ARG NE   N N N 21  
ARG CZ   C N N 22  
ARG NH1  N N N 23  
ARG NH2  N N N 24  
ARG OXT  O N N 25  
ARG H    H N N 26  
ARG H2   H N N 27  
ARG HA   H N N 28  
ARG HB2  H N N 29  
ARG HB3  H N N 30  
ARG HG2  H N N 31  
ARG HG3  H N N 32  
ARG HD2  H N N 33  
ARG HD3  H N N 34  
ARG HE   H N N 35  
ARG HH11 H N N 36  
ARG HH12 H N N 37  
ARG HH21 H N N 38  
ARG HH22 H N N 39  
ARG HXT  H N N 40  
ASN N    N N N 41  
ASN CA   C N S 42  
ASN C    C N N 43  
ASN O    O N N 44  
ASN CB   C N N 45  
ASN CG   C N N 46  
ASN OD1  O N N 47  
ASN ND2  N N N 48  
ASN OXT  O N N 49  
ASN H    H N N 50  
ASN H2   H N N 51  
ASN HA   H N N 52  
ASN HB2  H N N 53  
ASN HB3  H N N 54  
ASN HD21 H N N 55  
ASN HD22 H N N 56  
ASN HXT  H N N 57  
ASP N    N N N 58  
ASP CA   C N S 59  
ASP C    C N N 60  
ASP O    O N N 61  
ASP CB   C N N 62  
ASP CG   C N N 63  
ASP OD1  O N N 64  
ASP OD2  O N N 65  
ASP OXT  O N N 66  
ASP H    H N N 67  
ASP H2   H N N 68  
ASP HA   H N N 69  
ASP HB2  H N N 70  
ASP HB3  H N N 71  
ASP HD2  H N N 72  
ASP HXT  H N N 73  
CYS N    N N N 74  
CYS CA   C N R 75  
CYS C    C N N 76  
CYS O    O N N 77  
CYS CB   C N N 78  
CYS SG   S N N 79  
CYS OXT  O N N 80  
CYS H    H N N 81  
CYS H2   H N N 82  
CYS HA   H N N 83  
CYS HB2  H N N 84  
CYS HB3  H N N 85  
CYS HG   H N N 86  
CYS HXT  H N N 87  
EDO C1   C N N 88  
EDO O1   O N N 89  
EDO C2   C N N 90  
EDO O2   O N N 91  
EDO H11  H N N 92  
EDO H12  H N N 93  
EDO HO1  H N N 94  
EDO H21  H N N 95  
EDO H22  H N N 96  
EDO HO2  H N N 97  
GLN N    N N N 98  
GLN CA   C N S 99  
GLN C    C N N 100 
GLN O    O N N 101 
GLN CB   C N N 102 
GLN CG   C N N 103 
GLN CD   C N N 104 
GLN OE1  O N N 105 
GLN NE2  N N N 106 
GLN OXT  O N N 107 
GLN H    H N N 108 
GLN H2   H N N 109 
GLN HA   H N N 110 
GLN HB2  H N N 111 
GLN HB3  H N N 112 
GLN HG2  H N N 113 
GLN HG3  H N N 114 
GLN HE21 H N N 115 
GLN HE22 H N N 116 
GLN HXT  H N N 117 
GLU N    N N N 118 
GLU CA   C N S 119 
GLU C    C N N 120 
GLU O    O N N 121 
GLU CB   C N N 122 
GLU CG   C N N 123 
GLU CD   C N N 124 
GLU OE1  O N N 125 
GLU OE2  O N N 126 
GLU OXT  O N N 127 
GLU H    H N N 128 
GLU H2   H N N 129 
GLU HA   H N N 130 
GLU HB2  H N N 131 
GLU HB3  H N N 132 
GLU HG2  H N N 133 
GLU HG3  H N N 134 
GLU HE2  H N N 135 
GLU HXT  H N N 136 
GLY N    N N N 137 
GLY CA   C N N 138 
GLY C    C N N 139 
GLY O    O N N 140 
GLY OXT  O N N 141 
GLY H    H N N 142 
GLY H2   H N N 143 
GLY HA2  H N N 144 
GLY HA3  H N N 145 
GLY HXT  H N N 146 
HIS N    N N N 147 
HIS CA   C N S 148 
HIS C    C N N 149 
HIS O    O N N 150 
HIS CB   C N N 151 
HIS CG   C Y N 152 
HIS ND1  N Y N 153 
HIS CD2  C Y N 154 
HIS CE1  C Y N 155 
HIS NE2  N Y N 156 
HIS OXT  O N N 157 
HIS H    H N N 158 
HIS H2   H N N 159 
HIS HA   H N N 160 
HIS HB2  H N N 161 
HIS HB3  H N N 162 
HIS HD1  H N N 163 
HIS HD2  H N N 164 
HIS HE1  H N N 165 
HIS HE2  H N N 166 
HIS HXT  H N N 167 
HOH O    O N N 168 
HOH H1   H N N 169 
HOH H2   H N N 170 
ILE N    N N N 171 
ILE CA   C N S 172 
ILE C    C N N 173 
ILE O    O N N 174 
ILE CB   C N S 175 
ILE CG1  C N N 176 
ILE CG2  C N N 177 
ILE CD1  C N N 178 
ILE OXT  O N N 179 
ILE H    H N N 180 
ILE H2   H N N 181 
ILE HA   H N N 182 
ILE HB   H N N 183 
ILE HG12 H N N 184 
ILE HG13 H N N 185 
ILE HG21 H N N 186 
ILE HG22 H N N 187 
ILE HG23 H N N 188 
ILE HD11 H N N 189 
ILE HD12 H N N 190 
ILE HD13 H N N 191 
ILE HXT  H N N 192 
LEU N    N N N 193 
LEU CA   C N S 194 
LEU C    C N N 195 
LEU O    O N N 196 
LEU CB   C N N 197 
LEU CG   C N N 198 
LEU CD1  C N N 199 
LEU CD2  C N N 200 
LEU OXT  O N N 201 
LEU H    H N N 202 
LEU H2   H N N 203 
LEU HA   H N N 204 
LEU HB2  H N N 205 
LEU HB3  H N N 206 
LEU HG   H N N 207 
LEU HD11 H N N 208 
LEU HD12 H N N 209 
LEU HD13 H N N 210 
LEU HD21 H N N 211 
LEU HD22 H N N 212 
LEU HD23 H N N 213 
LEU HXT  H N N 214 
LYS N    N N N 215 
LYS CA   C N S 216 
LYS C    C N N 217 
LYS O    O N N 218 
LYS CB   C N N 219 
LYS CG   C N N 220 
LYS CD   C N N 221 
LYS CE   C N N 222 
LYS NZ   N N N 223 
LYS OXT  O N N 224 
LYS H    H N N 225 
LYS H2   H N N 226 
LYS HA   H N N 227 
LYS HB2  H N N 228 
LYS HB3  H N N 229 
LYS HG2  H N N 230 
LYS HG3  H N N 231 
LYS HD2  H N N 232 
LYS HD3  H N N 233 
LYS HE2  H N N 234 
LYS HE3  H N N 235 
LYS HZ1  H N N 236 
LYS HZ2  H N N 237 
LYS HZ3  H N N 238 
LYS HXT  H N N 239 
MET N    N N N 240 
MET CA   C N S 241 
MET C    C N N 242 
MET O    O N N 243 
MET CB   C N N 244 
MET CG   C N N 245 
MET SD   S N N 246 
MET CE   C N N 247 
MET OXT  O N N 248 
MET H    H N N 249 
MET H2   H N N 250 
MET HA   H N N 251 
MET HB2  H N N 252 
MET HB3  H N N 253 
MET HG2  H N N 254 
MET HG3  H N N 255 
MET HE1  H N N 256 
MET HE2  H N N 257 
MET HE3  H N N 258 
MET HXT  H N N 259 
PHE N    N N N 260 
PHE CA   C N S 261 
PHE C    C N N 262 
PHE O    O N N 263 
PHE CB   C N N 264 
PHE CG   C Y N 265 
PHE CD1  C Y N 266 
PHE CD2  C Y N 267 
PHE CE1  C Y N 268 
PHE CE2  C Y N 269 
PHE CZ   C Y N 270 
PHE OXT  O N N 271 
PHE H    H N N 272 
PHE H2   H N N 273 
PHE HA   H N N 274 
PHE HB2  H N N 275 
PHE HB3  H N N 276 
PHE HD1  H N N 277 
PHE HD2  H N N 278 
PHE HE1  H N N 279 
PHE HE2  H N N 280 
PHE HZ   H N N 281 
PHE HXT  H N N 282 
PRO N    N N N 283 
PRO CA   C N S 284 
PRO C    C N N 285 
PRO O    O N N 286 
PRO CB   C N N 287 
PRO CG   C N N 288 
PRO CD   C N N 289 
PRO OXT  O N N 290 
PRO H    H N N 291 
PRO HA   H N N 292 
PRO HB2  H N N 293 
PRO HB3  H N N 294 
PRO HG2  H N N 295 
PRO HG3  H N N 296 
PRO HD2  H N N 297 
PRO HD3  H N N 298 
PRO HXT  H N N 299 
RHG C10  C N N 300 
RHG C13  C N R 301 
RHG C05  C N N 302 
RHG C06  C N S 303 
RHG C07  C N N 304 
RHG C08  C N S 305 
RHG C09  C N N 306 
RHG C12  C N N 307 
RHG C14  C N N 308 
RHG C16  C N N 309 
RHG F17  F N N 310 
RHG F18  F N N 311 
RHG F19  F N N 312 
RHG N04  N N N 313 
RHG N11  N N N 314 
RHG O01  O N N 315 
RHG O03  O N N 316 
RHG O15  O N N 317 
RHG S02  S N N 318 
RHG H1   H N N 319 
RHG H2   H N N 320 
RHG H3   H N N 321 
RHG H4   H N N 322 
RHG H5   H N N 323 
RHG H6   H N N 324 
RHG H7   H N N 325 
RHG H8   H N N 326 
RHG H9   H N N 327 
RHG H10  H N N 328 
RHG H11  H N N 329 
RHG H12  H N N 330 
RHG H13  H N N 331 
RHG H14  H N N 332 
RHG H15  H N N 333 
SER N    N N N 334 
SER CA   C N S 335 
SER C    C N N 336 
SER O    O N N 337 
SER CB   C N N 338 
SER OG   O N N 339 
SER OXT  O N N 340 
SER H    H N N 341 
SER H2   H N N 342 
SER HA   H N N 343 
SER HB2  H N N 344 
SER HB3  H N N 345 
SER HG   H N N 346 
SER HXT  H N N 347 
SO4 S    S N N 348 
SO4 O1   O N N 349 
SO4 O2   O N N 350 
SO4 O3   O N N 351 
SO4 O4   O N N 352 
THR N    N N N 353 
THR CA   C N S 354 
THR C    C N N 355 
THR O    O N N 356 
THR CB   C N R 357 
THR OG1  O N N 358 
THR CG2  C N N 359 
THR OXT  O N N 360 
THR H    H N N 361 
THR H2   H N N 362 
THR HA   H N N 363 
THR HB   H N N 364 
THR HG1  H N N 365 
THR HG21 H N N 366 
THR HG22 H N N 367 
THR HG23 H N N 368 
THR HXT  H N N 369 
TYR N    N N N 370 
TYR CA   C N S 371 
TYR C    C N N 372 
TYR O    O N N 373 
TYR CB   C N N 374 
TYR CG   C Y N 375 
TYR CD1  C Y N 376 
TYR CD2  C Y N 377 
TYR CE1  C Y N 378 
TYR CE2  C Y N 379 
TYR CZ   C Y N 380 
TYR OH   O N N 381 
TYR OXT  O N N 382 
TYR H    H N N 383 
TYR H2   H N N 384 
TYR HA   H N N 385 
TYR HB2  H N N 386 
TYR HB3  H N N 387 
TYR HD1  H N N 388 
TYR HD2  H N N 389 
TYR HE1  H N N 390 
TYR HE2  H N N 391 
TYR HH   H N N 392 
TYR HXT  H N N 393 
VAL N    N N N 394 
VAL CA   C N S 395 
VAL C    C N N 396 
VAL O    O N N 397 
VAL CB   C N N 398 
VAL CG1  C N N 399 
VAL CG2  C N N 400 
VAL OXT  O N N 401 
VAL H    H N N 402 
VAL H2   H N N 403 
VAL HA   H N N 404 
VAL HB   H N N 405 
VAL HG11 H N N 406 
VAL HG12 H N N 407 
VAL HG13 H N N 408 
VAL HG21 H N N 409 
VAL HG22 H N N 410 
VAL HG23 H N N 411 
VAL HXT  H N N 412 
# 
loop_
_chem_comp_bond.comp_id 
_chem_comp_bond.atom_id_1 
_chem_comp_bond.atom_id_2 
_chem_comp_bond.value_order 
_chem_comp_bond.pdbx_aromatic_flag 
_chem_comp_bond.pdbx_stereo_config 
_chem_comp_bond.pdbx_ordinal 
ALA N   CA   sing N N 1   
ALA N   H    sing N N 2   
ALA N   H2   sing N N 3   
ALA CA  C    sing N N 4   
ALA CA  CB   sing N N 5   
ALA CA  HA   sing N N 6   
ALA C   O    doub N N 7   
ALA C   OXT  sing N N 8   
ALA CB  HB1  sing N N 9   
ALA CB  HB2  sing N N 10  
ALA CB  HB3  sing N N 11  
ALA OXT HXT  sing N N 12  
ARG N   CA   sing N N 13  
ARG N   H    sing N N 14  
ARG N   H2   sing N N 15  
ARG CA  C    sing N N 16  
ARG CA  CB   sing N N 17  
ARG CA  HA   sing N N 18  
ARG C   O    doub N N 19  
ARG C   OXT  sing N N 20  
ARG CB  CG   sing N N 21  
ARG CB  HB2  sing N N 22  
ARG CB  HB3  sing N N 23  
ARG CG  CD   sing N N 24  
ARG CG  HG2  sing N N 25  
ARG CG  HG3  sing N N 26  
ARG CD  NE   sing N N 27  
ARG CD  HD2  sing N N 28  
ARG CD  HD3  sing N N 29  
ARG NE  CZ   sing N N 30  
ARG NE  HE   sing N N 31  
ARG CZ  NH1  sing N N 32  
ARG CZ  NH2  doub N N 33  
ARG NH1 HH11 sing N N 34  
ARG NH1 HH12 sing N N 35  
ARG NH2 HH21 sing N N 36  
ARG NH2 HH22 sing N N 37  
ARG OXT HXT  sing N N 38  
ASN N   CA   sing N N 39  
ASN N   H    sing N N 40  
ASN N   H2   sing N N 41  
ASN CA  C    sing N N 42  
ASN CA  CB   sing N N 43  
ASN CA  HA   sing N N 44  
ASN C   O    doub N N 45  
ASN C   OXT  sing N N 46  
ASN CB  CG   sing N N 47  
ASN CB  HB2  sing N N 48  
ASN CB  HB3  sing N N 49  
ASN CG  OD1  doub N N 50  
ASN CG  ND2  sing N N 51  
ASN ND2 HD21 sing N N 52  
ASN ND2 HD22 sing N N 53  
ASN OXT HXT  sing N N 54  
ASP N   CA   sing N N 55  
ASP N   H    sing N N 56  
ASP N   H2   sing N N 57  
ASP CA  C    sing N N 58  
ASP CA  CB   sing N N 59  
ASP CA  HA   sing N N 60  
ASP C   O    doub N N 61  
ASP C   OXT  sing N N 62  
ASP CB  CG   sing N N 63  
ASP CB  HB2  sing N N 64  
ASP CB  HB3  sing N N 65  
ASP CG  OD1  doub N N 66  
ASP CG  OD2  sing N N 67  
ASP OD2 HD2  sing N N 68  
ASP OXT HXT  sing N N 69  
CYS N   CA   sing N N 70  
CYS N   H    sing N N 71  
CYS N   H2   sing N N 72  
CYS CA  C    sing N N 73  
CYS CA  CB   sing N N 74  
CYS CA  HA   sing N N 75  
CYS C   O    doub N N 76  
CYS C   OXT  sing N N 77  
CYS CB  SG   sing N N 78  
CYS CB  HB2  sing N N 79  
CYS CB  HB3  sing N N 80  
CYS SG  HG   sing N N 81  
CYS OXT HXT  sing N N 82  
EDO C1  O1   sing N N 83  
EDO C1  C2   sing N N 84  
EDO C1  H11  sing N N 85  
EDO C1  H12  sing N N 86  
EDO O1  HO1  sing N N 87  
EDO C2  O2   sing N N 88  
EDO C2  H21  sing N N 89  
EDO C2  H22  sing N N 90  
EDO O2  HO2  sing N N 91  
GLN N   CA   sing N N 92  
GLN N   H    sing N N 93  
GLN N   H2   sing N N 94  
GLN CA  C    sing N N 95  
GLN CA  CB   sing N N 96  
GLN CA  HA   sing N N 97  
GLN C   O    doub N N 98  
GLN C   OXT  sing N N 99  
GLN CB  CG   sing N N 100 
GLN CB  HB2  sing N N 101 
GLN CB  HB3  sing N N 102 
GLN CG  CD   sing N N 103 
GLN CG  HG2  sing N N 104 
GLN CG  HG3  sing N N 105 
GLN CD  OE1  doub N N 106 
GLN CD  NE2  sing N N 107 
GLN NE2 HE21 sing N N 108 
GLN NE2 HE22 sing N N 109 
GLN OXT HXT  sing N N 110 
GLU N   CA   sing N N 111 
GLU N   H    sing N N 112 
GLU N   H2   sing N N 113 
GLU CA  C    sing N N 114 
GLU CA  CB   sing N N 115 
GLU CA  HA   sing N N 116 
GLU C   O    doub N N 117 
GLU C   OXT  sing N N 118 
GLU CB  CG   sing N N 119 
GLU CB  HB2  sing N N 120 
GLU CB  HB3  sing N N 121 
GLU CG  CD   sing N N 122 
GLU CG  HG2  sing N N 123 
GLU CG  HG3  sing N N 124 
GLU CD  OE1  doub N N 125 
GLU CD  OE2  sing N N 126 
GLU OE2 HE2  sing N N 127 
GLU OXT HXT  sing N N 128 
GLY N   CA   sing N N 129 
GLY N   H    sing N N 130 
GLY N   H2   sing N N 131 
GLY CA  C    sing N N 132 
GLY CA  HA2  sing N N 133 
GLY CA  HA3  sing N N 134 
GLY C   O    doub N N 135 
GLY C   OXT  sing N N 136 
GLY OXT HXT  sing N N 137 
HIS N   CA   sing N N 138 
HIS N   H    sing N N 139 
HIS N   H2   sing N N 140 
HIS CA  C    sing N N 141 
HIS CA  CB   sing N N 142 
HIS CA  HA   sing N N 143 
HIS C   O    doub N N 144 
HIS C   OXT  sing N N 145 
HIS CB  CG   sing N N 146 
HIS CB  HB2  sing N N 147 
HIS CB  HB3  sing N N 148 
HIS CG  ND1  sing Y N 149 
HIS CG  CD2  doub Y N 150 
HIS ND1 CE1  doub Y N 151 
HIS ND1 HD1  sing N N 152 
HIS CD2 NE2  sing Y N 153 
HIS CD2 HD2  sing N N 154 
HIS CE1 NE2  sing Y N 155 
HIS CE1 HE1  sing N N 156 
HIS NE2 HE2  sing N N 157 
HIS OXT HXT  sing N N 158 
HOH O   H1   sing N N 159 
HOH O   H2   sing N N 160 
ILE N   CA   sing N N 161 
ILE N   H    sing N N 162 
ILE N   H2   sing N N 163 
ILE CA  C    sing N N 164 
ILE CA  CB   sing N N 165 
ILE CA  HA   sing N N 166 
ILE C   O    doub N N 167 
ILE C   OXT  sing N N 168 
ILE CB  CG1  sing N N 169 
ILE CB  CG2  sing N N 170 
ILE CB  HB   sing N N 171 
ILE CG1 CD1  sing N N 172 
ILE CG1 HG12 sing N N 173 
ILE CG1 HG13 sing N N 174 
ILE CG2 HG21 sing N N 175 
ILE CG2 HG22 sing N N 176 
ILE CG2 HG23 sing N N 177 
ILE CD1 HD11 sing N N 178 
ILE CD1 HD12 sing N N 179 
ILE CD1 HD13 sing N N 180 
ILE OXT HXT  sing N N 181 
LEU N   CA   sing N N 182 
LEU N   H    sing N N 183 
LEU N   H2   sing N N 184 
LEU CA  C    sing N N 185 
LEU CA  CB   sing N N 186 
LEU CA  HA   sing N N 187 
LEU C   O    doub N N 188 
LEU C   OXT  sing N N 189 
LEU CB  CG   sing N N 190 
LEU CB  HB2  sing N N 191 
LEU CB  HB3  sing N N 192 
LEU CG  CD1  sing N N 193 
LEU CG  CD2  sing N N 194 
LEU CG  HG   sing N N 195 
LEU CD1 HD11 sing N N 196 
LEU CD1 HD12 sing N N 197 
LEU CD1 HD13 sing N N 198 
LEU CD2 HD21 sing N N 199 
LEU CD2 HD22 sing N N 200 
LEU CD2 HD23 sing N N 201 
LEU OXT HXT  sing N N 202 
LYS N   CA   sing N N 203 
LYS N   H    sing N N 204 
LYS N   H2   sing N N 205 
LYS CA  C    sing N N 206 
LYS CA  CB   sing N N 207 
LYS CA  HA   sing N N 208 
LYS C   O    doub N N 209 
LYS C   OXT  sing N N 210 
LYS CB  CG   sing N N 211 
LYS CB  HB2  sing N N 212 
LYS CB  HB3  sing N N 213 
LYS CG  CD   sing N N 214 
LYS CG  HG2  sing N N 215 
LYS CG  HG3  sing N N 216 
LYS CD  CE   sing N N 217 
LYS CD  HD2  sing N N 218 
LYS CD  HD3  sing N N 219 
LYS CE  NZ   sing N N 220 
LYS CE  HE2  sing N N 221 
LYS CE  HE3  sing N N 222 
LYS NZ  HZ1  sing N N 223 
LYS NZ  HZ2  sing N N 224 
LYS NZ  HZ3  sing N N 225 
LYS OXT HXT  sing N N 226 
MET N   CA   sing N N 227 
MET N   H    sing N N 228 
MET N   H2   sing N N 229 
MET CA  C    sing N N 230 
MET CA  CB   sing N N 231 
MET CA  HA   sing N N 232 
MET C   O    doub N N 233 
MET C   OXT  sing N N 234 
MET CB  CG   sing N N 235 
MET CB  HB2  sing N N 236 
MET CB  HB3  sing N N 237 
MET CG  SD   sing N N 238 
MET CG  HG2  sing N N 239 
MET CG  HG3  sing N N 240 
MET SD  CE   sing N N 241 
MET CE  HE1  sing N N 242 
MET CE  HE2  sing N N 243 
MET CE  HE3  sing N N 244 
MET OXT HXT  sing N N 245 
PHE N   CA   sing N N 246 
PHE N   H    sing N N 247 
PHE N   H2   sing N N 248 
PHE CA  C    sing N N 249 
PHE CA  CB   sing N N 250 
PHE CA  HA   sing N N 251 
PHE C   O    doub N N 252 
PHE C   OXT  sing N N 253 
PHE CB  CG   sing N N 254 
PHE CB  HB2  sing N N 255 
PHE CB  HB3  sing N N 256 
PHE CG  CD1  doub Y N 257 
PHE CG  CD2  sing Y N 258 
PHE CD1 CE1  sing Y N 259 
PHE CD1 HD1  sing N N 260 
PHE CD2 CE2  doub Y N 261 
PHE CD2 HD2  sing N N 262 
PHE CE1 CZ   doub Y N 263 
PHE CE1 HE1  sing N N 264 
PHE CE2 CZ   sing Y N 265 
PHE CE2 HE2  sing N N 266 
PHE CZ  HZ   sing N N 267 
PHE OXT HXT  sing N N 268 
PRO N   CA   sing N N 269 
PRO N   CD   sing N N 270 
PRO N   H    sing N N 271 
PRO CA  C    sing N N 272 
PRO CA  CB   sing N N 273 
PRO CA  HA   sing N N 274 
PRO C   O    doub N N 275 
PRO C   OXT  sing N N 276 
PRO CB  CG   sing N N 277 
PRO CB  HB2  sing N N 278 
PRO CB  HB3  sing N N 279 
PRO CG  CD   sing N N 280 
PRO CG  HG2  sing N N 281 
PRO CG  HG3  sing N N 282 
PRO CD  HD2  sing N N 283 
PRO CD  HD3  sing N N 284 
PRO OXT HXT  sing N N 285 
RHG O01 S02  doub N N 286 
RHG O03 S02  doub N N 287 
RHG O15 C08  sing N N 288 
RHG O15 C13  sing N N 289 
RHG C08 C07  sing N N 290 
RHG C08 C09  sing N N 291 
RHG S02 N04  sing N N 292 
RHG S02 C16  sing N N 293 
RHG C07 C06  sing N N 294 
RHG C14 N04  sing N N 295 
RHG C14 C13  sing N N 296 
RHG F17 C16  sing N N 297 
RHG N04 C05  sing N N 298 
RHG C13 C06  sing N N 299 
RHG C13 C12  sing N N 300 
RHG C09 C10  sing N N 301 
RHG C16 F18  sing N N 302 
RHG C16 F19  sing N N 303 
RHG C05 C06  sing N N 304 
RHG C10 N11  sing N N 305 
RHG C12 N11  sing N N 306 
RHG C10 H1   sing N N 307 
RHG C10 H2   sing N N 308 
RHG C05 H3   sing N N 309 
RHG C05 H4   sing N N 310 
RHG C06 H5   sing N N 311 
RHG C07 H6   sing N N 312 
RHG C07 H7   sing N N 313 
RHG C08 H8   sing N N 314 
RHG C09 H9   sing N N 315 
RHG C09 H10  sing N N 316 
RHG C12 H11  sing N N 317 
RHG C12 H12  sing N N 318 
RHG C14 H13  sing N N 319 
RHG C14 H14  sing N N 320 
RHG N11 H15  sing N N 321 
SER N   CA   sing N N 322 
SER N   H    sing N N 323 
SER N   H2   sing N N 324 
SER CA  C    sing N N 325 
SER CA  CB   sing N N 326 
SER CA  HA   sing N N 327 
SER C   O    doub N N 328 
SER C   OXT  sing N N 329 
SER CB  OG   sing N N 330 
SER CB  HB2  sing N N 331 
SER CB  HB3  sing N N 332 
SER OG  HG   sing N N 333 
SER OXT HXT  sing N N 334 
SO4 S   O1   doub N N 335 
SO4 S   O2   doub N N 336 
SO4 S   O3   sing N N 337 
SO4 S   O4   sing N N 338 
THR N   CA   sing N N 339 
THR N   H    sing N N 340 
THR N   H2   sing N N 341 
THR CA  C    sing N N 342 
THR CA  CB   sing N N 343 
THR CA  HA   sing N N 344 
THR C   O    doub N N 345 
THR C   OXT  sing N N 346 
THR CB  OG1  sing N N 347 
THR CB  CG2  sing N N 348 
THR CB  HB   sing N N 349 
THR OG1 HG1  sing N N 350 
THR CG2 HG21 sing N N 351 
THR CG2 HG22 sing N N 352 
THR CG2 HG23 sing N N 353 
THR OXT HXT  sing N N 354 
TYR N   CA   sing N N 355 
TYR N   H    sing N N 356 
TYR N   H2   sing N N 357 
TYR CA  C    sing N N 358 
TYR CA  CB   sing N N 359 
TYR CA  HA   sing N N 360 
TYR C   O    doub N N 361 
TYR C   OXT  sing N N 362 
TYR CB  CG   sing N N 363 
TYR CB  HB2  sing N N 364 
TYR CB  HB3  sing N N 365 
TYR CG  CD1  doub Y N 366 
TYR CG  CD2  sing Y N 367 
TYR CD1 CE1  sing Y N 368 
TYR CD1 HD1  sing N N 369 
TYR CD2 CE2  doub Y N 370 
TYR CD2 HD2  sing N N 371 
TYR CE1 CZ   doub Y N 372 
TYR CE1 HE1  sing N N 373 
TYR CE2 CZ   sing Y N 374 
TYR CE2 HE2  sing N N 375 
TYR CZ  OH   sing N N 376 
TYR OH  HH   sing N N 377 
TYR OXT HXT  sing N N 378 
VAL N   CA   sing N N 379 
VAL N   H    sing N N 380 
VAL N   H2   sing N N 381 
VAL CA  C    sing N N 382 
VAL CA  CB   sing N N 383 
VAL CA  HA   sing N N 384 
VAL C   O    doub N N 385 
VAL C   OXT  sing N N 386 
VAL CB  CG1  sing N N 387 
VAL CB  CG2  sing N N 388 
VAL CB  HB   sing N N 389 
VAL CG1 HG11 sing N N 390 
VAL CG1 HG12 sing N N 391 
VAL CG1 HG13 sing N N 392 
VAL CG2 HG21 sing N N 393 
VAL CG2 HG22 sing N N 394 
VAL CG2 HG23 sing N N 395 
VAL OXT HXT  sing N N 396 
# 
_pdbx_deposit_group.group_id            G_1002118 
_pdbx_deposit_group.group_description   
;Bromodomain of human ATAD2 screened against the Leeds 3D Fragment Library by X-ray Crystallography at the XChem
facility of Diamond Light Source beamline I04-1
;
_pdbx_deposit_group.group_title         'PanDDA analysis group deposition - Bromodomain of human ATAD2 fragment screening' 
_pdbx_deposit_group.group_type          'changed state' 
# 
_pdbx_entity_instance_feature.ordinal        1 
_pdbx_entity_instance_feature.comp_id        RHG 
_pdbx_entity_instance_feature.asym_id        ? 
_pdbx_entity_instance_feature.seq_num        ? 
_pdbx_entity_instance_feature.auth_comp_id   RHG 
_pdbx_entity_instance_feature.auth_asym_id   ? 
_pdbx_entity_instance_feature.auth_seq_num   ? 
_pdbx_entity_instance_feature.feature_type   'SUBJECT OF INVESTIGATION' 
_pdbx_entity_instance_feature.details        ? 
# 
_atom_sites.entry_id                    5QXN 
_atom_sites.fract_transf_matrix[1][1]   -0.01096626 
_atom_sites.fract_transf_matrix[1][2]   -0.00794872 
_atom_sites.fract_transf_matrix[1][3]   -0.00480888 
_atom_sites.fract_transf_matrix[2][1]   -0.01028686 
_atom_sites.fract_transf_matrix[2][2]   -0.00429173 
_atom_sites.fract_transf_matrix[2][3]   0.00907440 
_atom_sites.fract_transf_matrix[3][1]   -0.00370398 
_atom_sites.fract_transf_matrix[3][2]   0.00594837 
_atom_sites.fract_transf_matrix[3][3]   -0.00138560 
_atom_sites.fract_transf_vector[1]      0.450746 
_atom_sites.fract_transf_vector[2]      0.600793 
_atom_sites.fract_transf_vector[3]      -0.027073 
# 
loop_
_atom_type.symbol 
C 
F 
N 
O 
S 
# 
loop_
_atom_site.group_PDB 
_atom_site.id 
_atom_site.type_symbol 
_atom_site.label_atom_id 
_atom_site.label_alt_id 
_atom_site.label_comp_id 
_atom_site.label_asym_id 
_atom_site.label_entity_id 
_atom_site.label_seq_id 
_atom_site.pdbx_PDB_ins_code 
_atom_site.Cartn_x 
_atom_site.Cartn_y 
_atom_site.Cartn_z 
_atom_site.occupancy 
_atom_site.B_iso_or_equiv 
_atom_site.pdbx_formal_charge 
_atom_site.auth_seq_id 
_atom_site.auth_comp_id 
_atom_site.auth_asym_id 
_atom_site.auth_atom_id 
_atom_site.pdbx_PDB_model_num 
ATOM   1    N N   . SER A 1 1   ? 4.768   16.527  20.685  1.00 30.37  ? 979  SER A N   1 
ATOM   2    C CA  . SER A 1 1   ? 4.075   17.822  20.767  1.00 32.15  ? 979  SER A CA  1 
ATOM   3    C C   . SER A 1 1   ? 2.733   17.721  20.007  1.00 38.05  ? 979  SER A C   1 
ATOM   4    O O   . SER A 1 1   ? 2.554   16.731  19.210  1.00 29.31  ? 979  SER A O   1 
ATOM   5    C CB  . SER A 1 1   ? 4.925   18.920  20.198  1.00 35.91  ? 979  SER A CB  1 
ATOM   6    O OG  . SER A 1 1   ? 5.152   18.729  18.780  1.00 33.40  ? 979  SER A OG  1 
ATOM   7    N N   . MET A 1 2   ? 1.847   18.695  20.230  1.00 36.91  ? 980  MET A N   1 
ATOM   8    C CA  . MET A 1 2   ? 0.564   18.853  19.505  1.00 43.34  ? 980  MET A CA  1 
ATOM   9    C C   . MET A 1 2   ? 0.871   19.039  18.025  1.00 34.59  ? 980  MET A C   1 
ATOM   10   O O   . MET A 1 2   ? 0.128   18.498  17.192  1.00 29.85  ? 980  MET A O   1 
ATOM   11   C CB  . MET A 1 2   ? -0.223  20.084  19.983  1.00 48.75  ? 980  MET A CB  1 
ATOM   12   C CG  . MET A 1 2   ? -1.487  20.355  19.161  1.00 59.58  ? 980  MET A CG  1 
ATOM   13   S SD  . MET A 1 2   ? -2.900  19.360  19.734  1.00 84.36  ? 980  MET A SD  1 
ATOM   14   C CE  . MET A 1 2   ? -2.585  17.753  19.002  1.00 70.73  ? 980  MET A CE  1 
ATOM   15   N N   . GLN A 1 3   ? 1.870   19.825  17.703  1.00 28.05  ? 981  GLN A N   1 
ATOM   16   C CA  . GLN A 1 3   ? 2.286   20.108  16.319  1.00 34.32  ? 981  GLN A CA  1 
ATOM   17   C C   . GLN A 1 3   ? 2.647   18.775  15.636  1.00 24.52  ? 981  GLN A C   1 
ATOM   18   O O   . GLN A 1 3   ? 2.247   18.603  14.447  1.00 24.21  ? 981  GLN A O   1 
ATOM   19   C CB  . GLN A 1 3   ? 3.451   21.083  16.310  1.00 41.54  ? 981  GLN A CB  1 
ATOM   20   C CG  . GLN A 1 3   ? 3.100   22.413  16.975  1.00 57.51  ? 981  GLN A CG  1 
ATOM   21   C CD  . GLN A 1 3   ? 3.612   22.500  18.398  1.00 63.06  ? 981  GLN A CD  1 
ATOM   22   O OE1 . GLN A 1 3   ? 3.045   21.924  19.349  1.00 64.46  ? 981  GLN A OE1 1 
ATOM   23   N NE2 . GLN A 1 3   ? 4.714   23.220  18.539  1.00 65.86  ? 981  GLN A NE2 1 
ATOM   24   N N   . GLU A 1 4   ? 3.396   17.905  16.294  1.00 22.34  ? 982  GLU A N   1 
ATOM   25   C CA  . GLU A 1 4   ? 3.790   16.587  15.727  1.00 20.11  ? 982  GLU A CA  1 
ATOM   26   C C   . GLU A 1 4   ? 2.519   15.759  15.539  1.00 18.14  ? 982  GLU A C   1 
ATOM   27   O O   . GLU A 1 4   ? 2.405   15.063  14.460  1.00 16.03  ? 982  GLU A O   1 
ATOM   28   C CB  . GLU A 1 4   ? 4.837   15.892  16.609  1.00 19.85  ? 982  GLU A CB  1 
ATOM   29   C CG  . GLU A 1 4   ? 6.219   16.580  16.530  1.00 22.30  ? 982  GLU A CG  1 
ATOM   30   C CD  . GLU A 1 4   ? 7.270   16.099  17.523  1.00 25.88  ? 982  GLU A CD  1 
ATOM   31   O OE1 . GLU A 1 4   ? 6.836   15.404  18.489  1.00 27.62  ? 982  GLU A OE1 1 
ATOM   32   O OE2 . GLU A 1 4   ? 8.530   16.312  17.278  1.00 24.64  ? 982  GLU A OE2 1 
ATOM   33   N N   . GLU A 1 5   ? 1.570   15.714  16.466  1.00 18.01  ? 983  GLU A N   1 
ATOM   34   C CA  . GLU A 1 5   ? 0.318   14.946  16.280  1.00 20.58  ? 983  GLU A CA  1 
ATOM   35   C C   . GLU A 1 5   ? -0.475  15.530  15.098  1.00 18.67  ? 983  GLU A C   1 
ATOM   36   O O   . GLU A 1 5   ? -1.051  14.694  14.322  1.00 18.11  ? 983  GLU A O   1 
ATOM   37   C CB  . GLU A 1 5   ? -0.534  14.891  17.567  1.00 26.36  ? 983  GLU A CB  1 
ATOM   38   C CG  . GLU A 1 5   ? 0.177   14.065  18.676  1.00 32.68  ? 983  GLU A CG  1 
ATOM   39   C CD  . GLU A 1 5   ? 0.772   12.713  18.239  1.00 42.93  ? 983  GLU A CD  1 
ATOM   40   O OE1 . GLU A 1 5   ? 0.012   11.912  17.596  1.00 48.42  ? 983  GLU A OE1 1 
ATOM   41   O OE2 . GLU A 1 5   ? 2.043   12.469  18.429  1.00 51.85  ? 983  GLU A OE2 1 
ATOM   42   N N   . ASP A 1 6   ? -0.468  16.805  14.876  1.00 17.58  ? 984  ASP A N   1 
ATOM   43   C CA  . ASP A 1 6   ? -1.115  17.446  13.709  1.00 17.94  ? 984  ASP A CA  1 
ATOM   44   C C   . ASP A 1 6   ? -0.422  16.946  12.408  1.00 15.76  ? 984  ASP A C   1 
ATOM   45   O O   . ASP A 1 6   ? -1.122  16.699  11.372  1.00 15.73  ? 984  ASP A O   1 
ATOM   46   C CB  . ASP A 1 6   ? -1.165  18.980  13.778  1.00 22.13  ? 984  ASP A CB  1 
ATOM   47   C CG  . ASP A 1 6   ? -2.191  19.566  14.779  1.00 24.16  ? 984  ASP A CG  1 
ATOM   48   O OD1 . ASP A 1 6   ? -2.987  18.791  15.338  1.00 31.23  ? 984  ASP A OD1 1 
ATOM   49   O OD2 . ASP A 1 6   ? -2.058  20.721  15.024  1.00 38.70  ? 984  ASP A OD2 1 
ATOM   50   N N   . THR A 1 7   ? 0.891   16.834  12.386  1.00 14.51  ? 985  THR A N   1 
ATOM   51   C CA  . THR A 1 7   ? 1.668   16.363  11.231  1.00 13.20  ? 985  THR A CA  1 
ATOM   52   C C   . THR A 1 7   ? 1.184   14.940  10.922  1.00 13.48  ? 985  THR A C   1 
ATOM   53   O O   . THR A 1 7   ? 0.866   14.630  9.709   1.00 12.49  ? 985  THR A O   1 
ATOM   54   C CB  . THR A 1 7   ? 3.189   16.384  11.425  1.00 14.49  ? 985  THR A CB  1 
ATOM   55   O OG1 . THR A 1 7   ? 3.551   17.773  11.681  1.00 17.45  ? 985  THR A OG1 1 
ATOM   56   C CG2 . THR A 1 7   ? 3.972   15.851  10.257  1.00 15.47  ? 985  THR A CG2 1 
ATOM   57   N N   . PHE A 1 8   ? 1.139   14.011  11.887  1.00 14.00  ? 986  PHE A N   1 
ATOM   58   C CA  . PHE A 1 8   ? 0.724   12.626  11.589  1.00 13.57  ? 986  PHE A CA  1 
ATOM   59   C C   . PHE A 1 8   ? -0.756  12.560  11.156  1.00 12.94  ? 986  PHE A C   1 
ATOM   60   O O   . PHE A 1 8   ? -1.103  11.679  10.334  1.00 13.55  ? 986  PHE A O   1 
ATOM   61   C CB  . PHE A 1 8   ? 1.061   11.666  12.753  1.00 14.40  ? 986  PHE A CB  1 
ATOM   62   C CG  . PHE A 1 8   ? 2.522   11.446  12.985  1.00 15.38  ? 986  PHE A CG  1 
ATOM   63   C CD1 . PHE A 1 8   ? 3.414   11.116  11.989  1.00 16.20  ? 986  PHE A CD1 1 
ATOM   64   C CD2 . PHE A 1 8   ? 3.036   11.583  14.261  1.00 17.78  ? 986  PHE A CD2 1 
ATOM   65   C CE1 . PHE A 1 8   ? 4.772   10.932  12.188  1.00 17.77  ? 986  PHE A CE1 1 
ATOM   66   C CE2 . PHE A 1 8   ? 4.388   11.331  14.483  1.00 17.48  ? 986  PHE A CE2 1 
ATOM   67   C CZ  . PHE A 1 8   ? 5.252   11.010  13.482  1.00 17.87  ? 986  PHE A CZ  1 
ATOM   68   N N   A ARG A 1 9   ? -1.624  13.430  11.671  0.23 13.09  ? 987  ARG A N   1 
ATOM   69   N N   B ARG A 1 9   ? -1.627  13.425  11.677  0.23 12.99  ? 987  ARG A N   1 
ATOM   70   N N   C ARG A 1 9   ? -1.632  13.453  11.622  0.04 11.81  ? 987  ARG A N   1 
ATOM   71   C CA  A ARG A 1 9   ? -3.041  13.471  11.237  0.23 14.42  ? 987  ARG A CA  1 
ATOM   72   C CA  B ARG A 1 9   ? -3.041  13.470  11.237  0.23 14.23  ? 987  ARG A CA  1 
ATOM   73   C CA  C ARG A 1 9   ? -3.057  13.416  11.185  0.04 11.22  ? 987  ARG A CA  1 
ATOM   74   C C   A ARG A 1 9   ? -3.099  13.852  9.747   0.23 12.85  ? 987  ARG A C   1 
ATOM   75   C C   B ARG A 1 9   ? -3.090  13.841  9.745   0.23 12.73  ? 987  ARG A C   1 
ATOM   76   C C   C ARG A 1 9   ? -3.203  13.950  9.754   0.04 11.44  ? 987  ARG A C   1 
ATOM   77   O O   A ARG A 1 9   ? -3.848  13.196  8.973   0.23 12.96  ? 987  ARG A O   1 
ATOM   78   O O   B ARG A 1 9   ? -3.825  13.170  8.971   0.23 12.82  ? 987  ARG A O   1 
ATOM   79   O O   C ARG A 1 9   ? -4.179  13.575  9.064   0.04 11.19  ? 987  ARG A O   1 
ATOM   80   C CB  A ARG A 1 9   ? -3.853  14.421  12.114  0.23 16.72  ? 987  ARG A CB  1 
ATOM   81   C CB  B ARG A 1 9   ? -3.863  14.439  12.083  0.23 16.33  ? 987  ARG A CB  1 
ATOM   82   C CB  C ARG A 1 9   ? -3.973  14.226  12.095  0.04 10.38  ? 987  ARG A CB  1 
ATOM   83   C CG  A ARG A 1 9   ? -5.325  14.055  12.176  0.23 18.78  ? 987  ARG A CG  1 
ATOM   84   C CG  B ARG A 1 9   ? -5.323  14.481  11.669  0.23 18.21  ? 987  ARG A CG  1 
ATOM   85   C CG  C ARG A 1 9   ? -5.440  14.034  11.749  0.04 9.64   ? 987  ARG A CG  1 
ATOM   86   C CD  A ARG A 1 9   ? -6.080  14.821  13.249  0.23 20.24  ? 987  ARG A CD  1 
ATOM   87   C CD  B ARG A 1 9   ? -6.211  15.076  12.739  0.23 19.55  ? 987  ARG A CD  1 
ATOM   88   C CD  C ARG A 1 9   ? -6.241  14.235  13.007  0.04 8.99   ? 987  ARG A CD  1 
ATOM   89   N NE  A ARG A 1 9   ? -5.597  14.599  14.597  0.23 24.20  ? 987  ARG A NE  1 
ATOM   90   N NE  B ARG A 1 9   ? -7.611  15.062  12.340  0.23 21.01  ? 987  ARG A NE  1 
ATOM   91   N NE  C ARG A 1 9   ? -7.692  14.278  12.941  0.04 8.42   ? 987  ARG A NE  1 
ATOM   92   C CZ  A ARG A 1 9   ? -4.934  15.504  15.323  0.23 22.53  ? 987  ARG A CZ  1 
ATOM   93   C CZ  B ARG A 1 9   ? -8.246  16.033  11.677  0.23 17.64  ? 987  ARG A CZ  1 
ATOM   94   C CZ  C ARG A 1 9   ? -8.487  14.534  11.903  0.04 7.97   ? 987  ARG A CZ  1 
ATOM   95   N NH1 A ARG A 1 9   ? -4.699  16.704  14.839  0.23 21.19  ? 987  ARG A NH1 1 
ATOM   96   N NH1 B ARG A 1 9   ? -9.518  15.810  11.407  0.23 23.06  ? 987  ARG A NH1 1 
ATOM   97   N NH1 C ARG A 1 9   ? -9.785  14.567  12.143  0.04 7.64   ? 987  ARG A NH1 1 
ATOM   98   N NH2 A ARG A 1 9   ? -4.529  15.194  16.535  0.23 21.72  ? 987  ARG A NH2 1 
ATOM   99   N NH2 B ARG A 1 9   ? -7.637  17.114  11.174  0.23 16.58  ? 987  ARG A NH2 1 
ATOM   100  N NH2 C ARG A 1 9   ? -8.044  14.672  10.658  0.04 7.43   ? 987  ARG A NH2 1 
ATOM   101  N N   . GLU A 1 10  ? -2.312  14.847  9.334   1.00 12.12  ? 988  GLU A N   1 
ATOM   102  C CA  . GLU A 1 10  ? -2.265  15.256  7.895   1.00 11.90  ? 988  GLU A CA  1 
ATOM   103  C C   . GLU A 1 10  ? -1.724  14.077  7.054   1.00 11.32  ? 988  GLU A C   1 
ATOM   104  O O   . GLU A 1 10  ? -2.308  13.797  5.956   1.00 10.77  ? 988  GLU A O   1 
ATOM   105  C CB  . GLU A 1 10  ? -1.433  16.541  7.696   1.00 11.13  ? 988  GLU A CB  1 
ATOM   106  C CG  . GLU A 1 10  ? -1.317  16.925  6.228   1.00 11.79  ? 988  GLU A CG  1 
ATOM   107  C CD  . GLU A 1 10  ? -0.909  18.324  5.884   1.00 14.94  ? 988  GLU A CD  1 
ATOM   108  O OE1 . GLU A 1 10  ? -0.732  18.621  4.640   1.00 15.51  ? 988  GLU A OE1 1 
ATOM   109  O OE2 . GLU A 1 10  ? -0.773  19.145  6.839   1.00 16.48  ? 988  GLU A OE2 1 
ATOM   110  N N   . LEU A 1 11  ? -0.721  13.360  7.527   1.00 10.37  ? 989  LEU A N   1 
ATOM   111  C CA  . LEU A 1 11  ? -0.220  12.181  6.803   1.00 10.86  ? 989  LEU A CA  1 
ATOM   112  C C   . LEU A 1 11  ? -1.367  11.201  6.610   1.00 11.13  ? 989  LEU A C   1 
ATOM   113  O O   . LEU A 1 11  ? -1.568  10.659  5.459   1.00 11.93  ? 989  LEU A O   1 
ATOM   114  C CB  . LEU A 1 11  ? 0.914   11.503  7.563   1.00 12.48  ? 989  LEU A CB  1 
ATOM   115  C CG  . LEU A 1 11  ? 1.393   10.172  6.980   1.00 13.10  ? 989  LEU A CG  1 
ATOM   116  C CD1 . LEU A 1 11  ? 2.050   10.355  5.638   1.00 14.97  ? 989  LEU A CD1 1 
ATOM   117  C CD2 . LEU A 1 11  ? 2.319   9.521   8.006   1.00 18.81  ? 989  LEU A CD2 1 
ATOM   118  N N   . ARG A 1 12  ? -2.156  10.854  7.639   1.00 11.25  ? 990  ARG A N   1 
ATOM   119  C CA  . ARG A 1 12  ? -3.239  9.844   7.510   1.00 11.40  ? 990  ARG A CA  1 
ATOM   120  C C   . ARG A 1 12  ? -4.291  10.350  6.527   1.00 11.19  ? 990  ARG A C   1 
ATOM   121  O O   . ARG A 1 12  ? -4.813  9.502   5.717   1.00 10.77  ? 990  ARG A O   1 
ATOM   122  C CB  . ARG A 1 12  ? -3.866  9.528   8.883   1.00 11.64  ? 990  ARG A CB  1 
ATOM   123  C CG  . ARG A 1 12  ? -2.906  8.805   9.810   1.00 11.97  ? 990  ARG A CG  1 
ATOM   124  C CD  . ARG A 1 12  ? -3.562  8.318   11.118  1.00 12.72  ? 990  ARG A CD  1 
ATOM   125  N NE  . ARG A 1 12  ? -4.154  9.374   11.965  1.00 13.33  ? 990  ARG A NE  1 
ATOM   126  C CZ  . ARG A 1 12  ? -3.477  10.001  12.937  1.00 13.20  ? 990  ARG A CZ  1 
ATOM   127  N NH1 . ARG A 1 12  ? -4.136  10.915  13.662  1.00 17.05  ? 990  ARG A NH1 1 
ATOM   128  N NH2 . ARG A 1 12  ? -2.243  9.757   13.203  1.00 14.65  ? 990  ARG A NH2 1 
ATOM   129  N N   . ILE A 1 13  ? -4.669  11.626  6.543   1.00 10.83  ? 991  ILE A N   1 
ATOM   130  C CA  . ILE A 1 13  ? -5.661  12.189  5.585   1.00 11.25  ? 991  ILE A CA  1 
ATOM   131  C C   . ILE A 1 13  ? -5.126  11.973  4.138   1.00 10.20  ? 991  ILE A C   1 
ATOM   132  O O   . ILE A 1 13  ? -5.899  11.439  3.242   1.00 11.54  ? 991  ILE A O   1 
ATOM   133  C CB  . ILE A 1 13  ? -5.971  13.666  5.878   1.00 13.60  ? 991  ILE A CB  1 
ATOM   134  C CG1 . ILE A 1 13  ? -6.752  13.726  7.202   1.00 17.52  ? 991  ILE A CG1 1 
ATOM   135  C CG2 . ILE A 1 13  ? -6.770  14.255  4.733   1.00 14.95  ? 991  ILE A CG2 1 
ATOM   136  C CD1 . ILE A 1 13  ? -6.715  15.085  7.865   1.00 20.70  ? 991  ILE A CD1 1 
ATOM   137  N N   . PHE A 1 14  ? -3.861  12.296  3.887   1.00 10.40  ? 992  PHE A N   1 
ATOM   138  C CA  . PHE A 1 14  ? -3.227  12.131  2.553   1.00 11.26  ? 992  PHE A CA  1 
ATOM   139  C C   . PHE A 1 14  ? -3.277  10.654  2.147   1.00 10.72  ? 992  PHE A C   1 
ATOM   140  O O   . PHE A 1 14  ? -3.690  10.319  0.993   1.00 11.64  ? 992  PHE A O   1 
ATOM   141  C CB  . PHE A 1 14  ? -1.814  12.697  2.578   1.00 11.39  ? 992  PHE A CB  1 
ATOM   142  C CG  . PHE A 1 14  ? -1.003  12.455  1.326   1.00 13.11  ? 992  PHE A CG  1 
ATOM   143  C CD1 . PHE A 1 14  ? -1.270  13.162  0.181   1.00 16.37  ? 992  PHE A CD1 1 
ATOM   144  C CD2 . PHE A 1 14  ? -0.012  11.500  1.318   1.00 15.04  ? 992  PHE A CD2 1 
ATOM   145  C CE1 . PHE A 1 14  ? -0.556  12.910  -1.012  1.00 16.76  ? 992  PHE A CE1 1 
ATOM   146  C CE2 . PHE A 1 14  ? 0.723   11.281  0.148   1.00 16.86  ? 992  PHE A CE2 1 
ATOM   147  C CZ  . PHE A 1 14  ? 0.413   11.966  -0.989  1.00 15.32  ? 992  PHE A CZ  1 
ATOM   148  N N   . LEU A 1 15  ? -2.863  9.741   3.028   1.00 10.79  ? 993  LEU A N   1 
ATOM   149  C CA  . LEU A 1 15  ? -2.813  8.301   2.690   1.00 10.58  ? 993  LEU A CA  1 
ATOM   150  C C   . LEU A 1 15  ? -4.211  7.741   2.454   1.00 10.69  ? 993  LEU A C   1 
ATOM   151  O O   . LEU A 1 15  ? -4.382  6.869   1.517   1.00 11.34  ? 993  LEU A O   1 
ATOM   152  C CB  . LEU A 1 15  ? -2.116  7.490   3.773   1.00 11.32  ? 993  LEU A CB  1 
ATOM   153  C CG  . LEU A 1 15  ? -0.632  7.812   4.015   1.00 12.52  ? 993  LEU A CG  1 
ATOM   154  C CD1 . LEU A 1 15  ? -0.052  6.960   5.173   1.00 13.68  ? 993  LEU A CD1 1 
ATOM   155  C CD2 . LEU A 1 15  ? 0.193   7.694   2.722   1.00 13.47  ? 993  LEU A CD2 1 
ATOM   156  N N   . ARG A 1 16  ? -5.249  8.115   3.186   1.00 11.05  ? 994  ARG A N   1 
ATOM   157  C CA  . ARG A 1 16  ? -6.607  7.628   2.941   1.00 10.79  ? 994  ARG A CA  1 
ATOM   158  C C   . ARG A 1 16  ? -7.058  8.075   1.545   1.00 11.88  ? 994  ARG A C   1 
ATOM   159  O O   . ARG A 1 16  ? -7.762  7.304   0.830   1.00 12.90  ? 994  ARG A O   1 
ATOM   160  C CB  . ARG A 1 16  ? -7.653  8.109   3.980   1.00 13.50  ? 994  ARG A CB  1 
ATOM   161  C CG  . ARG A 1 16  ? -7.472  7.645   5.404   1.00 15.32  ? 994  ARG A CG  1 
ATOM   162  C CD  . ARG A 1 16  ? -8.768  7.925   6.255   1.00 16.23  ? 994  ARG A CD  1 
ATOM   163  N NE  . ARG A 1 16  ? -8.370  7.767   7.630   1.00 16.44  ? 994  ARG A NE  1 
ATOM   164  C CZ  . ARG A 1 16  ? -7.817  8.626   8.408   1.00 15.63  ? 994  ARG A CZ  1 
ATOM   165  N NH1 . ARG A 1 16  ? -7.739  9.910   8.133   1.00 14.64  ? 994  ARG A NH1 1 
ATOM   166  N NH2 . ARG A 1 16  ? -7.389  8.172   9.597   1.00 19.71  ? 994  ARG A NH2 1 
ATOM   167  N N   . ASN A 1 17  ? -6.765  9.311   1.150   1.00 11.12  ? 995  ASN A N   1 
ATOM   168  C CA  . ASN A 1 17  ? -7.202  9.849   -0.169  1.00 12.12  ? 995  ASN A CA  1 
ATOM   169  C C   . ASN A 1 17  ? -6.486  9.078   -1.305  1.00 11.45  ? 995  ASN A C   1 
ATOM   170  O O   . ASN A 1 17  ? -7.222  8.648   -2.259  1.00 11.72  ? 995  ASN A O   1 
ATOM   171  C CB  . ASN A 1 17  ? -6.939  11.355  -0.209  1.00 12.79  ? 995  ASN A CB  1 
ATOM   172  C CG  . ASN A 1 17  ? -7.341  11.880  -1.566  1.00 17.17  ? 995  ASN A CG  1 
ATOM   173  O OD1 . ASN A 1 17  ? -6.496  11.970  -2.386  1.00 16.02  ? 995  ASN A OD1 1 
ATOM   174  N ND2 . ASN A 1 17  ? -8.623  12.102  -1.813  1.00 19.58  ? 995  ASN A ND2 1 
ATOM   175  N N   . VAL A 1 18  ? -5.183  8.873   -1.244  1.00 11.22  ? 996  VAL A N   1 
ATOM   176  C CA  . VAL A 1 18  ? -4.468  8.096   -2.295  1.00 11.33  ? 996  VAL A CA  1 
ATOM   177  C C   . VAL A 1 18  ? -5.090  6.689   -2.351  1.00 11.12  ? 996  VAL A C   1 
ATOM   178  O O   . VAL A 1 18  ? -5.391  6.134   -3.459  1.00 11.56  ? 996  VAL A O   1 
ATOM   179  C CB  . VAL A 1 18  ? -2.977  8.020   -1.997  1.00 11.97  ? 996  VAL A CB  1 
ATOM   180  C CG1 . VAL A 1 18  ? -2.258  7.094   -3.004  1.00 12.38  ? 996  VAL A CG1 1 
ATOM   181  C CG2 . VAL A 1 18  ? -2.332  9.411   -1.996  1.00 13.82  ? 996  VAL A CG2 1 
ATOM   182  N N   . THR A 1 19  ? -5.313  6.024   -1.218  1.00 10.99  ? 997  THR A N   1 
ATOM   183  C CA  . THR A 1 19  ? -5.791  4.621   -1.169  1.00 11.22  ? 997  THR A CA  1 
ATOM   184  C C   . THR A 1 19  ? -7.198  4.528   -1.783  1.00 11.76  ? 997  THR A C   1 
ATOM   185  O O   . THR A 1 19  ? -7.478  3.549   -2.535  1.00 12.46  ? 997  THR A O   1 
ATOM   186  C CB  . THR A 1 19  ? -5.734  4.035   0.253   1.00 10.98  ? 997  THR A CB  1 
ATOM   187  O OG1 . THR A 1 19  ? -4.421  4.225   0.798   1.00 11.66  ? 997  THR A OG1 1 
ATOM   188  C CG2 . THR A 1 19  ? -6.038  2.546   0.310   1.00 13.39  ? 997  THR A CG2 1 
ATOM   189  N N   . HIS A 1 20  ? -8.103  5.461   -1.475  0.30 12.02  ? 998  HIS A N   1 
ATOM   190  C CA  . HIS A 1 20  ? -9.485  5.407   -2.031  0.30 12.65  ? 998  HIS A CA  1 
ATOM   191  C C   . HIS A 1 20  ? -9.433  5.644   -3.554  0.30 12.89  ? 998  HIS A C   1 
ATOM   192  O O   . HIS A 1 20  ? -10.253 5.028   -4.262  0.30 12.81  ? 998  HIS A O   1 
ATOM   193  C CB  . HIS A 1 20  ? -10.458 6.324   -1.253  0.30 13.77  ? 998  HIS A CB  1 
ATOM   194  C CG  . HIS A 1 20  ? -10.951 5.767   0.051   0.30 14.92  ? 998  HIS A CG  1 
ATOM   195  N ND1 . HIS A 1 20  ? -11.577 4.523   0.174   0.30 15.07  ? 998  HIS A ND1 1 
ATOM   196  C CD2 . HIS A 1 20  ? -10.959 6.296   1.296   0.30 16.43  ? 998  HIS A CD2 1 
ATOM   197  C CE1 . HIS A 1 20  ? -11.901 4.314   1.432   0.30 16.01  ? 998  HIS A CE1 1 
ATOM   198  N NE2 . HIS A 1 20  ? -11.529 5.375   2.142   0.30 16.03  ? 998  HIS A NE2 1 
ATOM   199  N N   . ARG A 1 21  ? -8.496  6.459   -4.067  1.00 12.34  ? 999  ARG A N   1 
ATOM   200  C CA  . ARG A 1 21  ? -8.363  6.665   -5.543  1.00 13.77  ? 999  ARG A CA  1 
ATOM   201  C C   . ARG A 1 21  ? -7.894  5.345   -6.196  1.00 14.01  ? 999  ARG A C   1 
ATOM   202  O O   . ARG A 1 21  ? -8.339  5.031   -7.326  1.00 15.88  ? 999  ARG A O   1 
ATOM   203  C CB  . ARG A 1 21  ? -7.467  7.846   -5.895  1.00 13.46  ? 999  ARG A CB  1 
ATOM   204  C CG  . ARG A 1 21  ? -8.177  9.163   -5.529  1.00 15.60  ? 999  ARG A CG  1 
ATOM   205  C CD  . ARG A 1 21  ? -7.240  10.325  -5.201  1.00 15.30  ? 999  ARG A CD  1 
ATOM   206  N NE  . ARG A 1 21  ? -6.486  10.699  -6.363  1.00 16.33  ? 999  ARG A NE  1 
ATOM   207  C CZ  . ARG A 1 21  ? -5.459  11.529  -6.297  1.00 14.57  ? 999  ARG A CZ  1 
ATOM   208  N NH1 . ARG A 1 21  ? -4.780  11.850  -7.371  1.00 15.65  ? 999  ARG A NH1 1 
ATOM   209  N NH2 . ARG A 1 21  ? -5.111  12.068  -5.139  1.00 15.20  ? 999  ARG A NH2 1 
ATOM   210  N N   . LEU A 1 22  ? -6.997  4.584   -5.590  1.00 13.12  ? 1000 LEU A N   1 
ATOM   211  C CA  . LEU A 1 22  ? -6.585  3.262   -6.128  1.00 12.51  ? 1000 LEU A CA  1 
ATOM   212  C C   . LEU A 1 22  ? -7.763  2.305   -6.044  1.00 13.27  ? 1000 LEU A C   1 
ATOM   213  O O   . LEU A 1 22  ? -8.049  1.525   -7.027  1.00 14.36  ? 1000 LEU A O   1 
ATOM   214  C CB  . LEU A 1 22  ? -5.377  2.743   -5.337  1.00 12.72  ? 1000 LEU A CB  1 
ATOM   215  C CG  . LEU A 1 22  ? -4.109  3.596   -5.417  1.00 13.28  ? 1000 LEU A CG  1 
ATOM   216  C CD1 . LEU A 1 22  ? -3.045  3.067   -4.436  1.00 14.43  ? 1000 LEU A CD1 1 
ATOM   217  C CD2 . LEU A 1 22  ? -3.531  3.710   -6.823  1.00 14.49  ? 1000 LEU A CD2 1 
ATOM   218  N N   . ALA A 1 23  ? -8.501  2.243   -4.946  1.00 12.61  ? 1001 ALA A N   1 
ATOM   219  C CA  . ALA A 1 23  ? -9.540  1.228   -4.661  1.00 12.77  ? 1001 ALA A CA  1 
ATOM   220  C C   . ALA A 1 23  ? -10.753 1.380   -5.598  1.00 15.40  ? 1001 ALA A C   1 
ATOM   221  O O   . ALA A 1 23  ? -11.426 0.313   -5.826  1.00 17.20  ? 1001 ALA A O   1 
ATOM   222  C CB  . ALA A 1 23  ? -9.936  1.231   -3.212  1.00 15.33  ? 1001 ALA A CB  1 
ATOM   223  N N   . ILE A 1 24  ? -11.026 2.566   -6.109  1.00 14.76  ? 1002 ILE A N   1 
ATOM   224  C CA  . ILE A 1 24  ? -12.210 2.744   -6.999  1.00 16.59  ? 1002 ILE A CA  1 
ATOM   225  C C   . ILE A 1 24  ? -11.823 2.456   -8.444  1.00 17.96  ? 1002 ILE A C   1 
ATOM   226  O O   . ILE A 1 24  ? -12.762 2.475   -9.337  1.00 20.61  ? 1002 ILE A O   1 
ATOM   227  C CB  . ILE A 1 24  ? -12.888 4.119   -6.826  1.00 18.55  ? 1002 ILE A CB  1 
ATOM   228  C CG1 . ILE A 1 24  ? -11.998 5.268   -7.269  1.00 20.86  ? 1002 ILE A CG1 1 
ATOM   229  C CG2 . ILE A 1 24  ? -13.403 4.267   -5.421  1.00 21.59  ? 1002 ILE A CG2 1 
ATOM   230  C CD1 . ILE A 1 24  ? -12.689 6.697   -7.144  1.00 26.49  ? 1002 ILE A CD1 1 
ATOM   231  N N   . ASP A 1 25  ? -10.555 2.317   -8.833  1.00 16.15  ? 1003 ASP A N   1 
ATOM   232  C CA  . ASP A 1 25  ? -10.126 2.050   -10.236 1.00 17.53  ? 1003 ASP A CA  1 
ATOM   233  C C   . ASP A 1 25  ? -10.478 0.596   -10.579 1.00 19.44  ? 1003 ASP A C   1 
ATOM   234  O O   . ASP A 1 25  ? -10.058 -0.342  -9.889  1.00 17.65  ? 1003 ASP A O   1 
ATOM   235  C CB  . ASP A 1 25  ? -8.646  2.311   -10.388 1.00 17.43  ? 1003 ASP A CB  1 
ATOM   236  C CG  . ASP A 1 25  ? -8.123  2.349   -11.812 1.00 19.12  ? 1003 ASP A CG  1 
ATOM   237  O OD1 . ASP A 1 25  ? -8.358  1.321   -12.488 1.00 20.20  ? 1003 ASP A OD1 1 
ATOM   238  O OD2 . ASP A 1 25  ? -7.367  3.255   -12.156 1.00 21.96  ? 1003 ASP A OD2 1 
ATOM   239  N N   . LYS A 1 26  ? -11.331 0.393   -11.609 1.00 19.24  ? 1004 LYS A N   1 
ATOM   240  C CA  . LYS A 1 26  ? -11.767 -0.969  -11.989 1.00 20.52  ? 1004 LYS A CA  1 
ATOM   241  C C   . LYS A 1 26  ? -10.594 -1.961  -12.215 1.00 17.98  ? 1004 LYS A C   1 
ATOM   242  O O   . LYS A 1 26  ? -10.807 -3.188  -11.972 1.00 19.20  ? 1004 LYS A O   1 
ATOM   243  C CB  . LYS A 1 26  ? -12.686 -0.882  -13.242 1.00 25.41  ? 1004 LYS A CB  1 
ATOM   244  N N   . ARG A 1 27  ? -9.448  -1.490  -12.682 1.00 16.86  ? 1005 ARG A N   1 
ATOM   245  C CA  . ARG A 1 27  ? -8.274  -2.382  -12.936 1.00 16.54  ? 1005 ARG A CA  1 
ATOM   246  C C   . ARG A 1 27  ? -7.861  -3.092  -11.645 1.00 17.07  ? 1005 ARG A C   1 
ATOM   247  O O   . ARG A 1 27  ? -7.250  -4.178  -11.706 1.00 17.74  ? 1005 ARG A O   1 
ATOM   248  C CB  . ARG A 1 27  ? -7.065  -1.690  -13.502 1.00 16.37  ? 1005 ARG A CB  1 
ATOM   249  C CG  . ARG A 1 27  ? -7.293  -1.072  -14.893 1.00 18.54  ? 1005 ARG A CG  1 
ATOM   250  C CD  . ARG A 1 27  ? -6.102  -0.245  -15.291 1.00 19.15  ? 1005 ARG A CD  1 
ATOM   251  N NE  . ARG A 1 27  ? -6.043  1.016   -14.487 1.00 18.44  ? 1005 ARG A NE  1 
ATOM   252  C CZ  . ARG A 1 27  ? -5.054  1.868   -14.515 1.00 18.91  ? 1005 ARG A CZ  1 
ATOM   253  N NH1 . ARG A 1 27  ? -3.963  1.670   -15.244 1.00 20.48  ? 1005 ARG A NH1 1 
ATOM   254  N NH2 . ARG A 1 27  ? -5.119  2.955   -13.776 1.00 22.28  ? 1005 ARG A NH2 1 
ATOM   255  N N   . PHE A 1 28  ? -8.059  -2.435  -10.495 1.00 16.20  ? 1006 PHE A N   1 
ATOM   256  C CA  . PHE A 1 28  ? -7.432  -2.883  -9.211  1.00 15.02  ? 1006 PHE A CA  1 
ATOM   257  C C   . PHE A 1 28  ? -8.426  -3.576  -8.328  1.00 15.23  ? 1006 PHE A C   1 
ATOM   258  O O   . PHE A 1 28  ? -8.113  -3.842  -7.123  1.00 15.66  ? 1006 PHE A O   1 
ATOM   259  C CB  . PHE A 1 28  ? -6.818  -1.652  -8.534  1.00 14.39  ? 1006 PHE A CB  1 
ATOM   260  C CG  . PHE A 1 28  ? -5.841  -0.884  -9.395  1.00 15.06  ? 1006 PHE A CG  1 
ATOM   261  C CD1 . PHE A 1 28  ? -5.042  -1.524  -10.372 1.00 14.54  ? 1006 PHE A CD1 1 
ATOM   262  C CD2 . PHE A 1 28  ? -5.657  0.487   -9.261  1.00 14.33  ? 1006 PHE A CD2 1 
ATOM   263  C CE1 . PHE A 1 28  ? -4.176  -0.803  -11.153 1.00 15.73  ? 1006 PHE A CE1 1 
ATOM   264  C CE2 . PHE A 1 28  ? -4.808  1.217   -10.072 1.00 14.41  ? 1006 PHE A CE2 1 
ATOM   265  C CZ  . PHE A 1 28  ? -4.051  0.587   -11.039 1.00 15.25  ? 1006 PHE A CZ  1 
ATOM   266  N N   . ARG A 1 29  ? -9.608  -3.959  -8.817  1.00 15.78  ? 1007 ARG A N   1 
ATOM   267  C CA  . ARG A 1 29  ? -10.592 -4.655  -8.007  1.00 15.88  ? 1007 ARG A CA  1 
ATOM   268  C C   . ARG A 1 29  ? -10.043 -5.892  -7.282  1.00 16.43  ? 1007 ARG A C   1 
ATOM   269  O O   . ARG A 1 29  ? -10.423 -6.135  -6.127  1.00 17.55  ? 1007 ARG A O   1 
ATOM   270  C CB  . ARG A 1 29  ? -11.808 -5.033  -8.894  1.00 21.50  ? 1007 ARG A CB  1 
ATOM   271  C CG  . ARG A 1 29  ? -12.968 -5.584  -8.103  1.00 25.80  ? 1007 ARG A CG  1 
ATOM   272  C CD  . ARG A 1 29  ? -14.165 -5.922  -9.003  1.00 39.99  ? 1007 ARG A CD  1 
ATOM   273  N NE  . ARG A 1 29  ? -15.274 -6.330  -8.127  1.00 51.14  ? 1007 ARG A NE  1 
ATOM   274  C CZ  . ARG A 1 29  ? -15.322 -7.459  -7.399  1.00 73.16  ? 1007 ARG A CZ  1 
ATOM   275  N NH1 . ARG A 1 29  ? -16.368 -7.702  -6.622  1.00 82.62  ? 1007 ARG A NH1 1 
ATOM   276  N NH2 . ARG A 1 29  ? -14.330 -8.339  -7.437  1.00 81.51  ? 1007 ARG A NH2 1 
ATOM   277  N N   . VAL A 1 30  ? -9.229  -6.727  -7.947  1.00 17.09  ? 1008 VAL A N   1 
ATOM   278  C CA  . VAL A 1 30  ? -8.657  -7.966  -7.384  1.00 18.44  ? 1008 VAL A CA  1 
ATOM   279  C C   . VAL A 1 30  ? -7.781  -7.681  -6.136  1.00 17.17  ? 1008 VAL A C   1 
ATOM   280  O O   . VAL A 1 30  ? -7.601  -8.603  -5.293  1.00 21.33  ? 1008 VAL A O   1 
ATOM   281  C CB  . VAL A 1 30  ? -7.834  -8.705  -8.459  1.00 23.41  ? 1008 VAL A CB  1 
ATOM   282  C CG1 . VAL A 1 30  ? -6.648  -7.943  -9.023  1.00 24.91  ? 1008 VAL A CG1 1 
ATOM   283  C CG2 . VAL A 1 30  ? -7.424  -10.090 -8.045  1.00 33.02  ? 1008 VAL A CG2 1 
ATOM   284  N N   . PHE A 1 31  ? -7.304  -6.419  -5.990  1.00 15.93  ? 1009 PHE A N   1 
ATOM   285  C CA  . PHE A 1 31  ? -6.419  -6.046  -4.857  1.00 15.46  ? 1009 PHE A CA  1 
ATOM   286  C C   . PHE A 1 31  ? -7.217  -5.365  -3.726  1.00 15.37  ? 1009 PHE A C   1 
ATOM   287  O O   . PHE A 1 31  ? -6.571  -4.888  -2.745  1.00 15.33  ? 1009 PHE A O   1 
ATOM   288  C CB  . PHE A 1 31  ? -5.307  -5.129  -5.350  1.00 14.17  ? 1009 PHE A CB  1 
ATOM   289  C CG  . PHE A 1 31  ? -4.540  -5.672  -6.559  1.00 13.94  ? 1009 PHE A CG  1 
ATOM   290  C CD1 . PHE A 1 31  ? -3.869  -6.885  -6.486  1.00 15.79  ? 1009 PHE A CD1 1 
ATOM   291  C CD2 . PHE A 1 31  ? -4.470  -4.967  -7.756  1.00 17.13  ? 1009 PHE A CD2 1 
ATOM   292  C CE1 . PHE A 1 31  ? -3.198  -7.415  -7.585  1.00 16.59  ? 1009 PHE A CE1 1 
ATOM   293  C CE2 . PHE A 1 31  ? -3.808  -5.505  -8.869  1.00 18.72  ? 1009 PHE A CE2 1 
ATOM   294  C CZ  . PHE A 1 31  ? -3.180  -6.739  -8.792  1.00 17.64  ? 1009 PHE A CZ  1 
ATOM   295  N N   . THR A 1 32  ? -8.534  -5.264  -3.790  1.00 14.93  ? 1010 THR A N   1 
ATOM   296  C CA  . THR A 1 32  ? -9.352  -4.498  -2.799  1.00 16.19  ? 1010 THR A CA  1 
ATOM   297  C C   . THR A 1 32  ? -9.705  -5.253  -1.535  1.00 18.38  ? 1010 THR A C   1 
ATOM   298  O O   . THR A 1 32  ? -9.979  -4.548  -0.557  1.00 21.68  ? 1010 THR A O   1 
ATOM   299  C CB  . THR A 1 32  ? -10.612 -3.899  -3.405  1.00 18.39  ? 1010 THR A CB  1 
ATOM   300  O OG1 . THR A 1 32  ? -11.492 -4.914  -3.910  1.00 17.89  ? 1010 THR A OG1 1 
ATOM   301  C CG2 . THR A 1 32  ? -10.311 -2.897  -4.485  1.00 18.52  ? 1010 THR A CG2 1 
ATOM   302  N N   . LYS A 1 33  ? -9.671  -6.569  -1.540  1.00 18.02  ? 1011 LYS A N   1 
ATOM   303  C CA  . LYS A 1 33  ? -10.055 -7.410  -0.375  1.00 20.11  ? 1011 LYS A CA  1 
ATOM   304  C C   . LYS A 1 33  ? -9.075  -8.554  -0.242  1.00 18.14  ? 1011 LYS A C   1 
ATOM   305  O O   . LYS A 1 33  ? -8.426  -8.971  -1.219  1.00 18.79  ? 1011 LYS A O   1 
ATOM   306  C CB  . LYS A 1 33  ? -11.472 -7.979  -0.583  1.00 25.21  ? 1011 LYS A CB  1 
ATOM   307  C CG  . LYS A 1 33  ? -12.550 -6.920  -0.780  1.00 32.03  ? 1011 LYS A CG  1 
ATOM   308  C CD  . LYS A 1 33  ? -13.968 -7.467  -0.610  1.00 47.48  ? 1011 LYS A CD  1 
ATOM   309  C CE  . LYS A 1 33  ? -14.340 -8.532  -1.625  1.00 60.37  ? 1011 LYS A CE  1 
ATOM   310  N NZ  . LYS A 1 33  ? -15.661 -9.137  -1.310  1.00 71.26  ? 1011 LYS A NZ  1 
ATOM   311  N N   . PRO A 1 34  ? -8.978  -9.111  0.999   1.00 20.88  ? 1012 PRO A N   1 
ATOM   312  C CA  . PRO A 1 34  ? -8.179  -10.309 1.199   1.00 23.19  ? 1012 PRO A CA  1 
ATOM   313  C C   . PRO A 1 34  ? -8.672  -11.460 0.313   1.00 27.25  ? 1012 PRO A C   1 
ATOM   314  O O   . PRO A 1 34  ? -9.839  -11.524 -0.067  1.00 27.82  ? 1012 PRO A O   1 
ATOM   315  C CB  . PRO A 1 34  ? -8.296  -10.671 2.685   1.00 25.83  ? 1012 PRO A CB  1 
ATOM   316  C CG  . PRO A 1 34  ? -8.989  -9.508  3.323   1.00 27.01  ? 1012 PRO A CG  1 
ATOM   317  C CD  . PRO A 1 34  ? -9.640  -8.660  2.222   1.00 22.54  ? 1012 PRO A CD  1 
ATOM   318  N N   . VAL A 1 35  ? -7.761  -12.345 -0.035  1.00 28.45  ? 1013 VAL A N   1 
ATOM   319  C CA  . VAL A 1 35  ? -8.119  -13.623 -0.732  1.00 33.56  ? 1013 VAL A CA  1 
ATOM   320  C C   . VAL A 1 35  ? -8.982  -14.499 0.190   1.00 37.62  ? 1013 VAL A C   1 
ATOM   321  O O   . VAL A 1 35  ? -8.615  -14.714 1.369   1.00 39.04  ? 1013 VAL A O   1 
ATOM   322  C CB  . VAL A 1 35  ? -6.850  -14.355 -1.205  1.00 31.32  ? 1013 VAL A CB  1 
ATOM   323  C CG1 . VAL A 1 35  ? -7.202  -15.741 -1.775  1.00 33.50  ? 1013 VAL A CG1 1 
ATOM   324  C CG2 . VAL A 1 35  ? -6.106  -13.536 -2.225  1.00 29.44  ? 1013 VAL A CG2 1 
ATOM   325  N N   . ASP A 1 36  ? -10.088 -15.020 -0.349  1.00 43.66  ? 1014 ASP A N   1 
ATOM   326  C CA  . ASP A 1 36  ? -11.054 -15.861 0.410   1.00 54.33  ? 1014 ASP A CA  1 
ATOM   327  C C   . ASP A 1 36  ? -10.421 -17.247 0.576   1.00 49.49  ? 1014 ASP A C   1 
ATOM   328  O O   . ASP A 1 36  ? -10.197 -17.922 -0.421  1.00 46.88  ? 1014 ASP A O   1 
ATOM   329  C CB  . ASP A 1 36  ? -12.416 -15.857 -0.298  1.00 60.29  ? 1014 ASP A CB  1 
ATOM   330  C CG  . ASP A 1 36  ? -13.499 -16.693 0.373   1.00 72.86  ? 1014 ASP A CG  1 
ATOM   331  O OD1 . ASP A 1 36  ? -13.265 -17.201 1.504   1.00 68.66  ? 1014 ASP A OD1 1 
ATOM   332  O OD2 . ASP A 1 36  ? -14.576 -16.831 -0.247  1.00 81.39  ? 1014 ASP A OD2 1 
ATOM   333  N N   . PRO A 1 37  ? -10.039 -17.677 1.802   1.00 54.47  ? 1015 PRO A N   1 
ATOM   334  C CA  . PRO A 1 37  ? -9.418  -18.993 1.999   1.00 66.23  ? 1015 PRO A CA  1 
ATOM   335  C C   . PRO A 1 37  ? -10.255 -20.187 1.501   1.00 75.42  ? 1015 PRO A C   1 
ATOM   336  O O   . PRO A 1 37  ? -9.681  -21.231 1.239   1.00 80.41  ? 1015 PRO A O   1 
ATOM   337  C CB  . PRO A 1 37  ? -9.243  -19.123 3.518   1.00 62.64  ? 1015 PRO A CB  1 
ATOM   338  C CG  . PRO A 1 37  ? -9.290  -17.695 4.030   1.00 65.82  ? 1015 PRO A CG  1 
ATOM   339  C CD  . PRO A 1 37  ? -10.180 -16.932 3.062   1.00 59.39  ? 1015 PRO A CD  1 
ATOM   340  N N   . ASP A 1 38  ? -11.579 -20.014 1.395   1.00 81.42  ? 1016 ASP A N   1 
ATOM   341  C CA  . ASP A 1 38  ? -12.502 -21.036 0.836   1.00 83.30  ? 1016 ASP A CA  1 
ATOM   342  C C   . ASP A 1 38  ? -12.169 -21.246 -0.638  1.00 80.87  ? 1016 ASP A C   1 
ATOM   343  O O   . ASP A 1 38  ? -11.725 -22.352 -0.990  1.00 93.37  ? 1016 ASP A O   1 
ATOM   344  C CB  . ASP A 1 38  ? -13.965 -20.629 1.003   1.00 89.03  ? 1016 ASP A CB  1 
ATOM   345  C CG  . ASP A 1 38  ? -14.493 -20.909 2.394   1.00 93.26  ? 1016 ASP A CG  1 
ATOM   346  O OD1 . ASP A 1 38  ? -13.670 -21.251 3.287   1.00 85.95  ? 1016 ASP A OD1 1 
ATOM   347  O OD2 . ASP A 1 38  ? -15.720 -20.792 2.572   1.00 101.07 ? 1016 ASP A OD2 1 
ATOM   348  N N   . GLU A 1 39  ? -12.360 -20.205 -1.442  1.00 69.24  ? 1017 GLU A N   1 
ATOM   349  C CA  . GLU A 1 39  ? -12.078 -20.214 -2.900  1.00 69.86  ? 1017 GLU A CA  1 
ATOM   350  C C   . GLU A 1 39  ? -10.636 -20.642 -3.208  1.00 63.12  ? 1017 GLU A C   1 
ATOM   351  O O   . GLU A 1 39  ? -10.433 -21.239 -4.291  1.00 63.14  ? 1017 GLU A O   1 
ATOM   352  C CB  . GLU A 1 39  ? -12.255 -18.817 -3.487  1.00 79.30  ? 1017 GLU A CB  1 
ATOM   353  C CG  . GLU A 1 39  ? -13.678 -18.452 -3.831  1.00 85.29  ? 1017 GLU A CG  1 
ATOM   354  C CD  . GLU A 1 39  ? -13.700 -17.245 -4.749  1.00 95.83  ? 1017 GLU A CD  1 
ATOM   355  O OE1 . GLU A 1 39  ? -14.325 -16.231 -4.372  1.00 106.63 ? 1017 GLU A OE1 1 
ATOM   356  O OE2 . GLU A 1 39  ? -13.041 -17.311 -5.818  1.00 85.96  ? 1017 GLU A OE2 1 
ATOM   357  N N   . VAL A 1 40  ? -9.661  -20.268 -2.361  1.00 54.25  ? 1018 VAL A N   1 
ATOM   358  C CA  . VAL A 1 40  ? -8.204  -20.393 -2.691  1.00 46.73  ? 1018 VAL A CA  1 
ATOM   359  C C   . VAL A 1 40  ? -7.436  -20.850 -1.444  1.00 48.14  ? 1018 VAL A C   1 
ATOM   360  O O   . VAL A 1 40  ? -6.684  -20.065 -0.856  1.00 37.49  ? 1018 VAL A O   1 
ATOM   361  C CB  . VAL A 1 40  ? -7.678  -19.050 -3.246  1.00 48.53  ? 1018 VAL A CB  1 
ATOM   362  C CG1 . VAL A 1 40  ? -6.365  -19.207 -3.984  1.00 43.57  ? 1018 VAL A CG1 1 
ATOM   363  C CG2 . VAL A 1 40  ? -8.691  -18.356 -4.152  1.00 52.94  ? 1018 VAL A CG2 1 
ATOM   364  N N   . PRO A 1 41  ? -7.588  -22.125 -1.003  0.48 45.03  ? 1019 PRO A N   1 
ATOM   365  C CA  . PRO A 1 41  ? -6.907  -22.619 0.198   0.48 43.07  ? 1019 PRO A CA  1 
ATOM   366  C C   . PRO A 1 41  ? -5.375  -22.614 0.091   0.48 38.89  ? 1019 PRO A C   1 
ATOM   367  O O   . PRO A 1 41  ? -4.699  -22.522 1.105   0.48 41.32  ? 1019 PRO A O   1 
ATOM   368  C CB  . PRO A 1 41  ? -7.404  -24.070 0.340   0.48 45.03  ? 1019 PRO A CB  1 
ATOM   369  C CG  . PRO A 1 41  ? -8.672  -24.123 -0.491  0.48 44.73  ? 1019 PRO A CG  1 
ATOM   370  C CD  . PRO A 1 41  ? -8.436  -23.154 -1.630  0.48 46.80  ? 1019 PRO A CD  1 
ATOM   371  N N   . ASP A 1 42  ? -4.862  -22.710 -1.134  0.48 35.93  ? 1020 ASP A N   1 
ATOM   372  C CA  . ASP A 1 42  ? -3.408  -22.746 -1.440  0.48 33.42  ? 1020 ASP A CA  1 
ATOM   373  C C   . ASP A 1 42  ? -2.773  -21.352 -1.276  0.48 28.16  ? 1020 ASP A C   1 
ATOM   374  O O   . ASP A 1 42  ? -1.541  -21.283 -1.255  0.48 26.97  ? 1020 ASP A O   1 
ATOM   375  C CB  . ASP A 1 42  ? -3.183  -23.262 -2.861  0.48 35.99  ? 1020 ASP A CB  1 
ATOM   376  C CG  . ASP A 1 42  ? -4.058  -22.525 -3.857  0.48 38.46  ? 1020 ASP A CG  1 
ATOM   377  O OD1 . ASP A 1 42  ? -5.181  -23.010 -4.132  0.48 43.03  ? 1020 ASP A OD1 1 
ATOM   378  O OD2 . ASP A 1 42  ? -3.639  -21.448 -4.293  0.48 39.38  ? 1020 ASP A OD2 1 
ATOM   379  N N   . TYR A 1 43  ? -3.557  -20.271 -1.200  0.48 27.51  ? 1021 TYR A N   1 
ATOM   380  C CA  . TYR A 1 43  ? -2.995  -18.891 -1.245  0.48 24.95  ? 1021 TYR A CA  1 
ATOM   381  C C   . TYR A 1 43  ? -2.030  -18.695 -0.066  0.48 24.26  ? 1021 TYR A C   1 
ATOM   382  O O   . TYR A 1 43  ? -0.866  -18.287 -0.286  0.48 23.56  ? 1021 TYR A O   1 
ATOM   383  C CB  . TYR A 1 43  ? -4.077  -17.805 -1.263  0.48 23.16  ? 1021 TYR A CB  1 
ATOM   384  C CG  . TYR A 1 43  ? -3.532  -16.425 -1.557  0.48 21.66  ? 1021 TYR A CG  1 
ATOM   385  C CD1 . TYR A 1 43  ? -3.185  -16.052 -2.848  0.48 20.40  ? 1021 TYR A CD1 1 
ATOM   386  C CD2 . TYR A 1 43  ? -3.296  -15.517 -0.538  0.48 21.48  ? 1021 TYR A CD2 1 
ATOM   387  C CE1 . TYR A 1 43  ? -2.658  -14.795 -3.126  0.48 20.03  ? 1021 TYR A CE1 1 
ATOM   388  C CE2 . TYR A 1 43  ? -2.764  -14.261 -0.797  0.48 20.61  ? 1021 TYR A CE2 1 
ATOM   389  C CZ  . TYR A 1 43  ? -2.444  -13.898 -2.091  0.48 19.81  ? 1021 TYR A CZ  1 
ATOM   390  O OH  . TYR A 1 43  ? -1.918  -12.663 -2.343  0.48 19.29  ? 1021 TYR A OH  1 
ATOM   391  N N   . ARG A 1 44  ? -2.503  -18.993 1.145   1.00 25.31  ? 1022 ARG A N   1 
ATOM   392  C CA  . ARG A 1 44  ? -1.728  -18.766 2.390   1.00 26.71  ? 1022 ARG A CA  1 
ATOM   393  C C   . ARG A 1 44  ? -0.550  -19.734 2.605   1.00 27.17  ? 1022 ARG A C   1 
ATOM   394  O O   . ARG A 1 44  ? 0.285   -19.446 3.440   1.00 31.92  ? 1022 ARG A O   1 
ATOM   395  C CB  . ARG A 1 44  ? -2.704  -18.619 3.548   1.00 30.53  ? 1022 ARG A CB  1 
ATOM   396  C CG  . ARG A 1 44  ? -3.338  -17.234 3.567   1.00 34.19  ? 1022 ARG A CG  1 
ATOM   397  C CD  . ARG A 1 44  ? -4.531  -17.091 4.495   1.00 42.20  ? 1022 ARG A CD  1 
ATOM   398  N NE  . ARG A 1 44  ? -5.138  -15.789 4.234   1.00 45.37  ? 1022 ARG A NE  1 
ATOM   399  C CZ  . ARG A 1 44  ? -5.926  -15.480 3.195   1.00 55.15  ? 1022 ARG A CZ  1 
ATOM   400  N NH1 . ARG A 1 44  ? -6.309  -16.396 2.294   1.00 40.23  ? 1022 ARG A NH1 1 
ATOM   401  N NH2 . ARG A 1 44  ? -6.383  -14.233 3.115   1.00 56.89  ? 1022 ARG A NH2 1 
ATOM   402  N N   . THR A 1 45  ? -0.474  -20.832 1.846   0.48 28.50  ? 1023 THR A N   1 
ATOM   403  C CA  . THR A 1 45  ? 0.696   -21.750 1.904   0.48 29.28  ? 1023 THR A CA  1 
ATOM   404  C C   . THR A 1 45  ? 1.804   -21.194 0.994   0.48 26.97  ? 1023 THR A C   1 
ATOM   405  O O   . THR A 1 45  ? 2.990   -21.468 1.276   0.48 29.37  ? 1023 THR A O   1 
ATOM   406  C CB  . THR A 1 45  ? 0.323   -23.228 1.689   0.48 30.50  ? 1023 THR A CB  1 
ATOM   407  O OG1 . THR A 1 45  ? 1.385   -23.853 0.963   0.48 32.27  ? 1023 THR A OG1 1 
ATOM   408  C CG2 . THR A 1 45  ? -0.982  -23.467 0.966   0.48 29.44  ? 1023 THR A CG2 1 
ATOM   409  N N   . VAL A 1 46  ? 1.452   -20.388 -0.017  0.48 23.95  ? 1024 VAL A N   1 
ATOM   410  C CA  . VAL A 1 46  ? 2.414   -19.747 -0.963  0.48 22.71  ? 1024 VAL A CA  1 
ATOM   411  C C   . VAL A 1 46  ? 2.873   -18.387 -0.396  0.48 20.75  ? 1024 VAL A C   1 
ATOM   412  O O   . VAL A 1 46  ? 4.086   -18.117 -0.354  0.48 22.05  ? 1024 VAL A O   1 
ATOM   413  C CB  . VAL A 1 46  ? 1.773   -19.559 -2.359  0.48 22.80  ? 1024 VAL A CB  1 
ATOM   414  C CG1 . VAL A 1 46  ? 2.721   -18.846 -3.312  0.48 23.27  ? 1024 VAL A CG1 1 
ATOM   415  C CG2 . VAL A 1 46  ? 1.283   -20.872 -2.967  0.48 24.23  ? 1024 VAL A CG2 1 
ATOM   416  N N   . ILE A 1 47  ? 1.908   -17.540 -0.041  1.00 19.25  ? 1025 ILE A N   1 
ATOM   417  C CA  . ILE A 1 47  ? 2.120   -16.109 0.296   1.00 17.00  ? 1025 ILE A CA  1 
ATOM   418  C C   . ILE A 1 47  ? 2.144   -15.952 1.847   1.00 15.71  ? 1025 ILE A C   1 
ATOM   419  O O   . ILE A 1 47  ? 1.114   -16.143 2.466   1.00 18.25  ? 1025 ILE A O   1 
ATOM   420  C CB  . ILE A 1 47  ? 1.050   -15.254 -0.415  1.00 15.99  ? 1025 ILE A CB  1 
ATOM   421  C CG1 . ILE A 1 47  ? 1.149   -15.367 -1.948  1.00 18.00  ? 1025 ILE A CG1 1 
ATOM   422  C CG2 . ILE A 1 47  ? 1.205   -13.811 0.041   1.00 16.75  ? 1025 ILE A CG2 1 
ATOM   423  C CD1 . ILE A 1 47  ? 2.425   -14.983 -2.531  1.00 18.31  ? 1025 ILE A CD1 1 
ATOM   424  N N   . LYS A 1 48  ? 3.308   -15.642 2.311   1.00 16.98  ? 1026 LYS A N   1 
ATOM   425  C CA  . LYS A 1 48  ? 3.528   -15.661 3.790   1.00 17.15  ? 1026 LYS A CA  1 
ATOM   426  C C   . LYS A 1 48  ? 3.025   -14.375 4.444   1.00 18.94  ? 1026 LYS A C   1 
ATOM   427  O O   . LYS A 1 48  ? 2.625   -14.457 5.647   1.00 18.42  ? 1026 LYS A O   1 
ATOM   428  C CB  . LYS A 1 48  ? 5.001   -15.811 4.068   1.00 18.53  ? 1026 LYS A CB  1 
ATOM   429  C CG  . LYS A 1 48  ? 5.621   -17.147 3.607   1.00 20.43  ? 1026 LYS A CG  1 
ATOM   430  C CD  . LYS A 1 48  ? 4.925   -18.357 4.084   1.00 24.00  ? 1026 LYS A CD  1 
ATOM   431  C CE  . LYS A 1 48  ? 5.548   -19.646 3.556   1.00 26.16  ? 1026 LYS A CE  1 
ATOM   432  N NZ  . LYS A 1 48  ? 4.679   -20.782 3.908   1.00 27.68  ? 1026 LYS A NZ  1 
ATOM   433  N N   . GLU A 1 49  ? 2.956   -13.241 3.740   1.00 16.15  ? 1027 GLU A N   1 
ATOM   434  C CA  . GLU A 1 49  ? 2.407   -11.961 4.343   1.00 15.40  ? 1027 GLU A CA  1 
ATOM   435  C C   . GLU A 1 49  ? 1.383   -11.367 3.340   1.00 14.88  ? 1027 GLU A C   1 
ATOM   436  O O   . GLU A 1 49  ? 1.720   -10.437 2.573   1.00 14.85  ? 1027 GLU A O   1 
ATOM   437  C CB  . GLU A 1 49  ? 3.501   -10.993 4.707   1.00 15.87  ? 1027 GLU A CB  1 
ATOM   438  C CG  . GLU A 1 49  ? 2.961   -9.874  5.611   1.00 15.81  ? 1027 GLU A CG  1 
ATOM   439  C CD  . GLU A 1 49  ? 3.922   -8.850  6.141   1.00 17.18  ? 1027 GLU A CD  1 
ATOM   440  O OE1 . GLU A 1 49  ? 5.122   -8.931  5.879   1.00 18.88  ? 1027 GLU A OE1 1 
ATOM   441  O OE2 . GLU A 1 49  ? 3.395   -7.920  6.911   1.00 17.93  ? 1027 GLU A OE2 1 
ATOM   442  N N   . PRO A 1 50  ? 0.160   -11.859 3.330   1.00 13.62  ? 1028 PRO A N   1 
ATOM   443  C CA  . PRO A 1 50  ? -0.882  -11.297 2.466   1.00 14.17  ? 1028 PRO A CA  1 
ATOM   444  C C   . PRO A 1 50  ? -1.084  -9.802  2.719   1.00 14.66  ? 1028 PRO A C   1 
ATOM   445  O O   . PRO A 1 50  ? -0.965  -9.321  3.889   1.00 15.47  ? 1028 PRO A O   1 
ATOM   446  C CB  . PRO A 1 50  ? -2.159  -12.084 2.761   1.00 17.29  ? 1028 PRO A CB  1 
ATOM   447  C CG  . PRO A 1 50  ? -1.631  -13.408 3.306   1.00 20.48  ? 1028 PRO A CG  1 
ATOM   448  C CD  . PRO A 1 50  ? -0.368  -13.043 4.051   1.00 16.01  ? 1028 PRO A CD  1 
ATOM   449  N N   . MET A 1 51  ? -1.496  -9.042  1.669   1.00 14.10  ? 1029 MET A N   1 
ATOM   450  C CA  . MET A 1 51  ? -1.800  -7.593  1.851   1.00 13.45  ? 1029 MET A CA  1 
ATOM   451  C C   . MET A 1 51  ? -2.807  -7.180  0.762   1.00 13.07  ? 1029 MET A C   1 
ATOM   452  O O   . MET A 1 51  ? -2.772  -7.755  -0.339  1.00 14.33  ? 1029 MET A O   1 
ATOM   453  C CB  . MET A 1 51  ? -0.520  -6.745  1.829   1.00 13.30  ? 1029 MET A CB  1 
ATOM   454  C CG  . MET A 1 51  ? -0.690  -5.270  2.238   1.00 13.13  ? 1029 MET A CG  1 
ATOM   455  S SD  . MET A 1 51  ? -1.497  -4.936  3.812   1.00 15.23  ? 1029 MET A SD  1 
ATOM   456  C CE  . MET A 1 51  ? -0.414  -5.813  4.982   1.00 16.72  ? 1029 MET A CE  1 
ATOM   457  N N   . ASP A 1 52  ? -3.674  -6.235  1.109   1.00 12.69  ? 1030 ASP A N   1 
ATOM   458  C CA  . ASP A 1 52  ? -4.711  -5.734  0.165   1.00 12.50  ? 1030 ASP A CA  1 
ATOM   459  C C   . ASP A 1 52  ? -5.127  -4.319  0.576   1.00 13.00  ? 1030 ASP A C   1 
ATOM   460  O O   . ASP A 1 52  ? -4.762  -3.863  1.691   1.00 13.44  ? 1030 ASP A O   1 
ATOM   461  C CB  . ASP A 1 52  ? -5.921  -6.683  0.199   1.00 14.67  ? 1030 ASP A CB  1 
ATOM   462  C CG  . ASP A 1 52  ? -6.663  -6.607  1.543   1.00 16.69  ? 1030 ASP A CG  1 
ATOM   463  O OD1 . ASP A 1 52  ? -6.219  -7.317  2.526   1.00 20.89  ? 1030 ASP A OD1 1 
ATOM   464  O OD2 . ASP A 1 52  ? -7.532  -5.758  1.694   1.00 20.43  ? 1030 ASP A OD2 1 
ATOM   465  N N   . LEU A 1 53  ? -5.879  -3.606  -0.261  1.00 12.72  ? 1031 LEU A N   1 
ATOM   466  C CA  . LEU A 1 53  ? -6.183  -2.170  -0.012  1.00 12.71  ? 1031 LEU A CA  1 
ATOM   467  C C   . LEU A 1 53  ? -7.128  -1.949  1.188   1.00 13.98  ? 1031 LEU A C   1 
ATOM   468  O O   . LEU A 1 53  ? -7.030  -0.908  1.831   1.00 14.57  ? 1031 LEU A O   1 
ATOM   469  C CB  . LEU A 1 53  ? -6.705  -1.502  -1.303  1.00 13.07  ? 1031 LEU A CB  1 
ATOM   470  C CG  . LEU A 1 53  ? -5.718  -1.466  -2.468  1.00 13.08  ? 1031 LEU A CG  1 
ATOM   471  C CD1 . LEU A 1 53  ? -6.420  -0.982  -3.743  1.00 15.22  ? 1031 LEU A CD1 1 
ATOM   472  C CD2 . LEU A 1 53  ? -4.502  -0.593  -2.189  1.00 13.84  ? 1031 LEU A CD2 1 
ATOM   473  N N   . SER A 1 54  ? -8.019  -2.901  1.498   0.30 14.62  ? 1032 SER A N   1 
ATOM   474  C CA  . SER A 1 54  ? -8.913  -2.805  2.688   0.30 15.15  ? 1032 SER A CA  1 
ATOM   475  C C   . SER A 1 54  ? -8.083  -2.935  3.974   0.30 14.87  ? 1032 SER A C   1 
ATOM   476  O O   . SER A 1 54  ? -8.376  -2.211  4.958   0.30 15.07  ? 1032 SER A O   1 
ATOM   477  C CB  . SER A 1 54  ? -10.068 -3.798  2.637   0.30 16.25  ? 1032 SER A CB  1 
ATOM   478  O OG  . SER A 1 54  ? -9.637  -5.131  2.867   0.30 17.12  ? 1032 SER A OG  1 
ATOM   479  N N   . SER A 1 55  ? -7.085  -3.820  3.976   1.00 14.17  ? 1033 SER A N   1 
ATOM   480  C CA  . SER A 1 55  ? -6.150  -3.966  5.124   1.00 14.40  ? 1033 SER A CA  1 
ATOM   481  C C   . SER A 1 55  ? -5.333  -2.680  5.237   1.00 12.81  ? 1033 SER A C   1 
ATOM   482  O O   . SER A 1 55  ? -5.049  -2.221  6.379   1.00 12.94  ? 1033 SER A O   1 
ATOM   483  C CB  . SER A 1 55  ? -5.306  -5.190  5.025   1.00 14.37  ? 1033 SER A CB  1 
ATOM   484  O OG  . SER A 1 55  ? -6.189  -6.325  5.015   1.00 18.72  ? 1033 SER A OG  1 
ATOM   485  N N   . VAL A 1 56  ? -4.882  -2.085  4.141   1.00 12.72  ? 1034 VAL A N   1 
ATOM   486  C CA  . VAL A 1 56  ? -4.119  -0.786  4.188   1.00 12.89  ? 1034 VAL A CA  1 
ATOM   487  C C   . VAL A 1 56  ? -4.950  0.300   4.865   1.00 12.84  ? 1034 VAL A C   1 
ATOM   488  O O   . VAL A 1 56  ? -4.411  1.026   5.716   1.00 12.62  ? 1034 VAL A O   1 
ATOM   489  C CB  . VAL A 1 56  ? -3.597  -0.428  2.767   1.00 12.26  ? 1034 VAL A CB  1 
ATOM   490  C CG1 . VAL A 1 56  ? -3.030  1.000   2.752   1.00 13.66  ? 1034 VAL A CG1 1 
ATOM   491  C CG2 . VAL A 1 56  ? -2.521  -1.349  2.323   1.00 12.92  ? 1034 VAL A CG2 1 
ATOM   492  N N   . ILE A 1 57  ? -6.227  0.450   4.494   0.30 13.39  ? 1035 ILE A N   1 
ATOM   493  C CA  . ILE A 1 57  ? -7.131  1.449   5.149   0.30 14.13  ? 1035 ILE A CA  1 
ATOM   494  C C   . ILE A 1 57  ? -7.190  1.173   6.657   0.30 14.17  ? 1035 ILE A C   1 
ATOM   495  O O   . ILE A 1 57  ? -7.063  2.128   7.451   0.30 14.62  ? 1035 ILE A O   1 
ATOM   496  C CB  . ILE A 1 57  ? -8.541  1.450   4.530   0.30 15.88  ? 1035 ILE A CB  1 
ATOM   497  C CG1 . ILE A 1 57  ? -8.522  2.056   3.127   0.30 16.79  ? 1035 ILE A CG1 1 
ATOM   498  C CG2 . ILE A 1 57  ? -9.528  2.162   5.445   0.30 16.69  ? 1035 ILE A CG2 1 
ATOM   499  C CD1 . ILE A 1 57  ? -8.164  3.519   3.079   0.30 17.60  ? 1035 ILE A CD1 1 
ATOM   500  N N   . SER A 1 58  ? -7.373  -0.092  7.046   1.00 13.38  ? 1036 SER A N   1 
ATOM   501  C CA  . SER A 1 58  ? -7.407  -0.454  8.486   1.00 13.96  ? 1036 SER A CA  1 
ATOM   502  C C   . SER A 1 58  ? -6.100  -0.059  9.171   1.00 13.22  ? 1036 SER A C   1 
ATOM   503  O O   . SER A 1 58  ? -6.086  0.474   10.302  1.00 13.70  ? 1036 SER A O   1 
ATOM   504  C CB  . SER A 1 58  ? -7.674  -1.948  8.688   1.00 15.06  ? 1036 SER A CB  1 
ATOM   505  O OG  . SER A 1 58  ? -9.015  -2.274  8.301   1.00 19.50  ? 1036 SER A OG  1 
ATOM   506  N N   . LYS A 1 59  ? -4.943  -0.323  8.558   1.00 12.13  ? 1037 LYS A N   1 
ATOM   507  C CA  . LYS A 1 59  ? -3.613  0.018   9.120   1.00 12.04  ? 1037 LYS A CA  1 
ATOM   508  C C   . LYS A 1 59  ? -3.433  1.549   9.264   1.00 13.05  ? 1037 LYS A C   1 
ATOM   509  O O   . LYS A 1 59  ? -2.819  2.013   10.253  1.00 12.28  ? 1037 LYS A O   1 
ATOM   510  C CB  . LYS A 1 59  ? -2.492  -0.659  8.318   1.00 11.65  ? 1037 LYS A CB  1 
ATOM   511  C CG  . LYS A 1 59  ? -2.420  -2.186  8.467   1.00 12.13  ? 1037 LYS A CG  1 
ATOM   512  C CD  . LYS A 1 59  ? -1.226  -2.822  7.782   1.00 13.00  ? 1037 LYS A CD  1 
ATOM   513  C CE  . LYS A 1 59  ? 0.090   -2.424  8.366   1.00 14.44  ? 1037 LYS A CE  1 
ATOM   514  N NZ  . LYS A 1 59  ? 1.254   -3.212  7.852   1.00 15.40  ? 1037 LYS A NZ  1 
ATOM   515  N N   . ILE A 1 60  ? -3.915  2.354   8.317   1.00 12.28  ? 1038 ILE A N   1 
ATOM   516  C CA  . ILE A 1 60  ? -3.818  3.844   8.439   1.00 12.65  ? 1038 ILE A CA  1 
ATOM   517  C C   . ILE A 1 60  ? -4.542  4.231   9.724   1.00 12.79  ? 1038 ILE A C   1 
ATOM   518  O O   . ILE A 1 60  ? -3.975  5.001   10.549  1.00 13.14  ? 1038 ILE A O   1 
ATOM   519  C CB  . ILE A 1 60  ? -4.444  4.549   7.211   1.00 12.69  ? 1038 ILE A CB  1 
ATOM   520  C CG1 . ILE A 1 60  ? -3.646  4.292   5.913   1.00 13.53  ? 1038 ILE A CG1 1 
ATOM   521  C CG2 . ILE A 1 60  ? -4.539  6.051   7.551   1.00 13.78  ? 1038 ILE A CG2 1 
ATOM   522  C CD1 . ILE A 1 60  ? -4.412  4.671   4.637   1.00 14.99  ? 1038 ILE A CD1 1 
ATOM   523  N N   . ASP A 1 61  ? -5.732  3.725   9.951   1.00 13.18  ? 1039 ASP A N   1 
ATOM   524  C CA  . ASP A 1 61  ? -6.603  4.093   11.106  1.00 14.73  ? 1039 ASP A CA  1 
ATOM   525  C C   . ASP A 1 61  ? -6.025  3.559   12.432  1.00 16.55  ? 1039 ASP A C   1 
ATOM   526  O O   . ASP A 1 61  ? -6.303  4.183   13.495  1.00 18.58  ? 1039 ASP A O   1 
ATOM   527  C CB  . ASP A 1 61  ? -8.048  3.650   10.867  1.00 15.79  ? 1039 ASP A CB  1 
ATOM   528  C CG  . ASP A 1 61  ? -8.786  4.366   9.737   1.00 20.16  ? 1039 ASP A CG  1 
ATOM   529  O OD1 . ASP A 1 61  ? -8.322  5.486   9.360   1.00 22.15  ? 1039 ASP A OD1 1 
ATOM   530  O OD2 . ASP A 1 61  ? -9.837  3.885   9.269   1.00 20.94  ? 1039 ASP A OD2 1 
ATOM   531  N N   . LEU A 1 62  ? -5.263  2.469   12.409  1.00 13.97  ? 1040 LEU A N   1 
ATOM   532  C CA  . LEU A 1 62  ? -4.534  1.941   13.589  1.00 14.19  ? 1040 LEU A CA  1 
ATOM   533  C C   . LEU A 1 62  ? -3.231  2.681   13.832  1.00 15.87  ? 1040 LEU A C   1 
ATOM   534  O O   . LEU A 1 62  ? -2.447  2.339   14.772  1.00 17.47  ? 1040 LEU A O   1 
ATOM   535  C CB  . LEU A 1 62  ? -4.300  0.440   13.401  1.00 14.25  ? 1040 LEU A CB  1 
ATOM   536  C CG  . LEU A 1 62  ? -5.498  -0.464  13.509  1.00 15.53  ? 1040 LEU A CG  1 
ATOM   537  C CD1 . LEU A 1 62  ? -5.199  -1.846  12.952  1.00 16.39  ? 1040 LEU A CD1 1 
ATOM   538  C CD2 . LEU A 1 62  ? -5.971  -0.589  14.966  1.00 17.57  ? 1040 LEU A CD2 1 
ATOM   539  N N   . HIS A 1 63  ? -2.869  3.707   13.040  1.00 14.05  ? 1041 HIS A N   1 
ATOM   540  C CA  . HIS A 1 63  ? -1.636  4.506   13.206  1.00 13.84  ? 1041 HIS A CA  1 
ATOM   541  C C   . HIS A 1 63  ? -0.407  3.647   12.989  1.00 14.67  ? 1041 HIS A C   1 
ATOM   542  O O   . HIS A 1 63  ? 0.699   3.902   13.552  1.00 17.13  ? 1041 HIS A O   1 
ATOM   543  C CB  . HIS A 1 63  ? -1.580  5.283   14.560  1.00 16.44  ? 1041 HIS A CB  1 
ATOM   544  C CG  . HIS A 1 63  ? -2.707  6.213   14.770  1.00 16.33  ? 1041 HIS A CG  1 
ATOM   545  N ND1 . HIS A 1 63  ? -2.676  7.135   15.835  1.00 22.58  ? 1041 HIS A ND1 1 
ATOM   546  C CD2 . HIS A 1 63  ? -3.895  6.368   14.180  1.00 16.41  ? 1041 HIS A CD2 1 
ATOM   547  C CE1 . HIS A 1 63  ? -3.822  7.812   15.776  1.00 18.13  ? 1041 HIS A CE1 1 
ATOM   548  N NE2 . HIS A 1 63  ? -4.633  7.405   14.834  1.00 21.03  ? 1041 HIS A NE2 1 
ATOM   549  N N   . LYS A 1 64  ? -0.472  2.687   12.038  1.00 13.57  ? 1042 LYS A N   1 
ATOM   550  C CA  . LYS A 1 64  ? 0.671   1.839   11.692  1.00 13.81  ? 1042 LYS A CA  1 
ATOM   551  C C   . LYS A 1 64  ? 1.730   2.574   10.842  1.00 14.25  ? 1042 LYS A C   1 
ATOM   552  O O   . LYS A 1 64  ? 2.900   2.105   10.765  1.00 15.96  ? 1042 LYS A O   1 
ATOM   553  C CB  . LYS A 1 64  ? 0.232   0.549   11.001  1.00 13.98  ? 1042 LYS A CB  1 
ATOM   554  C CG  . LYS A 1 64  ? -0.665  -0.387  11.772  1.00 16.88  ? 1042 LYS A CG  1 
ATOM   555  C CD  . LYS A 1 64  ? 0.036   -1.354  12.650  1.00 18.46  ? 1042 LYS A CD  1 
ATOM   556  C CE  . LYS A 1 64  ? -0.889  -2.421  13.211  1.00 17.42  ? 1042 LYS A CE  1 
ATOM   557  N NZ  . LYS A 1 64  ? -0.078  -3.328  14.062  1.00 20.08  ? 1042 LYS A NZ  1 
ATOM   558  N N   . TYR A 1 65  ? 1.326   3.582   10.051  1.00 13.49  ? 1043 TYR A N   1 
ATOM   559  C CA  . TYR A 1 65  ? 2.233   4.297   9.147   1.00 13.64  ? 1043 TYR A CA  1 
ATOM   560  C C   . TYR A 1 65  ? 2.561   5.686   9.733   1.00 14.05  ? 1043 TYR A C   1 
ATOM   561  O O   . TYR A 1 65  ? 1.638   6.520   9.970   1.00 16.87  ? 1043 TYR A O   1 
ATOM   562  C CB  . TYR A 1 65  ? 1.613   4.434   7.741   1.00 13.92  ? 1043 TYR A CB  1 
ATOM   563  C CG  . TYR A 1 65  ? 1.082   3.149   7.099   1.00 12.73  ? 1043 TYR A CG  1 
ATOM   564  C CD1 . TYR A 1 65  ? 1.920   2.084   6.819   1.00 13.13  ? 1043 TYR A CD1 1 
ATOM   565  C CD2 . TYR A 1 65  ? -0.250  3.029   6.765   1.00 12.04  ? 1043 TYR A CD2 1 
ATOM   566  C CE1 . TYR A 1 65  ? 1.429   0.899   6.255   1.00 13.30  ? 1043 TYR A CE1 1 
ATOM   567  C CE2 . TYR A 1 65  ? -0.768  1.858   6.165   1.00 12.61  ? 1043 TYR A CE2 1 
ATOM   568  C CZ  . TYR A 1 65  ? 0.085   0.811   5.912   1.00 11.98  ? 1043 TYR A CZ  1 
ATOM   569  O OH  . TYR A 1 65  ? -0.423  -0.339  5.317   1.00 13.25  ? 1043 TYR A OH  1 
ATOM   570  N N   A LEU A 1 66  ? 3.859   5.930   9.951   0.14 14.97  ? 1044 LEU A N   1 
ATOM   571  N N   B LEU A 1 66  ? 3.850   5.943   9.956   0.23 14.44  ? 1044 LEU A N   1 
ATOM   572  N N   C LEU A 1 66  ? 3.859   5.930   9.951   0.14 14.97  ? 1044 LEU A N   1 
ATOM   573  C CA  A LEU A 1 66  ? 4.400   7.235   10.427  0.14 15.37  ? 1044 LEU A CA  1 
ATOM   574  C CA  B LEU A 1 66  ? 4.322   7.280   10.404  0.23 14.46  ? 1044 LEU A CA  1 
ATOM   575  C CA  C LEU A 1 66  ? 4.400   7.235   10.427  0.14 15.37  ? 1044 LEU A CA  1 
ATOM   576  C C   A LEU A 1 66  ? 5.154   7.940   9.299   0.14 15.08  ? 1044 LEU A C   1 
ATOM   577  C C   B LEU A 1 66  ? 5.013   7.997   9.249   0.23 14.58  ? 1044 LEU A C   1 
ATOM   578  C C   C LEU A 1 66  ? 5.154   7.940   9.299   0.14 15.08  ? 1044 LEU A C   1 
ATOM   579  O O   A LEU A 1 66  ? 5.640   9.073   9.526   0.14 15.35  ? 1044 LEU A O   1 
ATOM   580  O O   B LEU A 1 66  ? 5.234   9.224   9.373   0.23 14.25  ? 1044 LEU A O   1 
ATOM   581  O O   C LEU A 1 66  ? 5.640   9.073   9.526   0.14 15.35  ? 1044 LEU A O   1 
ATOM   582  C CB  A LEU A 1 66  ? 5.344   7.004   11.616  0.14 17.01  ? 1044 LEU A CB  1 
ATOM   583  C CB  B LEU A 1 66  ? 5.262   7.142   11.613  0.23 16.13  ? 1044 LEU A CB  1 
ATOM   584  C CB  C LEU A 1 66  ? 5.344   7.004   11.616  0.14 17.01  ? 1044 LEU A CB  1 
ATOM   585  C CG  A LEU A 1 66  ? 4.723   6.343   12.847  0.14 18.52  ? 1044 LEU A CG  1 
ATOM   586  C CG  B LEU A 1 66  ? 4.570   7.078   12.977  0.23 17.34  ? 1044 LEU A CG  1 
ATOM   587  C CG  C LEU A 1 66  ? 4.723   6.343   12.847  0.14 18.52  ? 1044 LEU A CG  1 
ATOM   588  C CD1 A LEU A 1 66  ? 5.720   6.321   13.997  0.14 20.26  ? 1044 LEU A CD1 1 
ATOM   589  C CD1 B LEU A 1 66  ? 3.849   5.751   13.152  0.23 18.40  ? 1044 LEU A CD1 1 
ATOM   590  C CD1 C LEU A 1 66  ? 5.720   6.321   13.997  0.14 20.26  ? 1044 LEU A CD1 1 
ATOM   591  C CD2 A LEU A 1 66  ? 3.438   7.048   13.257  0.14 18.68  ? 1044 LEU A CD2 1 
ATOM   592  C CD2 B LEU A 1 66  ? 5.570   7.288   14.103  0.23 19.19  ? 1044 LEU A CD2 1 
ATOM   593  C CD2 C LEU A 1 66  ? 3.438   7.048   13.257  0.14 18.68  ? 1044 LEU A CD2 1 
ATOM   594  N N   . THR A 1 67  ? 5.285   7.303   8.126   1.00 14.30  ? 1045 THR A N   1 
ATOM   595  C CA  . THR A 1 67  ? 5.926   7.938   6.946   1.00 13.91  ? 1045 THR A CA  1 
ATOM   596  C C   . THR A 1 67  ? 5.289   7.434   5.649   1.00 14.28  ? 1045 THR A C   1 
ATOM   597  O O   . THR A 1 67  ? 4.674   6.310   5.691   1.00 14.57  ? 1045 THR A O   1 
ATOM   598  C CB  . THR A 1 67  ? 7.422   7.663   6.871   1.00 14.76  ? 1045 THR A CB  1 
ATOM   599  O OG1 . THR A 1 67  ? 7.675   6.268   6.604   1.00 16.18  ? 1045 THR A OG1 1 
ATOM   600  C CG2 . THR A 1 67  ? 8.187   8.071   8.129   1.00 16.35  ? 1045 THR A CG2 1 
ATOM   601  N N   . VAL A 1 68  ? 5.402   8.152   4.558   1.00 13.49  ? 1046 VAL A N   1 
ATOM   602  C CA  . VAL A 1 68  ? 4.949   7.622   3.237   1.00 14.56  ? 1046 VAL A CA  1 
ATOM   603  C C   . VAL A 1 68  ? 5.857   6.460   2.851   1.00 15.50  ? 1046 VAL A C   1 
ATOM   604  O O   . VAL A 1 68  ? 5.346   5.504   2.208   1.00 15.28  ? 1046 VAL A O   1 
ATOM   605  C CB  . VAL A 1 68  ? 4.838   8.727   2.164   1.00 15.34  ? 1046 VAL A CB  1 
ATOM   606  C CG1 . VAL A 1 68  ? 4.280   8.131   0.848   1.00 17.07  ? 1046 VAL A CG1 1 
ATOM   607  C CG2 . VAL A 1 68  ? 3.924   9.850   2.628   1.00 16.90  ? 1046 VAL A CG2 1 
ATOM   608  N N   . LYS A 1 69  ? 7.137   6.383   3.193   1.00 15.73  ? 1047 LYS A N   1 
ATOM   609  C CA  . LYS A 1 69  ? 8.006   5.215   2.914   1.00 17.56  ? 1047 LYS A CA  1 
ATOM   610  C C   . LYS A 1 69  ? 7.399   3.922   3.507   1.00 16.00  ? 1047 LYS A C   1 
ATOM   611  O O   . LYS A 1 69  ? 7.361   2.868   2.795   1.00 18.07  ? 1047 LYS A O   1 
ATOM   612  C CB  . LYS A 1 69  ? 9.406   5.569   3.452   1.00 21.54  ? 1047 LYS A CB  1 
ATOM   613  C CG  . LYS A 1 69  ? 10.427  4.494   3.184   1.00 30.27  ? 1047 LYS A CG  1 
ATOM   614  C CD  . LYS A 1 69  ? 11.852  4.945   3.515   1.00 40.63  ? 1047 LYS A CD  1 
ATOM   615  C CE  . LYS A 1 69  ? 12.526  5.670   2.367   1.00 53.50  ? 1047 LYS A CE  1 
ATOM   616  N NZ  . LYS A 1 69  ? 12.782  7.093   2.699   1.00 62.52  ? 1047 LYS A NZ  1 
ATOM   617  N N   A ASP A 1 70  ? 6.848   3.937   4.711   0.24 14.50  ? 1048 ASP A N   1 
ATOM   618  N N   B ASP A 1 70  ? 6.942   3.978   4.773   0.13 15.99  ? 1048 ASP A N   1 
ATOM   619  N N   C ASP A 1 70  ? 6.942   3.978   4.773   0.13 15.99  ? 1048 ASP A N   1 
ATOM   620  C CA  A ASP A 1 70  ? 6.324   2.698   5.332   0.24 15.08  ? 1048 ASP A CA  1 
ATOM   621  C CA  B ASP A 1 70  ? 6.231   2.884   5.497   0.13 16.26  ? 1048 ASP A CA  1 
ATOM   622  C CA  C ASP A 1 70  ? 6.231   2.884   5.497   0.13 16.26  ? 1048 ASP A CA  1 
ATOM   623  C C   A ASP A 1 70  ? 4.984   2.318   4.644   0.24 14.18  ? 1048 ASP A C   1 
ATOM   624  C C   B ASP A 1 70  ? 5.084   2.379   4.599   0.13 15.09  ? 1048 ASP A C   1 
ATOM   625  C C   C ASP A 1 70  ? 5.084   2.379   4.599   0.13 15.09  ? 1048 ASP A C   1 
ATOM   626  O O   A ASP A 1 70  ? 4.640   1.083   4.552   0.24 13.38  ? 1048 ASP A O   1 
ATOM   627  O O   B ASP A 1 70  ? 5.015   1.154   4.327   0.13 15.57  ? 1048 ASP A O   1 
ATOM   628  O O   C ASP A 1 70  ? 5.015   1.154   4.327   0.13 15.57  ? 1048 ASP A O   1 
ATOM   629  C CB  A ASP A 1 70  ? 6.302   2.865   6.855   0.24 16.21  ? 1048 ASP A CB  1 
ATOM   630  C CB  B ASP A 1 70  ? 5.639   3.324   6.857   0.13 17.55  ? 1048 ASP A CB  1 
ATOM   631  C CB  C ASP A 1 70  ? 5.639   3.324   6.857   0.13 17.55  ? 1048 ASP A CB  1 
ATOM   632  C CG  A ASP A 1 70  ? 7.673   2.848   7.535   0.24 18.67  ? 1048 ASP A CG  1 
ATOM   633  C CG  B ASP A 1 70  ? 6.566   3.431   8.073   0.13 18.82  ? 1048 ASP A CG  1 
ATOM   634  C CG  C ASP A 1 70  ? 6.566   3.431   8.073   0.13 18.82  ? 1048 ASP A CG  1 
ATOM   635  O OD1 A ASP A 1 70  ? 8.693   2.566   6.852   0.24 20.54  ? 1048 ASP A OD1 1 
ATOM   636  O OD1 B ASP A 1 70  ? 7.761   3.066   7.932   0.13 20.64  ? 1048 ASP A OD1 1 
ATOM   637  O OD1 C ASP A 1 70  ? 7.761   3.066   7.932   0.13 20.64  ? 1048 ASP A OD1 1 
ATOM   638  O OD2 A ASP A 1 70  ? 7.709   3.114   8.764   0.24 20.32  ? 1048 ASP A OD2 1 
ATOM   639  O OD2 B ASP A 1 70  ? 6.072   3.883   9.190   0.13 19.57  ? 1048 ASP A OD2 1 
ATOM   640  O OD2 C ASP A 1 70  ? 6.072   3.883   9.190   0.13 19.57  ? 1048 ASP A OD2 1 
ATOM   641  N N   . TYR A 1 71  ? 4.202   3.295   4.183   1.00 13.99  ? 1049 TYR A N   1 
ATOM   642  C CA  . TYR A 1 71  ? 2.988   3.009   3.367   1.00 13.05  ? 1049 TYR A CA  1 
ATOM   643  C C   . TYR A 1 71  ? 3.393   2.337   2.051   1.00 12.76  ? 1049 TYR A C   1 
ATOM   644  O O   . TYR A 1 71  ? 2.761   1.272   1.646   1.00 12.56  ? 1049 TYR A O   1 
ATOM   645  C CB  . TYR A 1 71  ? 2.228   4.312   3.129   1.00 12.53  ? 1049 TYR A CB  1 
ATOM   646  C CG  . TYR A 1 71  ? 1.094   4.237   2.144   1.00 11.72  ? 1049 TYR A CG  1 
ATOM   647  C CD1 . TYR A 1 71  ? -0.187  3.863   2.489   1.00 11.73  ? 1049 TYR A CD1 1 
ATOM   648  C CD2 . TYR A 1 71  ? 1.312   4.613   0.799   1.00 12.72  ? 1049 TYR A CD2 1 
ATOM   649  C CE1 . TYR A 1 71  ? -1.224  3.834   1.570   1.00 12.04  ? 1049 TYR A CE1 1 
ATOM   650  C CE2 . TYR A 1 71  ? 0.285   4.604   -0.120  1.00 11.98  ? 1049 TYR A CE2 1 
ATOM   651  C CZ  . TYR A 1 71  ? -1.003  4.251   0.247   1.00 12.40  ? 1049 TYR A CZ  1 
ATOM   652  O OH  . TYR A 1 71  ? -2.030  4.231   -0.686  1.00 12.89  ? 1049 TYR A OH  1 
ATOM   653  N N   . LEU A 1 72  ? 4.393   2.878   1.373   1.00 13.07  ? 1050 LEU A N   1 
ATOM   654  C CA  . LEU A 1 72  ? 4.834   2.344   0.030   1.00 13.71  ? 1050 LEU A CA  1 
ATOM   655  C C   . LEU A 1 72  ? 5.405   0.957   0.225   1.00 13.33  ? 1050 LEU A C   1 
ATOM   656  O O   . LEU A 1 72  ? 5.263   0.097   -0.728  1.00 14.26  ? 1050 LEU A O   1 
ATOM   657  C CB  . LEU A 1 72  ? 5.774   3.291   -0.699  1.00 14.16  ? 1050 LEU A CB  1 
ATOM   658  C CG  . LEU A 1 72  ? 5.105   4.512   -1.285  1.00 15.85  ? 1050 LEU A CG  1 
ATOM   659  C CD1 . LEU A 1 72  ? 6.230   5.472   -1.730  1.00 19.36  ? 1050 LEU A CD1 1 
ATOM   660  C CD2 . LEU A 1 72  ? 4.136   4.226   -2.415  1.00 19.07  ? 1050 LEU A CD2 1 
ATOM   661  N N   . ARG A 1 73  ? 5.930   0.544   1.355   1.00 13.18  ? 1051 ARG A N   1 
ATOM   662  C CA  . ARG A 1 73  ? 6.391   -0.861  1.558   1.00 14.85  ? 1051 ARG A CA  1 
ATOM   663  C C   . ARG A 1 73  ? 5.176   -1.801  1.481   1.00 13.24  ? 1051 ARG A C   1 
ATOM   664  O O   . ARG A 1 73  ? 5.334   -2.936  0.883   1.00 13.86  ? 1051 ARG A O   1 
ATOM   665  C CB  . ARG A 1 73  ? 7.087   -1.072  2.921   1.00 19.81  ? 1051 ARG A CB  1 
ATOM   666  C CG  . ARG A 1 73  ? 8.448   -0.423  3.057   1.00 27.19  ? 1051 ARG A CG  1 
ATOM   667  C CD  . ARG A 1 73  ? 9.071   -0.722  4.442   1.00 31.85  ? 1051 ARG A CD  1 
ATOM   668  N NE  . ARG A 1 73  ? 9.785   0.417   5.003   1.00 45.92  ? 1051 ARG A NE  1 
ATOM   669  C CZ  . ARG A 1 73  ? 10.973  0.850   4.581   1.00 60.07  ? 1051 ARG A CZ  1 
ATOM   670  N NH1 . ARG A 1 73  ? 11.575  0.262   3.558   1.00 69.92  ? 1051 ARG A NH1 1 
ATOM   671  N NH2 . ARG A 1 73  ? 11.554  1.875   5.184   1.00 65.32  ? 1051 ARG A NH2 1 
ATOM   672  N N   . ASP A 1 74  ? 3.980   -1.415  1.929   1.00 12.47  ? 1052 ASP A N   1 
ATOM   673  C CA  . ASP A 1 74  ? 2.787   -2.270  1.826   1.00 12.63  ? 1052 ASP A CA  1 
ATOM   674  C C   . ASP A 1 74  ? 2.224   -2.238  0.371   1.00 12.03  ? 1052 ASP A C   1 
ATOM   675  O O   . ASP A 1 74  ? 1.723   -3.299  -0.091  1.00 12.64  ? 1052 ASP A O   1 
ATOM   676  C CB  . ASP A 1 74  ? 1.743   -1.974  2.897   1.00 12.13  ? 1052 ASP A CB  1 
ATOM   677  C CG  . ASP A 1 74  ? 2.009   -2.708  4.223   1.00 14.75  ? 1052 ASP A CG  1 
ATOM   678  O OD1 . ASP A 1 74  ? 2.786   -3.705  4.206   1.00 15.86  ? 1052 ASP A OD1 1 
ATOM   679  O OD2 . ASP A 1 74  ? 1.318   -2.336  5.213   1.00 14.37  ? 1052 ASP A OD2 1 
ATOM   680  N N   . ILE A 1 75  ? 2.254   -1.120  -0.344  1.00 11.96  ? 1053 ILE A N   1 
ATOM   681  C CA  . ILE A 1 75  ? 1.863   -1.106  -1.801  1.00 11.84  ? 1053 ILE A CA  1 
ATOM   682  C C   . ILE A 1 75  ? 2.825   -2.036  -2.549  1.00 12.14  ? 1053 ILE A C   1 
ATOM   683  O O   . ILE A 1 75  ? 2.361   -2.906  -3.359  1.00 12.49  ? 1053 ILE A O   1 
ATOM   684  C CB  . ILE A 1 75  ? 1.893   0.309   -2.369  1.00 13.97  ? 1053 ILE A CB  1 
ATOM   685  C CG1 . ILE A 1 75  ? 0.902   1.234   -1.638  1.00 13.95  ? 1053 ILE A CG1 1 
ATOM   686  C CG2 . ILE A 1 75  ? 1.652   0.270   -3.881  1.00 16.48  ? 1053 ILE A CG2 1 
ATOM   687  C CD1 . ILE A 1 75  ? -0.541  0.841   -1.664  1.00 17.03  ? 1053 ILE A CD1 1 
ATOM   688  N N   . ASP A 1 76  ? 4.116   -1.998  -2.278  1.00 12.33  ? 1054 ASP A N   1 
ATOM   689  C CA  . ASP A 1 76  ? 5.108   -2.881  -2.919  1.00 13.16  ? 1054 ASP A CA  1 
ATOM   690  C C   . ASP A 1 76  ? 4.756   -4.342  -2.614  1.00 13.48  ? 1054 ASP A C   1 
ATOM   691  O O   . ASP A 1 76  ? 4.998   -5.217  -3.488  1.00 13.53  ? 1054 ASP A O   1 
ATOM   692  C CB  . ASP A 1 76  ? 6.546   -2.501  -2.539  1.00 14.59  ? 1054 ASP A CB  1 
ATOM   693  C CG  . ASP A 1 76  ? 7.027   -1.172  -3.194  1.00 16.83  ? 1054 ASP A CG  1 
ATOM   694  O OD1 . ASP A 1 76  ? 6.615   -0.913  -4.252  1.00 24.42  ? 1054 ASP A OD1 1 
ATOM   695  O OD2 . ASP A 1 76  ? 8.003   -0.700  -2.715  1.00 30.04  ? 1054 ASP A OD2 1 
ATOM   696  N N   . LEU A 1 77  ? 4.345   -4.670  -1.394  1.00 12.15  ? 1055 LEU A N   1 
ATOM   697  C CA  . LEU A 1 77  ? 4.023   -6.075  -0.970  1.00 12.08  ? 1055 LEU A CA  1 
ATOM   698  C C   . LEU A 1 77  ? 2.761   -6.554  -1.708  1.00 13.01  ? 1055 LEU A C   1 
ATOM   699  O O   . LEU A 1 77  ? 2.741   -7.731  -2.175  1.00 13.12  ? 1055 LEU A O   1 
ATOM   700  C CB  . LEU A 1 77  ? 3.816   -6.091  0.576   1.00 12.97  ? 1055 LEU A CB  1 
ATOM   701  C CG  . LEU A 1 77  ? 3.481   -7.435  1.214   1.00 14.11  ? 1055 LEU A CG  1 
ATOM   702  C CD1 . LEU A 1 77  ? 4.549   -8.475  0.968   1.00 15.23  ? 1055 LEU A CD1 1 
ATOM   703  C CD2 . LEU A 1 77  ? 3.256   -7.220  2.779   1.00 14.63  ? 1055 LEU A CD2 1 
ATOM   704  N N   . ILE A 1 78  ? 1.732   -5.716  -1.877  1.00 11.95  ? 1056 ILE A N   1 
ATOM   705  C CA  . ILE A 1 78  ? 0.576   -6.111  -2.737  1.00 12.14  ? 1056 ILE A CA  1 
ATOM   706  C C   . ILE A 1 78  ? 1.104   -6.545  -4.101  1.00 12.36  ? 1056 ILE A C   1 
ATOM   707  O O   . ILE A 1 78  ? 0.649   -7.651  -4.624  1.00 13.63  ? 1056 ILE A O   1 
ATOM   708  C CB  . ILE A 1 78  ? -0.462  -4.984  -2.826  1.00 12.69  ? 1056 ILE A CB  1 
ATOM   709  C CG1 . ILE A 1 78  ? -1.068  -4.648  -1.453  1.00 13.21  ? 1056 ILE A CG1 1 
ATOM   710  C CG2 . ILE A 1 78  ? -1.576  -5.323  -3.846  1.00 14.82  ? 1056 ILE A CG2 1 
ATOM   711  C CD1 . ILE A 1 78  ? -2.031  -3.450  -1.454  1.00 13.94  ? 1056 ILE A CD1 1 
ATOM   712  N N   . CYS A 1 79  ? 1.944   -5.756  -4.734  1.00 11.86  ? 1057 CYS A N   1 
ATOM   713  C CA  . CYS A 1 79  ? 2.458   -5.996  -6.098  1.00 13.75  ? 1057 CYS A CA  1 
ATOM   714  C C   . CYS A 1 79  ? 3.326   -7.246  -6.083  1.00 14.77  ? 1057 CYS A C   1 
ATOM   715  O O   . CYS A 1 79  ? 3.087   -8.206  -6.912  1.00 14.56  ? 1057 CYS A O   1 
ATOM   716  C CB  . CYS A 1 79  ? 3.180   -4.785  -6.613  1.00 13.04  ? 1057 CYS A CB  1 
ATOM   717  S SG  . CYS A 1 79  ? 3.867   -5.008  -8.295  1.00 17.20  ? 1057 CYS A SG  1 
ATOM   718  N N   . SER A 1 80  ? 4.291   -7.384  -5.179  1.00 13.66  ? 1058 SER A N   1 
ATOM   719  C CA  . SER A 1 80  ? 5.233   -8.525  -5.221  1.00 14.10  ? 1058 SER A CA  1 
ATOM   720  C C   . SER A 1 80  ? 4.469   -9.823  -4.915  1.00 15.08  ? 1058 SER A C   1 
ATOM   721  O O   . SER A 1 80  ? 4.773   -10.895 -5.571  1.00 14.93  ? 1058 SER A O   1 
ATOM   722  C CB  . SER A 1 80  ? 6.416   -8.260  -4.327  1.00 18.25  ? 1058 SER A CB  1 
ATOM   723  O OG  . SER A 1 80  ? 6.080   -8.199  -3.002  1.00 22.08  ? 1058 SER A OG  1 
ATOM   724  N N   . ASN A 1 81  ? 3.461   -9.849  -4.075  1.00 13.28  ? 1059 ASN A N   1 
ATOM   725  C CA  . ASN A 1 81  ? 2.640   -11.042 -3.782  1.00 13.54  ? 1059 ASN A CA  1 
ATOM   726  C C   . ASN A 1 81  ? 1.948   -11.502 -5.091  1.00 14.64  ? 1059 ASN A C   1 
ATOM   727  O O   . ASN A 1 81  ? 1.919   -12.728 -5.378  1.00 14.43  ? 1059 ASN A O   1 
ATOM   728  C CB  . ASN A 1 81  ? 1.647   -10.835 -2.656  1.00 12.80  ? 1059 ASN A CB  1 
ATOM   729  C CG  . ASN A 1 81  ? 2.259   -10.741 -1.254  1.00 12.94  ? 1059 ASN A CG  1 
ATOM   730  O OD1 . ASN A 1 81  ? 3.385   -11.126 -1.035  1.00 14.74  ? 1059 ASN A OD1 1 
ATOM   731  N ND2 . ASN A 1 81  ? 1.377   -10.268 -0.333  1.00 14.79  ? 1059 ASN A ND2 1 
ATOM   732  N N   . ALA A 1 82  ? 1.363   -10.574 -5.851  1.00 13.87  ? 1060 ALA A N   1 
ATOM   733  C CA  . ALA A 1 82  ? 0.678   -10.951 -7.127  1.00 14.31  ? 1060 ALA A CA  1 
ATOM   734  C C   . ALA A 1 82  ? 1.704   -11.491 -8.108  1.00 14.34  ? 1060 ALA A C   1 
ATOM   735  O O   . ALA A 1 82  ? 1.357   -12.497 -8.832  1.00 16.10  ? 1060 ALA A O   1 
ATOM   736  C CB  . ALA A 1 82  ? -0.039  -9.723  -7.674  1.00 14.03  ? 1060 ALA A CB  1 
ATOM   737  N N   . LEU A 1 83  ? 2.881   -10.944 -8.244  1.00 14.12  ? 1061 LEU A N   1 
ATOM   738  C CA  . LEU A 1 83  ? 3.935   -11.424 -9.177  1.00 15.78  ? 1061 LEU A CA  1 
ATOM   739  C C   . LEU A 1 83  ? 4.377   -12.847 -8.772  1.00 17.85  ? 1061 LEU A C   1 
ATOM   740  O O   . LEU A 1 83  ? 4.650   -13.692 -9.684  1.00 19.10  ? 1061 LEU A O   1 
ATOM   741  C CB  . LEU A 1 83  ? 5.132   -10.506 -9.277  1.00 16.97  ? 1061 LEU A CB  1 
ATOM   742  C CG  . LEU A 1 83  ? 4.847   -9.023  -9.593  1.00 22.69  ? 1061 LEU A CG  1 
ATOM   743  C CD1 . LEU A 1 83  ? 6.153   -8.246  -9.813  1.00 23.02  ? 1061 LEU A CD1 1 
ATOM   744  C CD2 . LEU A 1 83  ? 3.864   -8.782  -10.710 1.00 22.88  ? 1061 LEU A CD2 1 
ATOM   745  N N   A GLU A 1 84  ? 4.461   -13.117 -7.462  0.15 17.08  ? 1062 GLU A N   1 
ATOM   746  N N   B GLU A 1 84  ? 4.391   -13.178 -7.478  0.17 15.73  ? 1062 GLU A N   1 
ATOM   747  N N   C GLU A 1 84  ? 4.461   -13.117 -7.462  0.15 17.08  ? 1062 GLU A N   1 
ATOM   748  C CA  A GLU A 1 84  ? 4.895   -14.427 -6.890  0.15 18.55  ? 1062 GLU A CA  1 
ATOM   749  C CA  B GLU A 1 84  ? 4.888   -14.500 -6.985  0.17 16.35  ? 1062 GLU A CA  1 
ATOM   750  C CA  C GLU A 1 84  ? 4.895   -14.427 -6.890  0.15 18.55  ? 1062 GLU A CA  1 
ATOM   751  C C   A GLU A 1 84  ? 3.811   -15.487 -7.129  0.15 17.53  ? 1062 GLU A C   1 
ATOM   752  C C   B GLU A 1 84  ? 3.753   -15.546 -7.056  0.17 15.99  ? 1062 GLU A C   1 
ATOM   753  C C   C GLU A 1 84  ? 3.811   -15.487 -7.129  0.15 17.53  ? 1062 GLU A C   1 
ATOM   754  O O   A GLU A 1 84  ? 4.202   -16.587 -7.608  0.15 19.51  ? 1062 GLU A O   1 
ATOM   755  O O   B GLU A 1 84  ? 4.029   -16.743 -7.379  0.17 16.23  ? 1062 GLU A O   1 
ATOM   756  O O   C GLU A 1 84  ? 4.202   -16.587 -7.608  0.15 19.51  ? 1062 GLU A O   1 
ATOM   757  C CB  A GLU A 1 84  ? 5.203   -14.310 -5.386  0.15 19.98  ? 1062 GLU A CB  1 
ATOM   758  C CB  B GLU A 1 84  ? 5.507   -14.306 -5.585  0.17 17.45  ? 1062 GLU A CB  1 
ATOM   759  C CB  C GLU A 1 84  ? 5.203   -14.310 -5.386  0.15 19.98  ? 1062 GLU A CB  1 
ATOM   760  C CG  A GLU A 1 84  ? 5.783   -15.579 -4.751  0.15 21.63  ? 1062 GLU A CG  1 
ATOM   761  C CG  B GLU A 1 84  ? 6.775   -13.461 -5.610  0.17 18.25  ? 1062 GLU A CG  1 
ATOM   762  C CG  C GLU A 1 84  ? 5.783   -15.579 -4.751  0.15 21.63  ? 1062 GLU A CG  1 
ATOM   763  C CD  A GLU A 1 84  ? 6.150   -15.519 -3.266  0.15 24.51  ? 1062 GLU A CD  1 
ATOM   764  C CD  B GLU A 1 84  ? 7.317   -12.843 -4.315  0.17 21.38  ? 1062 GLU A CD  1 
ATOM   765  C CD  C GLU A 1 84  ? 6.150   -15.519 -3.266  0.15 24.51  ? 1062 GLU A CD  1 
ATOM   766  O OE1 A GLU A 1 84  ? 6.577   -16.558 -2.719  0.15 28.57  ? 1062 GLU A OE1 1 
ATOM   767  O OE1 B GLU A 1 84  ? 6.838   -13.208 -3.225  0.17 20.11  ? 1062 GLU A OE1 1 
ATOM   768  O OE1 C GLU A 1 84  ? 6.577   -16.558 -2.719  0.15 28.57  ? 1062 GLU A OE1 1 
ATOM   769  O OE2 A GLU A 1 84  ? 6.015   -14.458 -2.662  0.15 24.07  ? 1062 GLU A OE2 1 
ATOM   770  O OE2 B GLU A 1 84  ? 8.257   -11.999 -4.410  0.17 23.85  ? 1062 GLU A OE2 1 
ATOM   771  O OE2 C GLU A 1 84  ? 6.015   -14.458 -2.662  0.15 24.07  ? 1062 GLU A OE2 1 
ATOM   772  N N   . TYR A 1 85  ? 2.524   -15.215 -6.807  0.48 16.33  ? 1063 TYR A N   1 
ATOM   773  C CA  . TYR A 1 85  ? 1.374   -16.178 -6.824  0.48 16.21  ? 1063 TYR A CA  1 
ATOM   774  C C   . TYR A 1 85  ? 0.866   -16.443 -8.258  0.48 15.78  ? 1063 TYR A C   1 
ATOM   775  O O   . TYR A 1 85  ? 0.231   -17.501 -8.477  0.48 14.67  ? 1063 TYR A O   1 
ATOM   776  C CB  . TYR A 1 85  ? 0.169   -15.743 -5.975  0.48 16.97  ? 1063 TYR A CB  1 
ATOM   777  C CG  . TYR A 1 85  ? -0.929  -16.784 -5.891  0.48 17.90  ? 1063 TYR A CG  1 
ATOM   778  C CD1 . TYR A 1 85  ? -0.796  -17.883 -5.056  0.48 19.00  ? 1063 TYR A CD1 1 
ATOM   779  C CD2 . TYR A 1 85  ? -2.087  -16.693 -6.649  0.48 19.46  ? 1063 TYR A CD2 1 
ATOM   780  C CE1 . TYR A 1 85  ? -1.768  -18.869 -4.993  0.48 19.35  ? 1063 TYR A CE1 1 
ATOM   781  C CE2 . TYR A 1 85  ? -3.070  -17.670 -6.601  0.48 19.79  ? 1063 TYR A CE2 1 
ATOM   782  C CZ  . TYR A 1 85  ? -2.910  -18.764 -5.769  0.48 20.12  ? 1063 TYR A CZ  1 
ATOM   783  O OH  . TYR A 1 85  ? -3.870  -19.739 -5.699  0.48 22.76  ? 1063 TYR A OH  1 
ATOM   784  N N   . ASN A 1 86  ? 1.104   -15.516 -9.191  0.48 14.46  ? 1064 ASN A N   1 
ATOM   785  C CA  . ASN A 1 86  ? 0.614   -15.630 -10.598 0.48 14.60  ? 1064 ASN A CA  1 
ATOM   786  C C   . ASN A 1 86  ? 1.779   -15.454 -11.577 0.48 14.37  ? 1064 ASN A C   1 
ATOM   787  O O   . ASN A 1 86  ? 1.790   -14.477 -12.327 0.48 15.17  ? 1064 ASN A O   1 
ATOM   788  C CB  . ASN A 1 86  ? -0.522  -14.628 -10.843 0.48 14.54  ? 1064 ASN A CB  1 
ATOM   789  C CG  . ASN A 1 86  ? -1.739  -14.871 -9.981  0.48 15.60  ? 1064 ASN A CG  1 
ATOM   790  O OD1 . ASN A 1 86  ? -2.568  -15.737 -10.280 0.48 18.16  ? 1064 ASN A OD1 1 
ATOM   791  N ND2 . ASN A 1 86  ? -1.871  -14.120 -8.895  0.48 15.21  ? 1064 ASN A ND2 1 
ATOM   792  N N   . PRO A 1 87  ? 2.781   -16.377 -11.623 0.48 15.53  ? 1065 PRO A N   1 
ATOM   793  C CA  . PRO A 1 87  ? 4.038   -16.167 -12.369 0.48 15.60  ? 1065 PRO A CA  1 
ATOM   794  C C   . PRO A 1 87  ? 4.217   -16.750 -13.797 0.48 16.47  ? 1065 PRO A C   1 
ATOM   795  O O   . PRO A 1 87  ? 5.261   -16.559 -14.420 0.48 18.34  ? 1065 PRO A O   1 
ATOM   796  C CB  . PRO A 1 87  ? 5.020   -16.905 -11.441 0.48 16.76  ? 1065 PRO A CB  1 
ATOM   797  C CG  . PRO A 1 87  ? 4.241   -18.114 -10.982 0.48 16.18  ? 1065 PRO A CG  1 
ATOM   798  C CD  . PRO A 1 87  ? 2.813   -17.632 -10.838 0.48 16.26  ? 1065 PRO A CD  1 
ATOM   799  N N   . ASP A 1 88  ? 3.176   -17.418 -14.271 1.00 17.52  ? 1066 ASP A N   1 
ATOM   800  C CA  . ASP A 1 88  ? 3.159   -18.272 -15.509 1.00 17.70  ? 1066 ASP A CA  1 
ATOM   801  C C   . ASP A 1 88  ? 2.879   -17.439 -16.767 1.00 20.03  ? 1066 ASP A C   1 
ATOM   802  O O   . ASP A 1 88  ? 2.495   -16.245 -16.694 1.00 17.89  ? 1066 ASP A O   1 
ATOM   803  C CB  . ASP A 1 88  ? 2.155   -19.387 -15.281 1.00 18.50  ? 1066 ASP A CB  1 
ATOM   804  C CG  . ASP A 1 88  ? 2.506   -20.409 -14.164 1.00 21.40  ? 1066 ASP A CG  1 
ATOM   805  O OD1 . ASP A 1 88  ? 3.657   -20.400 -13.749 1.00 24.01  ? 1066 ASP A OD1 1 
ATOM   806  O OD2 . ASP A 1 88  ? 1.570   -21.162 -13.776 1.00 26.50  ? 1066 ASP A OD2 1 
ATOM   807  N N   . ARG A 1 89  ? 2.978   -18.092 -17.949 1.00 18.46  ? 1067 ARG A N   1 
ATOM   808  C CA  . ARG A 1 89  ? 2.866   -17.372 -19.253 1.00 19.00  ? 1067 ARG A CA  1 
ATOM   809  C C   . ARG A 1 89  ? 1.396   -17.234 -19.702 1.00 16.34  ? 1067 ARG A C   1 
ATOM   810  O O   . ARG A 1 89  ? 1.196   -16.474 -20.694 1.00 17.87  ? 1067 ARG A O   1 
ATOM   811  C CB  . ARG A 1 89  ? 3.724   -18.016 -20.370 1.00 21.51  ? 1067 ARG A CB  1 
ATOM   812  C CG  . ARG A 1 89  ? 3.269   -19.349 -20.977 1.00 26.29  ? 1067 ARG A CG  1 
ATOM   813  C CD  . ARG A 1 89  ? 2.388   -19.317 -22.284 1.00 19.75  ? 1067 ARG A CD  1 
ATOM   814  N NE  . ARG A 1 89  ? 2.686   -18.243 -23.230 1.00 23.67  ? 1067 ARG A NE  1 
ATOM   815  C CZ  . ARG A 1 89  ? 1.725   -17.625 -24.027 1.00 21.10  ? 1067 ARG A CZ  1 
ATOM   816  N NH1 . ARG A 1 89  ? 2.072   -16.676 -24.943 1.00 18.56  ? 1067 ARG A NH1 1 
ATOM   817  N NH2 . ARG A 1 89  ? 0.495   -18.082 -23.890 1.00 18.86  ? 1067 ARG A NH2 1 
ATOM   818  N N   . ASP A 1 90  ? 0.481   -17.891 -19.086 1.00 16.71  ? 1068 ASP A N   1 
ATOM   819  C CA  . ASP A 1 90  ? -0.910  -17.878 -19.575 1.00 19.97  ? 1068 ASP A CA  1 
ATOM   820  C C   . ASP A 1 90  ? -1.529  -16.486 -19.383 1.00 19.92  ? 1068 ASP A C   1 
ATOM   821  O O   . ASP A 1 90  ? -1.092  -15.658 -18.540 1.00 17.43  ? 1068 ASP A O   1 
ATOM   822  C CB  . ASP A 1 90  ? -1.795  -18.887 -18.929 1.00 22.14  ? 1068 ASP A CB  1 
ATOM   823  C CG  . ASP A 1 90  ? -1.808  -18.761 -17.448 1.00 23.50  ? 1068 ASP A CG  1 
ATOM   824  O OD1 . ASP A 1 90  ? -0.965  -19.478 -16.796 1.00 34.18  ? 1068 ASP A OD1 1 
ATOM   825  O OD2 . ASP A 1 90  ? -2.699  -18.015 -16.967 1.00 30.04  ? 1068 ASP A OD2 1 
ATOM   826  N N   . PRO A 1 91  ? -2.571  -16.182 -20.157 1.00 16.95  ? 1069 PRO A N   1 
ATOM   827  C CA  . PRO A 1 91  ? -3.175  -14.854 -20.146 1.00 16.93  ? 1069 PRO A CA  1 
ATOM   828  C C   . PRO A 1 91  ? -3.705  -14.429 -18.770 1.00 15.28  ? 1069 PRO A C   1 
ATOM   829  O O   . PRO A 1 91  ? -3.662  -13.216 -18.468 1.00 14.89  ? 1069 PRO A O   1 
ATOM   830  C CB  . PRO A 1 91  ? -4.301  -14.913 -21.174 1.00 17.70  ? 1069 PRO A CB  1 
ATOM   831  C CG  . PRO A 1 91  ? -3.901  -16.044 -22.069 1.00 21.77  ? 1069 PRO A CG  1 
ATOM   832  C CD  . PRO A 1 91  ? -3.110  -17.038 -21.257 1.00 18.06  ? 1069 PRO A CD  1 
ATOM   833  N N   . GLY A 1 92  ? -4.254  -15.320 -17.972 1.00 16.24  ? 1070 GLY A N   1 
ATOM   834  C CA  . GLY A 1 92  ? -4.820  -14.936 -16.670 1.00 16.03  ? 1070 GLY A CA  1 
ATOM   835  C C   . GLY A 1 92  ? -3.707  -14.428 -15.762 1.00 17.09  ? 1070 GLY A C   1 
ATOM   836  O O   . GLY A 1 92  ? -3.846  -13.329 -15.104 1.00 16.38  ? 1070 GLY A O   1 
ATOM   837  N N   . ASP A 1 93  ? -2.561  -15.077 -15.733 1.00 15.67  ? 1071 ASP A N   1 
ATOM   838  C CA  . ASP A 1 93  ? -1.406  -14.630 -14.893 1.00 15.79  ? 1071 ASP A CA  1 
ATOM   839  C C   . ASP A 1 93  ? -0.834  -13.367 -15.477 1.00 15.94  ? 1071 ASP A C   1 
ATOM   840  O O   . ASP A 1 93  ? -0.500  -12.367 -14.721 1.00 16.11  ? 1071 ASP A O   1 
ATOM   841  C CB  . ASP A 1 93  ? -0.355  -15.708 -14.765 1.00 16.85  ? 1071 ASP A CB  1 
ATOM   842  C CG  . ASP A 1 93  ? -0.677  -16.860 -13.834 1.00 17.59  ? 1071 ASP A CG  1 
ATOM   843  O OD1 . ASP A 1 93  ? -1.859  -17.052 -13.467 1.00 20.65  ? 1071 ASP A OD1 1 
ATOM   844  O OD2 . ASP A 1 93  ? 0.366   -17.509 -13.373 1.00 19.04  ? 1071 ASP A OD2 1 
ATOM   845  N N   . ARG A 1 94  ? -0.670  -13.213 -16.794 1.00 14.66  ? 1072 ARG A N   1 
ATOM   846  C CA  . ARG A 1 94  ? -0.099  -12.022 -17.389 1.00 14.77  ? 1072 ARG A CA  1 
ATOM   847  C C   . ARG A 1 94  ? -1.021  -10.786 -17.131 1.00 13.80  ? 1072 ARG A C   1 
ATOM   848  O O   . ARG A 1 94  ? -0.440  -9.696  -16.921 1.00 15.18  ? 1072 ARG A O   1 
ATOM   849  C CB  . ARG A 1 94  ? 0.220   -12.197 -18.889 1.00 15.37  ? 1072 ARG A CB  1 
ATOM   850  C CG  . ARG A 1 94  ? 1.440   -13.091 -19.077 1.00 18.74  ? 1072 ARG A CG  1 
ATOM   851  C CD  . ARG A 1 94  ? 1.792   -13.308 -20.552 1.00 24.86  ? 1072 ARG A CD  1 
ATOM   852  N NE  . ARG A 1 94  ? 3.130   -13.932 -20.722 1.00 27.21  ? 1072 ARG A NE  1 
ATOM   853  C CZ  . ARG A 1 94  ? 3.627   -14.390 -21.899 1.00 41.40  ? 1072 ARG A CZ  1 
ATOM   854  N NH1 . ARG A 1 94  ? 2.877   -14.378 -22.990 1.00 47.43  ? 1072 ARG A NH1 1 
ATOM   855  N NH2 . ARG A 1 94  ? 4.878   -14.846 -21.989 1.00 35.69  ? 1072 ARG A NH2 1 
ATOM   856  N N   . LEU A 1 95  ? -2.318  -10.937 -17.161 1.00 13.39  ? 1073 LEU A N   1 
ATOM   857  C CA  . LEU A 1 95  ? -3.257  -9.836  -16.873 1.00 13.58  ? 1073 LEU A CA  1 
ATOM   858  C C   . LEU A 1 95  ? -3.083  -9.377  -15.398 1.00 13.81  ? 1073 LEU A C   1 
ATOM   859  O O   . LEU A 1 95  ? -2.971  -8.146  -15.179 1.00 13.88  ? 1073 LEU A O   1 
ATOM   860  C CB  . LEU A 1 95  ? -4.687  -10.206 -17.174 1.00 13.08  ? 1073 LEU A CB  1 
ATOM   861  C CG  . LEU A 1 95  ? -5.758  -9.163  -16.856 1.00 13.72  ? 1073 LEU A CG  1 
ATOM   862  C CD1 . LEU A 1 95  ? -5.557  -7.917  -17.693 1.00 14.04  ? 1073 LEU A CD1 1 
ATOM   863  C CD2 . LEU A 1 95  ? -7.153  -9.706  -17.057 1.00 16.16  ? 1073 LEU A CD2 1 
ATOM   864  N N   A ILE A 1 96  ? -3.043  -10.315 -14.448 0.15 13.57  ? 1074 ILE A N   1 
ATOM   865  N N   B ILE A 1 96  ? -3.034  -10.281 -14.427 0.17 13.60  ? 1074 ILE A N   1 
ATOM   866  N N   C ILE A 1 96  ? -3.043  -10.315 -14.448 0.15 13.57  ? 1074 ILE A N   1 
ATOM   867  C CA  A ILE A 1 96  ? -2.884  -9.980  -12.995 0.15 13.43  ? 1074 ILE A CA  1 
ATOM   868  C CA  B ILE A 1 96  ? -2.895  -9.807  -13.011 0.17 13.19  ? 1074 ILE A CA  1 
ATOM   869  C CA  C ILE A 1 96  ? -2.884  -9.980  -12.995 0.15 13.43  ? 1074 ILE A CA  1 
ATOM   870  C C   A ILE A 1 96  ? -1.558  -9.245  -12.795 0.15 13.62  ? 1074 ILE A C   1 
ATOM   871  C C   B ILE A 1 96  ? -1.516  -9.153  -12.840 0.17 13.54  ? 1074 ILE A C   1 
ATOM   872  C C   C ILE A 1 96  ? -1.558  -9.245  -12.795 0.15 13.62  ? 1074 ILE A C   1 
ATOM   873  O O   A ILE A 1 96  ? -1.552  -8.250  -12.008 0.15 13.75  ? 1074 ILE A O   1 
ATOM   874  O O   B ILE A 1 96  ? -1.377  -8.070  -12.176 0.17 12.51  ? 1074 ILE A O   1 
ATOM   875  O O   C ILE A 1 96  ? -1.552  -8.250  -12.008 0.15 13.75  ? 1074 ILE A O   1 
ATOM   876  C CB  A ILE A 1 96  ? -3.011  -11.231 -12.103 0.15 13.78  ? 1074 ILE A CB  1 
ATOM   877  C CB  B ILE A 1 96  ? -3.181  -10.940 -12.009 0.17 13.96  ? 1074 ILE A CB  1 
ATOM   878  C CB  C ILE A 1 96  ? -3.011  -11.231 -12.103 0.15 13.78  ? 1074 ILE A CB  1 
ATOM   879  C CG1 A ILE A 1 96  ? -4.459  -11.725 -12.082 0.15 14.38  ? 1074 ILE A CG1 1 
ATOM   880  C CG1 B ILE A 1 96  ? -3.490  -10.333 -10.637 0.17 14.41  ? 1074 ILE A CG1 1 
ATOM   881  C CG1 C ILE A 1 96  ? -4.459  -11.725 -12.082 0.15 14.38  ? 1074 ILE A CG1 1 
ATOM   882  C CG2 A ILE A 1 96  ? -2.482  -10.950 -10.697 0.15 14.53  ? 1074 ILE A CG2 1 
ATOM   883  C CG2 B ILE A 1 96  ? -2.027  -11.923 -11.955 0.17 14.47  ? 1074 ILE A CG2 1 
ATOM   884  C CG2 C ILE A 1 96  ? -2.482  -10.950 -10.697 0.15 14.53  ? 1074 ILE A CG2 1 
ATOM   885  C CD1 A ILE A 1 96  ? -4.648  -13.121 -11.537 0.15 15.08  ? 1074 ILE A CD1 1 
ATOM   886  C CD1 B ILE A 1 96  ? -3.971  -11.304 -9.618  0.17 15.51  ? 1074 ILE A CD1 1 
ATOM   887  C CD1 C ILE A 1 96  ? -4.648  -13.121 -11.537 0.15 15.08  ? 1074 ILE A CD1 1 
ATOM   888  N N   . ARG A 1 97  ? -0.471  -9.706  -13.424 1.00 14.13  ? 1075 ARG A N   1 
ATOM   889  C CA  . ARG A 1 97  ? 0.855   -9.089  -13.267 1.00 14.18  ? 1075 ARG A CA  1 
ATOM   890  C C   . ARG A 1 97  ? 0.817   -7.666  -13.854 1.00 15.79  ? 1075 ARG A C   1 
ATOM   891  O O   . ARG A 1 97  ? 1.432   -6.695  -13.275 1.00 15.15  ? 1075 ARG A O   1 
ATOM   892  C CB  . ARG A 1 97  ? 2.016   -9.871  -13.840 1.00 15.13  ? 1075 ARG A CB  1 
ATOM   893  C CG  . ARG A 1 97  ? 2.229   -11.205 -13.151 1.00 16.07  ? 1075 ARG A CG  1 
ATOM   894  C CD  . ARG A 1 97  ? 3.620   -11.752 -13.366 1.00 18.58  ? 1075 ARG A CD  1 
ATOM   895  N NE  . ARG A 1 97  ? 4.020   -11.914 -14.765 1.00 19.96  ? 1075 ARG A NE  1 
ATOM   896  C CZ  . ARG A 1 97  ? 3.705   -12.996 -15.544 1.00 19.25  ? 1075 ARG A CZ  1 
ATOM   897  N NH1 . ARG A 1 97  ? 2.990   -13.958 -15.063 1.00 17.57  ? 1075 ARG A NH1 1 
ATOM   898  N NH2 . ARG A 1 97  ? 4.142   -13.088 -16.802 1.00 23.85  ? 1075 ARG A NH2 1 
ATOM   899  N N   . HIS A 1 98  ? 0.207   -7.448  -15.041 1.00 13.89  ? 1076 HIS A N   1 
ATOM   900  C CA  . HIS A 1 98  ? 0.160   -6.104  -15.636 1.00 14.89  ? 1076 HIS A CA  1 
ATOM   901  C C   . HIS A 1 98  ? -0.623  -5.168  -14.670 1.00 13.66  ? 1076 HIS A C   1 
ATOM   902  O O   . HIS A 1 98  ? -0.171  -3.975  -14.513 1.00 14.45  ? 1076 HIS A O   1 
ATOM   903  C CB  . HIS A 1 98  ? -0.500  -6.190  -17.028 1.00 13.43  ? 1076 HIS A CB  1 
ATOM   904  C CG  . HIS A 1 98  ? -0.328  -4.965  -17.864 1.00 15.44  ? 1076 HIS A CG  1 
ATOM   905  N ND1 . HIS A 1 98  ? -1.291  -3.979  -17.897 1.00 17.10  ? 1076 HIS A ND1 1 
ATOM   906  C CD2 . HIS A 1 98  ? 0.681   -4.563  -18.670 1.00 16.27  ? 1076 HIS A CD2 1 
ATOM   907  C CE1 . HIS A 1 98  ? -0.833  -2.998  -18.730 1.00 17.98  ? 1076 HIS A CE1 1 
ATOM   908  N NE2 . HIS A 1 98  ? 0.362   -3.336  -19.204 1.00 17.00  ? 1076 HIS A NE2 1 
ATOM   909  N N   . ARG A 1 99  ? -1.711  -5.615  -14.124 1.00 12.48  ? 1077 ARG A N   1 
ATOM   910  C CA  . ARG A 1 99  ? -2.538  -4.815  -13.176 1.00 12.81  ? 1077 ARG A CA  1 
ATOM   911  C C   . ARG A 1 99  ? -1.707  -4.537  -11.907 1.00 14.52  ? 1077 ARG A C   1 
ATOM   912  O O   . ARG A 1 99  ? -1.833  -3.355  -11.393 1.00 14.11  ? 1077 ARG A O   1 
ATOM   913  C CB  . ARG A 1 99  ? -3.866  -5.462  -12.869 1.00 14.36  ? 1077 ARG A CB  1 
ATOM   914  C CG  . ARG A 1 99  ? -4.807  -5.516  -14.086 1.00 14.68  ? 1077 ARG A CG  1 
ATOM   915  C CD  . ARG A 1 99  ? -6.004  -6.407  -13.873 1.00 15.04  ? 1077 ARG A CD  1 
ATOM   916  N NE  . ARG A 1 99  ? -7.107  -6.176  -14.846 1.00 14.94  ? 1077 ARG A NE  1 
ATOM   917  C CZ  . ARG A 1 99  ? -8.232  -6.833  -14.856 1.00 16.03  ? 1077 ARG A CZ  1 
ATOM   918  N NH1 . ARG A 1 99  ? -8.409  -7.874  -14.055 1.00 17.60  ? 1077 ARG A NH1 1 
ATOM   919  N NH2 . ARG A 1 99  ? -9.144  -6.528  -15.794 1.00 20.09  ? 1077 ARG A NH2 1 
ATOM   920  N N   . ALA A 1 100 ? -0.973  -5.497  -11.363 1.00 13.59  ? 1078 ALA A N   1 
ATOM   921  C CA  . ALA A 1 100 ? -0.160  -5.275  -10.118 1.00 14.96  ? 1078 ALA A CA  1 
ATOM   922  C C   . ALA A 1 100 ? 0.872   -4.229  -10.404 1.00 15.26  ? 1078 ALA A C   1 
ATOM   923  O O   . ALA A 1 100 ? 1.103   -3.322  -9.511  1.00 15.82  ? 1078 ALA A O   1 
ATOM   924  C CB  . ALA A 1 100 ? 0.459   -6.610  -9.692  1.00 15.82  ? 1078 ALA A CB  1 
ATOM   925  N N   . CYS A 1 101 ? 1.587   -4.242  -11.518 1.00 14.05  ? 1079 CYS A N   1 
ATOM   926  C CA  . CYS A 1 101 ? 2.590   -3.250  -11.882 1.00 14.88  ? 1079 CYS A CA  1 
ATOM   927  C C   . CYS A 1 101 ? 1.923   -1.894  -12.069 1.00 14.59  ? 1079 CYS A C   1 
ATOM   928  O O   . CYS A 1 101 ? 2.541   -0.848  -11.646 1.00 15.33  ? 1079 CYS A O   1 
ATOM   929  C CB  . CYS A 1 101 ? 3.381   -3.652  -13.094 1.00 17.71  ? 1079 CYS A CB  1 
ATOM   930  S SG  . CYS A 1 101 ? 4.488   -5.090  -12.804 1.00 21.57  ? 1079 CYS A SG  1 
ATOM   931  N N   . ALA A 1 102 ? 0.737   -1.823  -12.642 1.00 14.77  ? 1080 ALA A N   1 
ATOM   932  C CA  . ALA A 1 102 ? 0.015   -0.537  -12.831 1.00 15.36  ? 1080 ALA A CA  1 
ATOM   933  C C   . ALA A 1 102 ? -0.416  0.004   -11.449 1.00 14.81  ? 1080 ALA A C   1 
ATOM   934  O O   . ALA A 1 102 ? -0.326  1.262   -11.266 1.00 14.88  ? 1080 ALA A O   1 
ATOM   935  C CB  . ALA A 1 102 ? -1.169  -0.695  -13.742 1.00 14.23  ? 1080 ALA A CB  1 
ATOM   936  N N   . LEU A 1 103 ? -0.826  -0.833  -10.509 1.00 14.40  ? 1081 LEU A N   1 
ATOM   937  C CA  . LEU A 1 103 ? -1.176  -0.335  -9.125  1.00 13.72  ? 1081 LEU A CA  1 
ATOM   938  C C   . LEU A 1 103 ? 0.039   0.329   -8.502  1.00 13.94  ? 1081 LEU A C   1 
ATOM   939  O O   . LEU A 1 103 ? -0.051  1.501   -7.982  1.00 13.47  ? 1081 LEU A O   1 
ATOM   940  C CB  . LEU A 1 103 ? -1.678  -1.505  -8.272  1.00 14.07  ? 1081 LEU A CB  1 
ATOM   941  C CG  . LEU A 1 103 ? -1.838  -1.171  -6.787  1.00 16.77  ? 1081 LEU A CG  1 
ATOM   942  C CD1 . LEU A 1 103 ? -3.076  -0.400  -6.683  1.00 19.87  ? 1081 LEU A CD1 1 
ATOM   943  C CD2 . LEU A 1 103 ? -1.894  -2.458  -5.922  1.00 21.30  ? 1081 LEU A CD2 1 
ATOM   944  N N   . ARG A 1 104 ? 1.182   -0.338  -8.538  0.51 14.16  ? 1082 ARG A N   1 
ATOM   945  C CA  . ARG A 1 104 ? 2.426   0.193   -7.942  0.51 15.18  ? 1082 ARG A CA  1 
ATOM   946  C C   . ARG A 1 104 ? 2.824   1.486   -8.662  0.51 14.90  ? 1082 ARG A C   1 
ATOM   947  O O   . ARG A 1 104 ? 3.085   2.507   -7.965  0.51 15.35  ? 1082 ARG A O   1 
ATOM   948  C CB  . ARG A 1 104 ? 3.507   -0.885  -8.000  0.51 16.70  ? 1082 ARG A CB  1 
ATOM   949  C CG  . ARG A 1 104 ? 4.791   -0.471  -7.304  0.51 18.27  ? 1082 ARG A CG  1 
ATOM   950  C CD  . ARG A 1 104 ? 5.818   -1.577  -7.313  0.51 21.01  ? 1082 ARG A CD  1 
ATOM   951  N NE  . ARG A 1 104 ? 7.055   -1.139  -6.698  0.51 22.97  ? 1082 ARG A NE  1 
ATOM   952  C CZ  . ARG A 1 104 ? 8.168   -0.862  -7.354  0.51 26.22  ? 1082 ARG A CZ  1 
ATOM   953  N NH1 . ARG A 1 104 ? 9.241   -0.479  -6.680  0.51 25.05  ? 1082 ARG A NH1 1 
ATOM   954  N NH2 . ARG A 1 104 ? 8.221   -0.996  -8.665  0.51 27.95  ? 1082 ARG A NH2 1 
ATOM   955  N N   . ASP A 1 105 ? 2.875   1.473   -10.002 1.00 14.94  ? 1083 ASP A N   1 
ATOM   956  C CA  . ASP A 1 105 ? 3.296   2.667   -10.761 1.00 14.60  ? 1083 ASP A CA  1 
ATOM   957  C C   . ASP A 1 105 ? 2.336   3.842   -10.501 1.00 14.35  ? 1083 ASP A C   1 
ATOM   958  O O   . ASP A 1 105 ? 2.873   5.043   -10.416 1.00 15.06  ? 1083 ASP A O   1 
ATOM   959  C CB  . ASP A 1 105 ? 3.459   2.331   -12.226 1.00 16.26  ? 1083 ASP A CB  1 
ATOM   960  C CG  . ASP A 1 105 ? 4.609   1.387   -12.562 1.00 20.33  ? 1083 ASP A CG  1 
ATOM   961  O OD1 . ASP A 1 105 ? 5.467   1.050   -11.728 1.00 22.03  ? 1083 ASP A OD1 1 
ATOM   962  O OD2 . ASP A 1 105 ? 4.530   0.870   -13.736 1.00 26.12  ? 1083 ASP A OD2 1 
ATOM   963  N N   . THR A 1 106 ? 1.051   3.602   -10.423 1.00 13.96  ? 1084 THR A N   1 
ATOM   964  C CA  . THR A 1 106 ? 0.058   4.665   -10.206 1.00 14.46  ? 1084 THR A CA  1 
ATOM   965  C C   . THR A 1 106 ? 0.272   5.267   -8.790  1.00 14.58  ? 1084 THR A C   1 
ATOM   966  O O   . THR A 1 106 ? 0.239   6.526   -8.619  1.00 14.56  ? 1084 THR A O   1 
ATOM   967  C CB  . THR A 1 106 ? -1.369  4.157   -10.404 1.00 15.27  ? 1084 THR A CB  1 
ATOM   968  O OG1 . THR A 1 106 ? -1.534  3.711   -11.787 1.00 16.84  ? 1084 THR A OG1 1 
ATOM   969  C CG2 . THR A 1 106 ? -2.417  5.220   -10.142 1.00 16.14  ? 1084 THR A CG2 1 
ATOM   970  N N   . ALA A 1 107 ? 0.429   4.441   -7.752  1.00 13.80  ? 1085 ALA A N   1 
ATOM   971  C CA  . ALA A 1 107 ? 0.673   4.931   -6.383  1.00 12.35  ? 1085 ALA A CA  1 
ATOM   972  C C   . ALA A 1 107 ? 1.909   5.800   -6.382  1.00 13.36  ? 1085 ALA A C   1 
ATOM   973  O O   . ALA A 1 107 ? 1.905   6.953   -5.808  1.00 12.99  ? 1085 ALA A O   1 
ATOM   974  C CB  . ALA A 1 107 ? 0.809   3.766   -5.421  1.00 12.77  ? 1085 ALA A CB  1 
ATOM   975  N N   . TYR A 1 108 ? 3.024   5.331   -6.937  1.00 13.05  ? 1086 TYR A N   1 
ATOM   976  C CA  . TYR A 1 108 ? 4.262   6.144   -6.921  1.00 12.99  ? 1086 TYR A CA  1 
ATOM   977  C C   . TYR A 1 108 ? 4.055   7.429   -7.740  1.00 14.64  ? 1086 TYR A C   1 
ATOM   978  O O   . TYR A 1 108 ? 4.648   8.482   -7.288  1.00 15.61  ? 1086 TYR A O   1 
ATOM   979  C CB  . TYR A 1 108 ? 5.464   5.344   -7.455  1.00 15.16  ? 1086 TYR A CB  1 
ATOM   980  C CG  . TYR A 1 108 ? 6.155   4.445   -6.460  1.00 14.63  ? 1086 TYR A CG  1 
ATOM   981  C CD1 . TYR A 1 108 ? 5.677   3.186   -6.108  1.00 15.33  ? 1086 TYR A CD1 1 
ATOM   982  C CD2 . TYR A 1 108 ? 7.297   4.844   -5.763  1.00 17.12  ? 1086 TYR A CD2 1 
ATOM   983  C CE1 . TYR A 1 108 ? 6.316   2.351   -5.190  1.00 16.19  ? 1086 TYR A CE1 1 
ATOM   984  C CE2 . TYR A 1 108 ? 7.972   4.036   -4.867  1.00 18.90  ? 1086 TYR A CE2 1 
ATOM   985  C CZ  . TYR A 1 108 ? 7.483   2.770   -4.553  1.00 17.58  ? 1086 TYR A CZ  1 
ATOM   986  O OH  . TYR A 1 108 ? 8.116   1.929   -3.637  1.00 20.39  ? 1086 TYR A OH  1 
ATOM   987  N N   . ALA A 1 109 ? 3.320   7.449   -8.845  1.00 13.64  ? 1087 ALA A N   1 
ATOM   988  C CA  . ALA A 1 109 ? 3.146   8.674   -9.657  1.00 15.12  ? 1087 ALA A CA  1 
ATOM   989  C C   . ALA A 1 109 ? 2.286   9.701   -8.902  1.00 14.85  ? 1087 ALA A C   1 
ATOM   990  O O   . ALA A 1 109 ? 2.592   10.947  -8.954  1.00 16.49  ? 1087 ALA A O   1 
ATOM   991  C CB  . ALA A 1 109 ? 2.577   8.330   -10.998 1.00 16.70  ? 1087 ALA A CB  1 
ATOM   992  N N   . ILE A 1 110 ? 1.227   9.300   -8.215  1.00 13.17  ? 1088 ILE A N   1 
ATOM   993  C CA  . ILE A 1 110 ? 0.400   10.229  -7.393  1.00 13.57  ? 1088 ILE A CA  1 
ATOM   994  C C   . ILE A 1 110 ? 1.282   10.820  -6.315  1.00 13.21  ? 1088 ILE A C   1 
ATOM   995  O O   . ILE A 1 110 ? 1.213   12.090  -6.098  1.00 14.77  ? 1088 ILE A O   1 
ATOM   996  C CB  . ILE A 1 110 ? -0.809  9.522   -6.791  1.00 13.51  ? 1088 ILE A CB  1 
ATOM   997  C CG1 . ILE A 1 110 ? -1.804  9.115   -7.844  1.00 14.34  ? 1088 ILE A CG1 1 
ATOM   998  C CG2 . ILE A 1 110 ? -1.476  10.380  -5.720  1.00 14.26  ? 1088 ILE A CG2 1 
ATOM   999  C CD1 . ILE A 1 110 ? -2.938  8.192   -7.384  1.00 15.83  ? 1088 ILE A CD1 1 
ATOM   1000 N N   . ILE A 1 111 ? 2.066   10.029  -5.613  1.00 14.04  ? 1089 ILE A N   1 
ATOM   1001 C CA  . ILE A 1 111 ? 2.969   10.518  -4.550  1.00 15.29  ? 1089 ILE A CA  1 
ATOM   1002 C C   . ILE A 1 111 ? 4.017   11.487  -5.143  1.00 16.50  ? 1089 ILE A C   1 
ATOM   1003 O O   . ILE A 1 111 ? 4.283   12.577  -4.516  1.00 16.06  ? 1089 ILE A O   1 
ATOM   1004 C CB  . ILE A 1 111 ? 3.519   9.345   -3.715  1.00 16.06  ? 1089 ILE A CB  1 
ATOM   1005 C CG1 . ILE A 1 111 ? 2.347   8.810   -2.838  1.00 19.04  ? 1089 ILE A CG1 1 
ATOM   1006 C CG2 . ILE A 1 111 ? 4.765   9.744   -2.938  1.00 21.02  ? 1089 ILE A CG2 1 
ATOM   1007 C CD1 . ILE A 1 111 ? 2.543   7.391   -2.294  1.00 24.97  ? 1089 ILE A CD1 1 
ATOM   1008 N N   . LYS A 1 112 ? 4.636   11.177  -6.272  1.00 15.98  ? 1090 LYS A N   1 
ATOM   1009 C CA  . LYS A 1 112 ? 5.636   12.107  -6.871  1.00 19.59  ? 1090 LYS A CA  1 
ATOM   1010 C C   . LYS A 1 112 ? 4.962   13.451  -7.133  1.00 18.02  ? 1090 LYS A C   1 
ATOM   1011 O O   . LYS A 1 112 ? 5.674   14.497  -6.869  1.00 20.93  ? 1090 LYS A O   1 
ATOM   1012 C CB  . LYS A 1 112 ? 6.197   11.488  -8.160  1.00 21.98  ? 1090 LYS A CB  1 
ATOM   1013 C CG  . LYS A 1 112 ? 7.344   12.348  -8.745  1.00 26.69  ? 1090 LYS A CG  1 
ATOM   1014 C CD  . LYS A 1 112 ? 7.974   11.792  -9.965  1.00 34.24  ? 1090 LYS A CD  1 
ATOM   1015 C CE  . LYS A 1 112 ? 9.199   12.617  -10.357 1.00 39.20  ? 1090 LYS A CE  1 
ATOM   1016 N NZ  . LYS A 1 112 ? 9.685   12.126  -11.658 1.00 45.07  ? 1090 LYS A NZ  1 
ATOM   1017 N N   . GLU A 1 113 ? 3.764   13.507  -7.652  1.00 16.06  ? 1091 GLU A N   1 
ATOM   1018 C CA  . GLU A 1 113 ? 3.069   14.768  -8.046  1.00 18.78  ? 1091 GLU A CA  1 
ATOM   1019 C C   . GLU A 1 113 ? 2.533   15.493  -6.802  1.00 20.97  ? 1091 GLU A C   1 
ATOM   1020 O O   . GLU A 1 113 ? 2.508   16.788  -6.839  1.00 24.95  ? 1091 GLU A O   1 
ATOM   1021 C CB  . GLU A 1 113 ? 1.911   14.617  -9.025  1.00 24.24  ? 1091 GLU A CB  1 
ATOM   1022 C CG  . GLU A 1 113 ? 2.229   14.244  -10.469 1.00 35.19  ? 1091 GLU A CG  1 
ATOM   1023 C CD  . GLU A 1 113 ? 1.108   14.521  -11.489 1.00 46.17  ? 1091 GLU A CD  1 
ATOM   1024 O OE1 . GLU A 1 113 ? -0.128  14.417  -11.155 1.00 39.06  ? 1091 GLU A OE1 1 
ATOM   1025 O OE2 . GLU A 1 113 ? 1.465   14.846  -12.655 1.00 52.04  ? 1091 GLU A OE2 1 
ATOM   1026 N N   . GLU A 1 114 ? 2.078   14.821  -5.748  1.00 14.30  ? 1092 GLU A N   1 
ATOM   1027 C CA  . GLU A 1 114 ? 1.195   15.447  -4.693  1.00 15.54  ? 1092 GLU A CA  1 
ATOM   1028 C C   . GLU A 1 114 ? 1.835   15.455  -3.318  1.00 15.08  ? 1092 GLU A C   1 
ATOM   1029 O O   . GLU A 1 114 ? 1.270   16.156  -2.430  1.00 17.22  ? 1092 GLU A O   1 
ATOM   1030 C CB  . GLU A 1 114 ? -0.164  14.728  -4.681  1.00 14.19  ? 1092 GLU A CB  1 
ATOM   1031 C CG  . GLU A 1 114 ? -0.903  14.795  -6.050  1.00 14.88  ? 1092 GLU A CG  1 
ATOM   1032 C CD  . GLU A 1 114 ? -2.246  14.129  -6.070  1.00 16.50  ? 1092 GLU A CD  1 
ATOM   1033 O OE1 . GLU A 1 114 ? -2.933  13.977  -5.020  1.00 16.12  ? 1092 GLU A OE1 1 
ATOM   1034 O OE2 . GLU A 1 114 ? -2.672  13.697  -7.205  1.00 16.97  ? 1092 GLU A OE2 1 
ATOM   1035 N N   . LEU A 1 115 ? 2.865   14.704  -3.030  1.00 14.39  ? 1093 LEU A N   1 
ATOM   1036 C CA  . LEU A 1 115 ? 3.547   14.711  -1.702  1.00 15.29  ? 1093 LEU A CA  1 
ATOM   1037 C C   . LEU A 1 115 ? 4.646   15.777  -1.750  1.00 16.53  ? 1093 LEU A C   1 
ATOM   1038 O O   . LEU A 1 115 ? 5.582   15.660  -2.575  1.00 18.55  ? 1093 LEU A O   1 
ATOM   1039 C CB  . LEU A 1 115 ? 4.170   13.335  -1.412  1.00 16.62  ? 1093 LEU A CB  1 
ATOM   1040 C CG  . LEU A 1 115 ? 5.147   13.196  -0.217  1.00 19.51  ? 1093 LEU A CG  1 
ATOM   1041 C CD1 . LEU A 1 115 ? 4.373   13.477  1.042   1.00 18.22  ? 1093 LEU A CD1 1 
ATOM   1042 C CD2 . LEU A 1 115 ? 5.799   11.800  -0.118  1.00 21.00  ? 1093 LEU A CD2 1 
ATOM   1043 N N   . ASP A 1 116 ? 4.667   16.723  -0.813  1.00 14.95  ? 1094 ASP A N   1 
ATOM   1044 C CA  . ASP A 1 116 ? 5.833   17.621  -0.694  1.00 16.89  ? 1094 ASP A CA  1 
ATOM   1045 C C   . ASP A 1 116 ? 6.993   16.877  -0.032  1.00 15.74  ? 1094 ASP A C   1 
ATOM   1046 O O   . ASP A 1 116 ? 6.811   16.284  1.072   1.00 15.08  ? 1094 ASP A O   1 
ATOM   1047 C CB  . ASP A 1 116 ? 5.390   18.771  0.193   1.00 17.36  ? 1094 ASP A CB  1 
ATOM   1048 C CG  . ASP A 1 116 ? 6.391   19.942  0.113   1.00 23.36  ? 1094 ASP A CG  1 
ATOM   1049 O OD1 . ASP A 1 116 ? 7.608   19.747  0.396   1.00 24.73  ? 1094 ASP A OD1 1 
ATOM   1050 O OD2 . ASP A 1 116 ? 5.932   21.095  -0.148  1.00 23.73  ? 1094 ASP A OD2 1 
ATOM   1051 N N   . GLU A 1 117 ? 8.182   16.912  -0.651  0.48 16.69  ? 1095 GLU A N   1 
ATOM   1052 C CA  . GLU A 1 117 ? 9.390   16.196  -0.151  0.48 17.77  ? 1095 GLU A CA  1 
ATOM   1053 C C   . GLU A 1 117 ? 9.748   16.671  1.272   0.48 16.02  ? 1095 GLU A C   1 
ATOM   1054 O O   . GLU A 1 117 ? 10.272  15.847  2.066   0.48 16.07  ? 1095 GLU A O   1 
ATOM   1055 C CB  . GLU A 1 117 ? 10.570  16.324  -1.129  0.48 20.84  ? 1095 GLU A CB  1 
ATOM   1056 C CG  . GLU A 1 117 ? 11.093  17.740  -1.318  0.48 23.87  ? 1095 GLU A CG  1 
ATOM   1057 C CD  . GLU A 1 117 ? 12.256  17.907  -2.290  0.48 27.84  ? 1095 GLU A CD  1 
ATOM   1058 O OE1 . GLU A 1 117 ? 12.684  16.901  -2.892  0.48 30.16  ? 1095 GLU A OE1 1 
ATOM   1059 O OE2 . GLU A 1 117 ? 12.741  19.051  -2.439  0.48 30.61  ? 1095 GLU A OE2 1 
ATOM   1060 N N   . ASP A 1 118 ? 9.482   17.940  1.607   1.00 15.78  ? 1096 ASP A N   1 
ATOM   1061 C CA  . ASP A 1 118 ? 9.795   18.450  2.983   1.00 15.23  ? 1096 ASP A CA  1 
ATOM   1062 C C   . ASP A 1 118 ? 8.787   17.965  4.028   1.00 14.14  ? 1096 ASP A C   1 
ATOM   1063 O O   . ASP A 1 118 ? 9.124   17.858  5.210   1.00 14.55  ? 1096 ASP A O   1 
ATOM   1064 C CB  . ASP A 1 118 ? 9.948   19.970  3.015   1.00 15.69  ? 1096 ASP A CB  1 
ATOM   1065 C CG  . ASP A 1 118 ? 11.204  20.483  2.292   1.00 20.83  ? 1096 ASP A CG  1 
ATOM   1066 O OD1 . ASP A 1 118 ? 12.137  19.720  2.026   1.00 21.34  ? 1096 ASP A OD1 1 
ATOM   1067 O OD2 . ASP A 1 118 ? 11.163  21.646  1.979   1.00 26.69  ? 1096 ASP A OD2 1 
ATOM   1068 N N   . PHE A 1 119 ? 7.536   17.646  3.625   1.00 14.50  ? 1097 PHE A N   1 
ATOM   1069 C CA  . PHE A 1 119 ? 6.532   17.028  4.542   1.00 13.49  ? 1097 PHE A CA  1 
ATOM   1070 C C   . PHE A 1 119 ? 6.985   15.591  4.857   1.00 13.16  ? 1097 PHE A C   1 
ATOM   1071 O O   . PHE A 1 119 ? 7.015   15.188  6.073   1.00 13.50  ? 1097 PHE A O   1 
ATOM   1072 C CB  . PHE A 1 119 ? 5.152   17.036  3.905   1.00 13.36  ? 1097 PHE A CB  1 
ATOM   1073 C CG  . PHE A 1 119 ? 4.080   16.422  4.786   1.00 12.16  ? 1097 PHE A CG  1 
ATOM   1074 C CD1 . PHE A 1 119 ? 3.421   17.183  5.742   1.00 13.51  ? 1097 PHE A CD1 1 
ATOM   1075 C CD2 . PHE A 1 119 ? 3.745   15.057  4.709   1.00 12.98  ? 1097 PHE A CD2 1 
ATOM   1076 C CE1 . PHE A 1 119 ? 2.531   16.629  6.639   1.00 14.18  ? 1097 PHE A CE1 1 
ATOM   1077 C CE2 . PHE A 1 119 ? 2.830   14.527  5.615   1.00 13.69  ? 1097 PHE A CE2 1 
ATOM   1078 C CZ  . PHE A 1 119 ? 2.215   15.317  6.543   1.00 14.50  ? 1097 PHE A CZ  1 
ATOM   1079 N N   . GLU A 1 120 ? 7.417   14.843  3.838   1.00 13.99  ? 1098 GLU A N   1 
ATOM   1080 C CA  . GLU A 1 120 ? 7.937   13.475  4.112   1.00 13.99  ? 1098 GLU A CA  1 
ATOM   1081 C C   . GLU A 1 120 ? 9.177   13.520  5.036   1.00 14.86  ? 1098 GLU A C   1 
ATOM   1082 O O   . GLU A 1 120 ? 9.310   12.686  5.933   1.00 14.99  ? 1098 GLU A O   1 
ATOM   1083 C CB  . GLU A 1 120 ? 8.268   12.744  2.806   1.00 15.26  ? 1098 GLU A CB  1 
ATOM   1084 C CG  . GLU A 1 120 ? 8.919   11.392  2.999   1.00 15.64  ? 1098 GLU A CG  1 
ATOM   1085 C CD  . GLU A 1 120 ? 8.110   10.272  3.689   1.00 17.36  ? 1098 GLU A CD  1 
ATOM   1086 O OE1 . GLU A 1 120 ? 6.924   10.529  4.033   1.00 17.87  ? 1098 GLU A OE1 1 
ATOM   1087 O OE2 . GLU A 1 120 ? 8.726   9.171   3.940   1.00 21.07  ? 1098 GLU A OE2 1 
ATOM   1088 N N   . GLN A 1 121 ? 10.109  14.467  4.765   1.00 14.95  ? 1099 GLN A N   1 
ATOM   1089 C CA  . GLN A 1 121 ? 11.354  14.532  5.603   1.00 15.08  ? 1099 GLN A CA  1 
ATOM   1090 C C   . GLN A 1 121 ? 11.003  14.851  7.054   1.00 14.91  ? 1099 GLN A C   1 
ATOM   1091 O O   . GLN A 1 121 ? 11.594  14.301  7.998   1.00 15.69  ? 1099 GLN A O   1 
ATOM   1092 C CB  . GLN A 1 121 ? 12.293  15.575  5.000   1.00 15.48  ? 1099 GLN A CB  1 
ATOM   1093 C CG  . GLN A 1 121 ? 13.660  15.635  5.696   1.00 18.30  ? 1099 GLN A CG  1 
ATOM   1094 C CD  . GLN A 1 121 ? 14.453  14.352  5.489   1.00 23.28  ? 1099 GLN A CD  1 
ATOM   1095 O OE1 . GLN A 1 121 ? 14.324  13.678  4.433   1.00 25.19  ? 1099 GLN A OE1 1 
ATOM   1096 N NE2 . GLN A 1 121 ? 15.239  13.977  6.506   1.00 23.74  ? 1099 GLN A NE2 1 
ATOM   1097 N N   . LEU A 1 122 ? 10.021  15.761  7.283   1.00 14.45  ? 1100 LEU A N   1 
ATOM   1098 C CA  . LEU A 1 122 ? 9.540   16.060  8.633   1.00 14.13  ? 1100 LEU A CA  1 
ATOM   1099 C C   . LEU A 1 122 ? 9.029   14.789  9.323   1.00 15.08  ? 1100 LEU A C   1 
ATOM   1100 O O   . LEU A 1 122 ? 9.363   14.493  10.491  1.00 15.29  ? 1100 LEU A O   1 
ATOM   1101 C CB  . LEU A 1 122 ? 8.484   17.179  8.615   1.00 14.04  ? 1100 LEU A CB  1 
ATOM   1102 C CG  . LEU A 1 122 ? 7.855   17.500  9.954   1.00 14.96  ? 1100 LEU A CG  1 
ATOM   1103 C CD1 . LEU A 1 122 ? 8.906   17.941  11.027  1.00 17.09  ? 1100 LEU A CD1 1 
ATOM   1104 C CD2 . LEU A 1 122 ? 6.764   18.556  9.832   1.00 16.20  ? 1100 LEU A CD2 1 
ATOM   1105 N N   . CYS A 1 123 ? 8.159   14.005  8.645   1.00 13.72  ? 1101 CYS A N   1 
ATOM   1106 C CA  . CYS A 1 123 ? 7.627   12.762  9.261   1.00 15.72  ? 1101 CYS A CA  1 
ATOM   1107 C C   . CYS A 1 123 ? 8.803   11.831  9.627   1.00 14.64  ? 1101 CYS A C   1 
ATOM   1108 O O   . CYS A 1 123 ? 8.742   11.222  10.712  1.00 16.03  ? 1101 CYS A O   1 
ATOM   1109 C CB  . CYS A 1 123 ? 6.678   12.093  8.256   1.00 14.62  ? 1101 CYS A CB  1 
ATOM   1110 S SG  . CYS A 1 123 ? 5.077   12.893  7.972   1.00 15.04  ? 1101 CYS A SG  1 
ATOM   1111 N N   . GLU A 1 124 ? 9.781   11.687  8.733   1.00 15.52  ? 1102 GLU A N   1 
ATOM   1112 C CA  . GLU A 1 124 ? 10.954  10.792  8.951   1.00 17.72  ? 1102 GLU A CA  1 
ATOM   1113 C C   . GLU A 1 124 ? 11.705  11.271  10.208  1.00 19.57  ? 1102 GLU A C   1 
ATOM   1114 O O   . GLU A 1 124 ? 12.090  10.397  11.071  1.00 20.61  ? 1102 GLU A O   1 
ATOM   1115 C CB  . GLU A 1 124 ? 11.820  10.637  7.707   1.00 18.47  ? 1102 GLU A CB  1 
ATOM   1116 C CG  . GLU A 1 124 ? 11.146  9.913   6.537   1.00 22.68  ? 1102 GLU A CG  1 
ATOM   1117 C CD  . GLU A 1 124 ? 11.892  9.698   5.206   1.00 29.73  ? 1102 GLU A CD  1 
ATOM   1118 O OE1 . GLU A 1 124 ? 13.131  9.847   5.268   1.00 34.30  ? 1102 GLU A OE1 1 
ATOM   1119 O OE2 . GLU A 1 124 ? 11.257  9.334   4.081   1.00 25.37  ? 1102 GLU A OE2 1 
ATOM   1120 N N   . GLU A 1 125 ? 11.882  12.594  10.396  1.00 18.10  ? 1103 GLU A N   1 
ATOM   1121 C CA  . GLU A 1 125 ? 12.677  13.130  11.548  1.00 18.60  ? 1103 GLU A CA  1 
ATOM   1122 C C   . GLU A 1 125 ? 11.876  12.966  12.819  1.00 20.77  ? 1103 GLU A C   1 
ATOM   1123 O O   . GLU A 1 125 ? 12.520  12.559  13.879  1.00 23.02  ? 1103 GLU A O   1 
ATOM   1124 C CB  . GLU A 1 125 ? 13.203  14.554  11.234  1.00 18.02  ? 1103 GLU A CB  1 
ATOM   1125 C CG  . GLU A 1 125 ? 14.244  14.542  10.148  1.00 17.92  ? 1103 GLU A CG  1 
ATOM   1126 C CD  . GLU A 1 125 ? 14.945  15.847  9.698   1.00 17.01  ? 1103 GLU A CD  1 
ATOM   1127 O OE1 . GLU A 1 125 ? 14.663  16.889  10.329  1.00 18.58  ? 1103 GLU A OE1 1 
ATOM   1128 O OE2 . GLU A 1 125 ? 15.732  15.792  8.703   1.00 19.39  ? 1103 GLU A OE2 1 
ATOM   1129 N N   . ILE A 1 126 ? 10.559  13.141  12.845  1.00 18.31  ? 1104 ILE A N   1 
ATOM   1130 C CA  . ILE A 1 126 ? 9.761   12.870  14.060  1.00 18.92  ? 1104 ILE A CA  1 
ATOM   1131 C C   . ILE A 1 126 ? 9.898   11.354  14.362  1.00 23.83  ? 1104 ILE A C   1 
ATOM   1132 O O   . ILE A 1 126 ? 10.196  11.035  15.524  1.00 24.77  ? 1104 ILE A O   1 
ATOM   1133 C CB  . ILE A 1 126 ? 8.285   13.309  13.955  1.00 17.93  ? 1104 ILE A CB  1 
ATOM   1134 C CG1 . ILE A 1 126 ? 8.111   14.784  13.559  1.00 18.60  ? 1104 ILE A CG1 1 
ATOM   1135 C CG2 . ILE A 1 126 ? 7.545   12.962  15.229  1.00 19.44  ? 1104 ILE A CG2 1 
ATOM   1136 C CD1 . ILE A 1 126 ? 6.716   15.155  13.073  1.00 18.87  ? 1104 ILE A CD1 1 
ATOM   1137 N N   . GLN A 1 127 ? 9.713   10.447  13.382  1.00 23.60  ? 1105 GLN A N   1 
ATOM   1138 C CA  . GLN A 1 127 ? 9.790   8.939   13.601  1.00 24.49  ? 1105 GLN A CA  1 
ATOM   1139 C C   . GLN A 1 127 ? 11.144  8.595   14.276  1.00 27.15  ? 1105 GLN A C   1 
ATOM   1140 O O   . GLN A 1 127 ? 11.170  7.840   15.293  1.00 27.70  ? 1105 GLN A O   1 
ATOM   1141 C CB  . GLN A 1 127 ? 9.579   8.189   12.263  1.00 23.79  ? 1105 GLN A CB  1 
ATOM   1142 C CG  . GLN A 1 127 ? 9.735   6.640   12.308  1.00 26.51  ? 1105 GLN A CG  1 
ATOM   1143 C CD  . GLN A 1 127 ? 9.603   5.983   10.950  1.00 27.75  ? 1105 GLN A CD  1 
ATOM   1144 O OE1 . GLN A 1 127 ? 10.374  6.277   10.015  1.00 30.19  ? 1105 GLN A OE1 1 
ATOM   1145 N NE2 . GLN A 1 127 ? 8.661   5.035   10.824  1.00 28.93  ? 1105 GLN A NE2 1 
ATOM   1146 N N   A GLU A 1 128 ? 12.243  9.119   13.731  0.15 27.03  ? 1106 GLU A N   1 
ATOM   1147 N N   B GLU A 1 128 ? 12.239  9.157   13.749  0.20 24.87  ? 1106 GLU A N   1 
ATOM   1148 N N   C GLU A 1 128 ? 12.243  9.119   13.731  0.15 27.03  ? 1106 GLU A N   1 
ATOM   1149 C CA  A GLU A 1 128 ? 13.624  8.856   14.222  0.15 29.83  ? 1106 GLU A CA  1 
ATOM   1150 C CA  B GLU A 1 128 ? 13.634  8.871   14.195  0.20 27.36  ? 1106 GLU A CA  1 
ATOM   1151 C CA  C GLU A 1 128 ? 13.624  8.856   14.222  0.15 29.83  ? 1106 GLU A CA  1 
ATOM   1152 C C   A GLU A 1 128 ? 13.755  9.285   15.691  0.15 30.68  ? 1106 GLU A C   1 
ATOM   1153 C C   B GLU A 1 128 ? 13.906  9.426   15.601  0.20 29.77  ? 1106 GLU A C   1 
ATOM   1154 C C   C GLU A 1 128 ? 13.755  9.285   15.691  0.15 30.68  ? 1106 GLU A C   1 
ATOM   1155 O O   A GLU A 1 128 ? 14.426  8.559   16.477  0.15 30.00  ? 1106 GLU A O   1 
ATOM   1156 O O   B GLU A 1 128 ? 14.914  8.977   16.210  0.20 32.34  ? 1106 GLU A O   1 
ATOM   1157 O O   C GLU A 1 128 ? 14.426  8.559   16.477  0.15 30.00  ? 1106 GLU A O   1 
ATOM   1158 C CB  A GLU A 1 128 ? 14.629  9.556   13.307  0.15 31.53  ? 1106 GLU A CB  1 
ATOM   1159 C CB  B GLU A 1 128 ? 14.664  9.472   13.239  0.20 26.72  ? 1106 GLU A CB  1 
ATOM   1160 C CB  C GLU A 1 128 ? 14.629  9.556   13.307  0.15 31.53  ? 1106 GLU A CB  1 
ATOM   1161 C CG  A GLU A 1 128 ? 15.112  8.660   12.182  0.15 34.84  ? 1106 GLU A CG  1 
ATOM   1162 C CG  B GLU A 1 128 ? 16.098  9.320   13.738  0.20 28.27  ? 1106 GLU A CG  1 
ATOM   1163 C CG  C GLU A 1 128 ? 15.112  8.660   12.182  0.15 34.84  ? 1106 GLU A CG  1 
ATOM   1164 C CD  A GLU A 1 128 ? 15.234  9.309   10.816  0.15 38.11  ? 1106 GLU A CD  1 
ATOM   1165 C CD  B GLU A 1 128 ? 16.561  7.877   13.849  0.20 30.26  ? 1106 GLU A CD  1 
ATOM   1166 C CD  C GLU A 1 128 ? 15.234  9.309   10.816  0.15 38.11  ? 1106 GLU A CD  1 
ATOM   1167 O OE1 A GLU A 1 128 ? 15.537  10.525  10.748  0.15 38.85  ? 1106 GLU A OE1 1 
ATOM   1168 O OE1 B GLU A 1 128 ? 17.451  7.602   14.687  0.20 30.92  ? 1106 GLU A OE1 1 
ATOM   1169 O OE1 C GLU A 1 128 ? 15.537  10.525  10.748  0.15 38.85  ? 1106 GLU A OE1 1 
ATOM   1170 O OE2 A GLU A 1 128 ? 15.017  8.594   9.817   0.15 40.98  ? 1106 GLU A OE2 1 
ATOM   1171 O OE2 B GLU A 1 128 ? 16.044  7.036   13.094  0.20 32.36  ? 1106 GLU A OE2 1 
ATOM   1172 O OE2 C GLU A 1 128 ? 15.017  8.594   9.817   0.15 40.98  ? 1106 GLU A OE2 1 
ATOM   1173 N N   . SER A 1 129 ? 13.099  10.381  16.078  1.00 29.18  ? 1107 SER A N   1 
ATOM   1174 C CA  . SER A 1 129 ? 13.232  10.973  17.438  1.00 32.02  ? 1107 SER A CA  1 
ATOM   1175 C C   . SER A 1 129 ? 12.535  10.124  18.505  1.00 39.21  ? 1107 SER A C   1 
ATOM   1176 O O   . SER A 1 129 ? 12.741  10.443  19.699  1.00 44.21  ? 1107 SER A O   1 
ATOM   1177 C CB  . SER A 1 129 ? 12.721  12.388  17.473  1.00 31.06  ? 1107 SER A CB  1 
ATOM   1178 O OG  . SER A 1 129 ? 11.281  12.390  17.554  1.00 32.18  ? 1107 SER A OG  1 
ATOM   1179 N N   . ARG A 1 130 ? 11.679  9.169   18.130  1.00 38.88  ? 1108 ARG A N   1 
ATOM   1180 C CA  . ARG A 1 130 ? 10.774  8.483   19.091  1.00 44.01  ? 1108 ARG A CA  1 
ATOM   1181 C C   . ARG A 1 130 ? 11.485  7.221   19.598  1.00 50.07  ? 1108 ARG A C   1 
ATOM   1182 O O   . ARG A 1 130 ? 12.461  6.732   18.993  1.00 49.78  ? 1108 ARG A O   1 
ATOM   1183 C CB  . ARG A 1 130 ? 9.405   8.167   18.474  1.00 44.59  ? 1108 ARG A CB  1 
ATOM   1184 C CG  . ARG A 1 130 ? 8.711   9.416   17.947  1.00 50.88  ? 1108 ARG A CG  1 
ATOM   1185 C CD  . ARG A 1 130 ? 7.234   9.562   18.257  1.00 51.66  ? 1108 ARG A CD  1 
ATOM   1186 N NE  . ARG A 1 130 ? 6.836   10.977  18.348  1.00 44.60  ? 1108 ARG A NE  1 
ATOM   1187 C CZ  . ARG A 1 130 ? 5.587   11.419  18.221  1.00 38.93  ? 1108 ARG A CZ  1 
ATOM   1188 N NH1 . ARG A 1 130 ? 4.600   10.548  18.042  1.00 54.22  ? 1108 ARG A NH1 1 
ATOM   1189 N NH2 . ARG A 1 130 ? 5.310   12.708  18.308  1.00 33.92  ? 1108 ARG A NH2 1 
ATOM   1190 O OXT . ARG A 1 130 ? 11.044  6.718   20.642  1.00 55.04  ? 1108 ARG A OXT 1 
HETATM 1191 C C10 . RHG B 2 .   ? 7.730   9.048   0.851   0.48 57.07  ? 1201 RHG A C10 1 
HETATM 1192 C C13 . RHG B 2 .   ? 9.636   8.268   -1.316  0.48 61.28  ? 1201 RHG A C13 1 
HETATM 1193 C C05 . RHG B 2 .   ? 11.627  7.339   -1.876  0.48 67.15  ? 1201 RHG A C05 1 
HETATM 1194 C C06 . RHG B 2 .   ? 11.033  8.599   -1.224  0.48 63.61  ? 1201 RHG A C06 1 
HETATM 1195 C C07 . RHG B 2 .   ? 11.268  8.669   0.218   0.48 61.79  ? 1201 RHG A C07 1 
HETATM 1196 C C08 . RHG B 2 .   ? 10.114  7.981   0.804   0.48 59.24  ? 1201 RHG A C08 1 
HETATM 1197 C C09 . RHG B 2 .   ? 9.145   8.957   1.407   0.48 57.37  ? 1201 RHG A C09 1 
HETATM 1198 C C12 . RHG B 2 .   ? 8.777   9.491   -1.206  0.48 57.87  ? 1201 RHG A C12 1 
HETATM 1199 C C14 . RHG B 2 .   ? 9.408   7.544   -2.601  0.48 64.38  ? 1201 RHG A C14 1 
HETATM 1200 C C16 . RHG B 2 .   ? 10.824  9.079   -5.316  0.48 79.88  ? 1201 RHG A C16 1 
HETATM 1201 F F17 . RHG B 2 .   ? 9.650   9.542   -4.763  0.48 83.86  ? 1201 RHG A F17 1 
HETATM 1202 F F18 . RHG B 2 .   ? 11.830  10.008  -5.097  0.48 78.49  ? 1201 RHG A F18 1 
HETATM 1203 F F19 . RHG B 2 .   ? 10.629  8.922   -6.652  0.48 82.37  ? 1201 RHG A F19 1 
HETATM 1204 N N04 . RHG B 2 .   ? 10.742  7.220   -3.035  0.48 70.25  ? 1201 RHG A N04 1 
HETATM 1205 N N11 . RHG B 2 .   ? 7.529   9.260   -0.561  0.48 57.46  ? 1201 RHG A N11 1 
HETATM 1206 O O01 . RHG B 2 .   ? 12.698  7.233   -4.664  0.48 77.95  ? 1201 RHG A O01 1 
HETATM 1207 O O03 . RHG B 2 .   ? 10.801  6.371   -5.484  0.48 74.92  ? 1201 RHG A O03 1 
HETATM 1208 O O15 . RHG B 2 .   ? 9.448   7.343   -0.271  0.48 57.17  ? 1201 RHG A O15 1 
HETATM 1209 S S02 . RHG B 2 .   ? 11.263  7.467   -4.634  0.48 78.12  ? 1201 RHG A S02 1 
HETATM 1210 C C10 . RHG C 2 .   ? -10.302 0.074   1.305   0.30 59.02  ? 1202 RHG A C10 1 
HETATM 1211 C C13 . RHG C 2 .   ? -12.325 -0.916  -0.801  0.30 60.70  ? 1202 RHG A C13 1 
HETATM 1212 C C05 . RHG C 2 .   ? -14.308 -2.240  -0.957  0.30 61.96  ? 1202 RHG A C05 1 
HETATM 1213 C C06 . RHG C 2 .   ? -12.972 -2.041  -0.157  0.30 61.31  ? 1202 RHG A C06 1 
HETATM 1214 C C07 . RHG C 2 .   ? -13.171 -1.612  1.250   0.30 60.94  ? 1202 RHG A C07 1 
HETATM 1215 C C08 . RHG C 2 .   ? -12.908 -0.162  1.283   0.30 60.99  ? 1202 RHG A C08 1 
HETATM 1216 C C09 . RHG C 2 .   ? -11.627 0.174   2.047   0.30 60.24  ? 1202 RHG A C09 1 
HETATM 1217 C C12 . RHG C 2 .   ? -10.840 -1.055  -0.806  0.30 60.04  ? 1202 RHG A C12 1 
HETATM 1218 C C14 . RHG C 2 .   ? -12.859 -0.874  -2.217  0.30 61.67  ? 1202 RHG A C14 1 
HETATM 1219 C C16 . RHG C 2 .   ? -15.219 -0.245  -4.639  0.30 65.10  ? 1202 RHG A C16 1 
HETATM 1220 F F17 . RHG C 2 .   ? -15.329 -1.435  -5.353  0.30 64.86  ? 1202 RHG A F17 1 
HETATM 1221 F F18 . RHG C 2 .   ? -16.132 0.684   -5.134  0.30 60.70  ? 1202 RHG A F18 1 
HETATM 1222 F F19 . RHG C 2 .   ? -13.972 0.253   -4.798  0.30 64.62  ? 1202 RHG A F19 1 
HETATM 1223 N N04 . RHG C 2 .   ? -14.228 -1.356  -2.143  0.30 63.37  ? 1202 RHG A N04 1 
HETATM 1224 N N11 . RHG C 2 .   ? -10.084 -1.046  0.400   0.30 59.50  ? 1202 RHG A N11 1 
HETATM 1225 O O01 . RHG C 2 .   ? -15.932 0.664   -2.211  0.30 67.94  ? 1202 RHG A O01 1 
HETATM 1226 O O03 . RHG C 2 .   ? -16.814 -1.351  -2.779  0.30 65.89  ? 1202 RHG A O03 1 
HETATM 1227 O O15 . RHG C 2 .   ? -12.738 0.249   -0.081  0.30 61.13  ? 1202 RHG A O15 1 
HETATM 1228 S S02 . RHG C 2 .   ? -15.564 -0.570  -2.920  0.30 66.93  ? 1202 RHG A S02 1 
HETATM 1229 C C10 . RHG D 2 .   ? -3.441  -19.620 -11.685 0.48 22.13  ? 1203 RHG A C10 1 
HETATM 1230 C C13 . RHG D 2 .   ? -0.915  -20.515 -10.244 0.48 19.76  ? 1203 RHG A C13 1 
HETATM 1231 C C05 . RHG D 2 .   ? -0.731  -20.580 -7.833  0.48 20.09  ? 1203 RHG A C05 1 
HETATM 1232 C C06 . RHG D 2 .   ? -1.728  -20.386 -9.025  0.48 20.34  ? 1203 RHG A C06 1 
HETATM 1233 C C07 . RHG D 2 .   ? -2.765  -21.449 -9.089  0.48 20.80  ? 1203 RHG A C07 1 
HETATM 1234 C C08 . RHG D 2 .   ? -2.778  -21.885 -10.492 0.48 21.19  ? 1203 RHG A C08 1 
HETATM 1235 C C09 . RHG D 2 .   ? -3.775  -21.076 -11.329 0.48 21.91  ? 1203 RHG A C09 1 
HETATM 1236 C C12 . RHG D 2 .   ? -1.026  -19.347 -11.197 0.48 19.33  ? 1203 RHG A C12 1 
HETATM 1237 C C14 . RHG D 2 .   ? 0.538   -20.714 -9.830  0.48 19.75  ? 1203 RHG A C14 1 
HETATM 1238 C C16 . RHG D 2 .   ? 2.792   -20.555 -7.132  0.48 22.98  ? 1203 RHG A C16 1 
HETATM 1239 F F17 . RHG D 2 .   ? 3.248   -19.958 -8.276  0.48 23.04  ? 1203 RHG A F17 1 
HETATM 1240 F F18 . RHG D 2 .   ? 1.950   -19.724 -6.451  0.48 21.41  ? 1203 RHG A F18 1 
HETATM 1241 F F19 . RHG D 2 .   ? 3.795   -20.998 -6.350  0.48 25.05  ? 1203 RHG A F19 1 
HETATM 1242 N N04 . RHG D 2 .   ? 0.462   -21.159 -8.458  0.48 20.18  ? 1203 RHG A N04 1 
HETATM 1243 N N11 . RHG D 2 .   ? -2.097  -19.333 -12.179 0.48 20.12  ? 1203 RHG A N11 1 
HETATM 1244 O O01 . RHG D 2 .   ? 2.470   -22.809 -8.471  0.48 23.48  ? 1203 RHG A O01 1 
HETATM 1245 O O03 . RHG D 2 .   ? 1.176   -22.529 -6.381  0.48 22.59  ? 1203 RHG A O03 1 
HETATM 1246 O O15 . RHG D 2 .   ? -1.432  -21.680 -10.933 0.48 20.47  ? 1203 RHG A O15 1 
HETATM 1247 S S02 . RHG D 2 .   ? 1.753   -21.870 -7.593  0.48 22.25  ? 1203 RHG A S02 1 
HETATM 1248 S S   . SO4 E 3 .   ? 5.868   -17.276 -24.846 1.00 26.61  ? 1204 SO4 A S   1 
HETATM 1249 O O1  . SO4 E 3 .   ? 5.572   -18.302 -25.804 1.00 28.42  ? 1204 SO4 A O1  1 
HETATM 1250 O O2  . SO4 E 3 .   ? 5.349   -17.781 -23.553 1.00 29.13  ? 1204 SO4 A O2  1 
HETATM 1251 O O3  . SO4 E 3 .   ? 7.128   -16.888 -24.859 1.00 24.72  ? 1204 SO4 A O3  1 
HETATM 1252 O O4  . SO4 E 3 .   ? 5.009   -16.135 -25.250 1.00 35.29  ? 1204 SO4 A O4  1 
HETATM 1253 S S   . SO4 F 3 .   ? 2.875   -4.890  11.921  0.50 80.00  ? 1205 SO4 A S   1 
HETATM 1254 O O1  . SO4 F 3 .   ? 3.997   -5.402  12.665  0.50 75.21  ? 1205 SO4 A O1  1 
HETATM 1255 O O2  . SO4 F 3 .   ? 2.822   -5.549  10.646  0.50 76.84  ? 1205 SO4 A O2  1 
HETATM 1256 O O3  . SO4 F 3 .   ? 3.022   -3.467  11.721  0.50 75.09  ? 1205 SO4 A O3  1 
HETATM 1257 O O4  . SO4 F 3 .   ? 1.661   -5.135  12.642  0.50 76.85  ? 1205 SO4 A O4  1 
HETATM 1258 C C1  . EDO G 4 .   ? 1.463   15.799  1.522   1.00 23.51  ? 1206 EDO A C1  1 
HETATM 1259 O O1  . EDO G 4 .   ? 2.376   16.892  1.236   1.00 21.25  ? 1206 EDO A O1  1 
HETATM 1260 C C2  . EDO G 4 .   ? 0.745   15.984  2.835   1.00 18.29  ? 1206 EDO A C2  1 
HETATM 1261 O O2  . EDO G 4 .   ? -0.337  16.895  2.681   1.00 18.84  ? 1206 EDO A O2  1 
HETATM 1262 C C1  . EDO H 4 .   ? 1.883   19.280  -2.899  1.00 47.92  ? 1207 EDO A C1  1 
HETATM 1263 O O1  . EDO H 4 .   ? 1.511   20.406  -3.672  1.00 56.18  ? 1207 EDO A O1  1 
HETATM 1264 C C2  . EDO H 4 .   ? 3.288   18.819  -3.102  1.00 50.63  ? 1207 EDO A C2  1 
HETATM 1265 O O2  . EDO H 4 .   ? 3.785   18.926  -4.420  1.00 51.94  ? 1207 EDO A O2  1 
HETATM 1266 C C1  . EDO I 4 .   ? -5.333  -4.771  9.317   1.00 25.13  ? 1208 EDO A C1  1 
HETATM 1267 O O1  . EDO I 4 .   ? -4.158  -5.504  8.956   1.00 25.88  ? 1208 EDO A O1  1 
HETATM 1268 C C2  . EDO I 4 .   ? -5.755  -4.908  10.775  1.00 22.91  ? 1208 EDO A C2  1 
HETATM 1269 O O2  . EDO I 4 .   ? -6.201  -6.246  10.969  1.00 28.70  ? 1208 EDO A O2  1 
HETATM 1270 O O   . HOH J 5 .   ? -11.691 15.714  10.618  1.00 25.09  ? 1301 HOH A O   1 
HETATM 1271 O O   . HOH J 5 .   ? 4.599   -17.489 -27.741 1.00 29.24  ? 1302 HOH A O   1 
HETATM 1272 O O   . HOH J 5 .   ? -1.874  14.067  -9.621  1.00 36.85  ? 1303 HOH A O   1 
HETATM 1273 O O   . HOH J 5 .   ? 7.629   -11.047 -6.468  1.00 33.04  ? 1304 HOH A O   1 
HETATM 1274 O O   . HOH J 5 .   ? -9.187  5.429   1.647   1.00 41.65  ? 1305 HOH A O   1 
HETATM 1275 O O   . HOH J 5 .   ? -0.625  10.208  15.988  1.00 38.82  ? 1306 HOH A O   1 
HETATM 1276 O O   . HOH J 5 .   ? 8.461   12.640  19.153  1.00 43.56  ? 1307 HOH A O   1 
HETATM 1277 O O   . HOH J 5 .   ? 0.407   -21.252 -17.907 1.00 40.43  ? 1308 HOH A O   1 
HETATM 1278 O O   . HOH J 5 .   ? 10.711  15.066  17.319  1.00 32.00  ? 1309 HOH A O   1 
HETATM 1279 O O   . HOH J 5 .   ? 12.504  7.633   9.943   1.00 39.09  ? 1310 HOH A O   1 
HETATM 1280 O O   . HOH J 5 .   ? 6.297   -17.996 -7.781  0.48 20.99  ? 1311 HOH A O   1 
HETATM 1281 O O   . HOH J 5 .   ? -9.704  10.062  -2.858  1.00 36.97  ? 1312 HOH A O   1 
HETATM 1282 O O   . HOH J 5 .   ? 7.009   20.171  17.809  1.00 48.15  ? 1313 HOH A O   1 
HETATM 1283 O O   . HOH J 5 .   ? -4.187  -18.636 -14.983 0.48 39.87  ? 1314 HOH A O   1 
HETATM 1284 O O   . HOH J 5 .   ? -1.578  -10.456 -1.047  1.00 17.48  ? 1315 HOH A O   1 
HETATM 1285 O O   . HOH J 5 .   ? 5.679   -1.017  -15.083 1.00 51.24  ? 1316 HOH A O   1 
HETATM 1286 O O   . HOH J 5 .   ? -11.976 4.951   8.266   1.00 37.12  ? 1317 HOH A O   1 
HETATM 1287 O O   . HOH J 5 .   ? 7.004   -9.684  4.195   1.00 27.98  ? 1318 HOH A O   1 
HETATM 1288 O O   . HOH J 5 .   ? -1.702  -11.741 -4.810  1.00 23.61  ? 1319 HOH A O   1 
HETATM 1289 O O   . HOH J 5 .   ? -4.716  12.594  16.095  1.00 59.15  ? 1320 HOH A O   1 
HETATM 1290 O O   . HOH J 5 .   ? 16.684  12.433  12.185  1.00 32.95  ? 1321 HOH A O   1 
HETATM 1291 O O   . HOH J 5 .   ? -1.226  22.146  12.948  1.00 37.24  ? 1322 HOH A O   1 
HETATM 1292 O O   . HOH J 5 .   ? -4.757  -7.973  12.386  1.00 22.73  ? 1323 HOH A O   1 
HETATM 1293 O O   . HOH J 5 .   ? 15.003  13.316  14.464  1.00 25.88  ? 1324 HOH A O   1 
HETATM 1294 O O   . HOH J 5 .   ? -4.654  -9.471  2.528   1.00 22.46  ? 1325 HOH A O   1 
HETATM 1295 O O   . HOH J 5 .   ? 3.424   -2.246  9.387   1.00 25.40  ? 1326 HOH A O   1 
HETATM 1296 O O   . HOH J 5 .   ? -1.001  -20.829 -14.497 0.48 24.50  ? 1327 HOH A O   1 
HETATM 1297 O O   . HOH J 5 .   ? 0.965   -8.184  7.978   1.00 19.01  ? 1328 HOH A O   1 
HETATM 1298 O O   . HOH J 5 .   ? 18.293  15.061  8.500   1.00 32.21  ? 1329 HOH A O   1 
HETATM 1299 O O   . HOH J 5 .   ? -4.496  -16.640 -13.619 1.00 44.07  ? 1330 HOH A O   1 
HETATM 1300 O O   . HOH J 5 .   ? -10.519 -11.111 -2.619  1.00 50.86  ? 1331 HOH A O   1 
HETATM 1301 O O   . HOH J 5 .   ? -2.998  4.852   -13.713 1.00 25.81  ? 1332 HOH A O   1 
HETATM 1302 O O   . HOH J 5 .   ? -10.679 1.429   9.955   1.00 23.07  ? 1333 HOH A O   1 
HETATM 1303 O O   . HOH J 5 .   ? 1.687   4.432   15.996  1.00 40.97  ? 1334 HOH A O   1 
HETATM 1304 O O   . HOH J 5 .   ? -5.473  18.056  12.466  0.50 30.44  ? 1335 HOH A O   1 
HETATM 1305 O O   . HOH J 5 .   ? 2.288   0.492   -15.199 1.00 35.97  ? 1336 HOH A O   1 
HETATM 1306 O O   . HOH J 5 .   ? 1.276   20.344  4.073   1.00 19.31  ? 1337 HOH A O   1 
HETATM 1307 O O   . HOH J 5 .   ? -7.034  -9.091  -12.066 1.00 33.02  ? 1338 HOH A O   1 
HETATM 1308 O O   . HOH J 5 .   ? -12.523 -5.117  -12.785 1.00 36.40  ? 1339 HOH A O   1 
HETATM 1309 O O   . HOH J 5 .   ? 5.190   -0.869  6.349   1.00 31.56  ? 1340 HOH A O   1 
HETATM 1310 O O   . HOH J 5 .   ? 6.521   -19.201 -0.861  0.48 37.56  ? 1341 HOH A O   1 
HETATM 1311 O O   . HOH J 5 .   ? 3.077   19.582  9.712   1.00 26.46  ? 1342 HOH A O   1 
HETATM 1312 O O   . HOH J 5 .   ? -16.962 -7.660  -3.181  0.30 36.11  ? 1343 HOH A O   1 
HETATM 1313 O O   . HOH J 5 .   ? 7.051   -14.563 -13.975 1.00 32.33  ? 1344 HOH A O   1 
HETATM 1314 O O   . HOH J 5 .   ? -1.729  0.407   16.544  1.00 46.30  ? 1345 HOH A O   1 
HETATM 1315 O O   . HOH J 5 .   ? 5.393   5.553   -11.321 1.00 21.70  ? 1346 HOH A O   1 
HETATM 1316 O O   . HOH J 5 .   ? 6.020   -10.938 -1.943  1.00 21.94  ? 1347 HOH A O   1 
HETATM 1317 O O   . HOH J 5 .   ? -5.018  -16.186 -9.153  0.48 26.05  ? 1348 HOH A O   1 
HETATM 1318 O O   . HOH J 5 .   ? 13.863  17.686  2.625   1.00 32.65  ? 1349 HOH A O   1 
HETATM 1319 O O   . HOH J 5 .   ? -3.506  -11.517 -20.604 1.00 19.65  ? 1350 HOH A O   1 
HETATM 1320 O O   . HOH J 5 .   ? 10.458  -0.386  -4.222  1.00 43.67  ? 1351 HOH A O   1 
HETATM 1321 O O   . HOH J 5 .   ? -1.267  16.894  -1.680  1.00 18.59  ? 1352 HOH A O   1 
HETATM 1322 O O   . HOH J 5 .   ? 0.140   -16.775 4.960   1.00 29.20  ? 1353 HOH A O   1 
HETATM 1323 O O   . HOH J 5 .   ? -9.043  -4.963  7.683   1.00 30.11  ? 1354 HOH A O   1 
HETATM 1324 O O   . HOH J 5 .   ? 7.176   3.611   12.663  1.00 59.54  ? 1355 HOH A O   1 
HETATM 1325 O O   . HOH J 5 .   ? -11.662 -1.495  -7.898  1.00 21.03  ? 1356 HOH A O   1 
HETATM 1326 O O   . HOH J 5 .   ? 0.506   -5.704  9.152   1.00 17.26  ? 1357 HOH A O   1 
HETATM 1327 O O   . HOH J 5 .   ? -3.302  -13.189 -6.720  1.00 36.04  ? 1358 HOH A O   1 
HETATM 1328 O O   . HOH J 5 .   ? 3.134   -5.136  6.547   1.00 19.07  ? 1359 HOH A O   1 
HETATM 1329 O O   . HOH J 5 .   ? 7.550   -4.534  0.439   1.00 20.81  ? 1360 HOH A O   1 
HETATM 1330 O O   . HOH J 5 .   ? 10.259  5.438   7.159   1.00 28.72  ? 1361 HOH A O   1 
HETATM 1331 O O   . HOH J 5 .   ? -1.556  -9.146  -3.858  1.00 18.65  ? 1362 HOH A O   1 
HETATM 1332 O O   . HOH J 5 .   ? -12.343 -11.554 1.129   1.00 48.46  ? 1363 HOH A O   1 
HETATM 1333 O O   . HOH J 5 .   ? -9.433  6.421   -9.466  1.00 29.44  ? 1364 HOH A O   1 
HETATM 1334 O O   . HOH J 5 .   ? -9.863  2.077   -14.702 1.00 41.74  ? 1365 HOH A O   1 
HETATM 1335 O O   . HOH J 5 .   ? -2.423  16.587  0.864   1.00 14.55  ? 1366 HOH A O   1 
HETATM 1336 O O   . HOH J 5 .   ? -5.969  -20.176 -7.477  0.48 38.65  ? 1367 HOH A O   1 
HETATM 1337 O O   . HOH J 5 .   ? -8.685  11.475  3.287   1.00 12.35  ? 1368 HOH A O   1 
HETATM 1338 O O   . HOH J 5 .   ? -3.914  -8.016  -2.870  1.00 17.70  ? 1369 HOH A O   1 
HETATM 1339 O O   . HOH J 5 .   ? -3.742  -14.259 6.118   1.00 45.54  ? 1370 HOH A O   1 
HETATM 1340 O O   . HOH J 5 .   ? 13.919  17.794  12.883  1.00 19.50  ? 1371 HOH A O   1 
HETATM 1341 O O   . HOH J 5 .   ? 6.979   -7.537  7.462   1.00 39.06  ? 1372 HOH A O   1 
HETATM 1342 O O   . HOH J 5 .   ? 3.891   -1.666  13.698  1.00 32.85  ? 1373 HOH A O   1 
HETATM 1343 O O   . HOH J 5 .   ? -10.965 -1.425  5.731   1.00 25.71  ? 1374 HOH A O   1 
HETATM 1344 O O   . HOH J 5 .   ? -12.090 -8.954  -9.032  1.00 51.71  ? 1375 HOH A O   1 
HETATM 1345 O O   . HOH J 5 .   ? -15.168 1.092   -8.846  1.00 45.38  ? 1376 HOH A O   1 
HETATM 1346 O O   . HOH J 5 .   ? -5.968  -9.755  -2.359  1.00 28.82  ? 1377 HOH A O   1 
HETATM 1347 O O   . HOH J 5 .   ? 16.229  11.993  3.212   1.00 55.68  ? 1378 HOH A O   1 
HETATM 1348 O O   . HOH J 5 .   ? 7.702   -6.372  -1.572  1.00 23.24  ? 1379 HOH A O   1 
HETATM 1349 O O   . HOH J 5 .   ? -1.845  12.146  15.265  1.00 24.80  ? 1380 HOH A O   1 
HETATM 1350 O O   . HOH J 5 .   ? -0.743  -20.148 -22.391 1.00 23.53  ? 1381 HOH A O   1 
HETATM 1351 O O   . HOH J 5 .   ? 3.130   21.523  -0.350  1.00 28.77  ? 1382 HOH A O   1 
HETATM 1352 O O   . HOH J 5 .   ? 1.321   -2.157  -16.112 1.00 22.88  ? 1383 HOH A O   1 
HETATM 1353 O O   . HOH J 5 .   ? 4.208   11.836  -11.122 1.00 28.95  ? 1384 HOH A O   1 
HETATM 1354 O O   . HOH J 5 .   ? 2.645   -16.959 7.007   1.00 23.27  ? 1385 HOH A O   1 
HETATM 1355 O O   . HOH J 5 .   ? 2.211   -19.801 5.510   1.00 54.77  ? 1386 HOH A O   1 
HETATM 1356 O O   . HOH J 5 .   ? 6.713   -13.244 -11.609 1.00 26.03  ? 1387 HOH A O   1 
HETATM 1357 O O   . HOH J 5 .   ? -1.854  -5.065  10.600  1.00 21.79  ? 1388 HOH A O   1 
HETATM 1358 O O   . HOH J 5 .   ? 4.423   -12.481 1.266   1.00 16.52  ? 1389 HOH A O   1 
HETATM 1359 O O   . HOH J 5 .   ? -4.029  12.721  -1.133  1.00 24.58  ? 1390 HOH A O   1 
HETATM 1360 O O   . HOH J 5 .   ? -8.808  -6.440  -10.883 1.00 20.92  ? 1391 HOH A O   1 
HETATM 1361 O O   . HOH J 5 .   ? 3.181   14.139  20.955  1.00 53.45  ? 1392 HOH A O   1 
HETATM 1362 O O   . HOH J 5 .   ? 4.001   -21.629 -11.166 0.48 22.23  ? 1393 HOH A O   1 
HETATM 1363 O O   . HOH J 5 .   ? -5.565  -19.301 1.690   1.00 33.62  ? 1394 HOH A O   1 
HETATM 1364 O O   . HOH J 5 .   ? 8.453   -14.461 -24.034 1.00 46.74  ? 1395 HOH A O   1 
HETATM 1365 O O   . HOH J 5 .   ? -0.506  -15.044 -22.535 1.00 21.29  ? 1396 HOH A O   1 
HETATM 1366 O O   . HOH J 5 .   ? 2.080   -8.735  -17.996 1.00 33.99  ? 1397 HOH A O   1 
HETATM 1367 O O   . HOH J 5 .   ? 1.888   11.974  -12.742 1.00 50.36  ? 1398 HOH A O   1 
HETATM 1368 O O   . HOH J 5 .   ? 8.371   18.316  -3.191  1.00 30.20  ? 1399 HOH A O   1 
HETATM 1369 O O   . HOH J 5 .   ? 3.997   0.894   13.172  1.00 33.94  ? 1400 HOH A O   1 
HETATM 1370 O O   . HOH J 5 .   ? 7.271   8.466   -6.019  1.00 27.62  ? 1401 HOH A O   1 
HETATM 1371 O O   . HOH J 5 .   ? -2.384  20.577  3.248   1.00 14.70  ? 1402 HOH A O   1 
HETATM 1372 O O   . HOH J 5 .   ? -5.856  4.134   16.378  1.00 33.89  ? 1403 HOH A O   1 
HETATM 1373 O O   . HOH J 5 .   ? 6.880   -20.226 -23.093 1.00 28.14  ? 1404 HOH A O   1 
HETATM 1374 O O   . HOH J 5 .   ? 1.999   -2.022  15.648  1.00 37.66  ? 1405 HOH A O   1 
HETATM 1375 O O   . HOH J 5 .   ? -6.638  -12.713 -14.495 1.00 32.09  ? 1406 HOH A O   1 
HETATM 1376 O O   . HOH J 5 .   ? 5.681   -4.125  4.219   1.00 29.08  ? 1407 HOH A O   1 
HETATM 1377 O O   . HOH J 5 .   ? -1.150  5.330   9.859   1.00 14.70  ? 1408 HOH A O   1 
HETATM 1378 O O   . HOH J 5 .   ? -5.246  10.558  -9.957  1.00 41.16  ? 1409 HOH A O   1 
HETATM 1379 O O   . HOH J 5 .   ? 7.037   3.184   -10.458 1.00 40.92  ? 1410 HOH A O   1 
HETATM 1380 O O   . HOH J 5 .   ? 6.067   -16.774 -17.239 1.00 29.67  ? 1411 HOH A O   1 
HETATM 1381 O O   . HOH J 5 .   ? 5.323   -14.766 -18.944 1.00 25.37  ? 1412 HOH A O   1 
HETATM 1382 O O   . HOH J 5 .   ? 1.719   19.767  1.264   1.00 28.90  ? 1413 HOH A O   1 
HETATM 1383 O O   . HOH J 5 .   ? -0.206  -23.571 -12.838 0.48 35.77  ? 1414 HOH A O   1 
HETATM 1384 O O   . HOH J 5 .   ? 1.333   21.378  -6.470  0.30 43.10  ? 1415 HOH A O   1 
HETATM 1385 O O   . HOH J 5 .   ? 4.512   0.210   9.146   1.00 25.75  ? 1416 HOH A O   1 
HETATM 1386 O O   . HOH J 5 .   ? -7.243  9.813   -9.097  1.00 31.16  ? 1417 HOH A O   1 
HETATM 1387 O O   . HOH J 5 .   ? -0.593  6.883   17.950  1.00 46.44  ? 1418 HOH A O   1 
HETATM 1388 O O   . HOH J 5 .   ? -9.150  -6.260  5.590   1.00 37.12  ? 1419 HOH A O   1 
HETATM 1389 O O   . HOH J 5 .   ? -12.365 4.691   4.938   0.30 28.07  ? 1420 HOH A O   1 
HETATM 1390 O O   . HOH J 5 .   ? -1.410  2.900   -16.220 1.00 40.68  ? 1421 HOH A O   1 
HETATM 1391 O O   . HOH J 5 .   ? -8.907  5.527   14.127  1.00 30.49  ? 1422 HOH A O   1 
HETATM 1392 O O   . HOH J 5 .   ? 7.416   13.557  -3.675  1.00 51.90  ? 1423 HOH A O   1 
HETATM 1393 O O   . HOH J 5 .   ? -5.524  -17.910 -18.823 1.00 34.26  ? 1424 HOH A O   1 
HETATM 1394 O O   . HOH J 5 .   ? -9.086  -6.275  10.104  1.00 31.45  ? 1425 HOH A O   1 
HETATM 1395 O O   . HOH J 5 .   ? -3.241  -0.482  -17.228 1.00 20.40  ? 1426 HOH A O   1 
HETATM 1396 O O   . HOH J 5 .   ? 8.939   22.453  0.105   1.00 42.84  ? 1427 HOH A O   1 
HETATM 1397 O O   . HOH J 5 .   ? -8.765  0.184   11.682  1.00 19.08  ? 1428 HOH A O   1 
HETATM 1398 O O   . HOH J 5 .   ? 9.267   17.578  19.943  1.00 40.91  ? 1429 HOH A O   1 
HETATM 1399 O O   . HOH J 5 .   ? 2.440   20.439  22.655  1.00 50.56  ? 1430 HOH A O   1 
HETATM 1400 O O   . HOH J 5 .   ? -12.146 2.841   -13.232 1.00 31.09  ? 1431 HOH A O   1 
HETATM 1401 O O   . HOH J 5 .   ? -0.237  7.716   12.155  1.00 18.10  ? 1432 HOH A O   1 
HETATM 1402 O O   . HOH J 5 .   ? -10.321 -8.425  -3.895  1.00 35.58  ? 1433 HOH A O   1 
HETATM 1403 O O   . HOH J 5 .   ? -6.567  9.427   16.116  1.00 41.64  ? 1434 HOH A O   1 
HETATM 1404 O O   . HOH J 5 .   ? 5.590   -14.844 0.368   1.00 21.41  ? 1435 HOH A O   1 
HETATM 1405 O O   . HOH J 5 .   ? 6.013   -21.075 6.683   1.00 29.32  ? 1436 HOH A O   1 
HETATM 1406 O O   . HOH J 5 .   ? -11.341 -8.716  -15.845 1.00 40.99  ? 1437 HOH A O   1 
HETATM 1407 O O   . HOH J 5 .   ? -10.437 -14.726 -3.434  1.00 45.44  ? 1438 HOH A O   1 
HETATM 1408 O O   . HOH J 5 .   ? -6.239  5.011   -9.832  1.00 29.33  ? 1439 HOH A O   1 
HETATM 1409 O O   . HOH J 5 .   ? 5.795   19.027  13.502  1.00 26.82  ? 1440 HOH A O   1 
HETATM 1410 O O   . HOH J 5 .   ? -4.854  20.379  17.375  1.00 65.60  ? 1441 HOH A O   1 
HETATM 1411 O O   . HOH J 5 .   ? 12.218  13.174  2.073   0.48 36.76  ? 1442 HOH A O   1 
HETATM 1412 O O   . HOH J 5 .   ? 6.594   -6.048  5.688   1.00 53.48  ? 1443 HOH A O   1 
HETATM 1413 O O   . HOH J 5 .   ? -14.305 -3.448  -4.630  0.30 37.47  ? 1444 HOH A O   1 
HETATM 1414 O O   . HOH J 5 .   ? 6.272   -10.289 -16.490 1.00 65.48  ? 1445 HOH A O   1 
HETATM 1415 O O   . HOH J 5 .   ? 9.985   -9.489  -3.204  1.00 47.61  ? 1446 HOH A O   1 
HETATM 1416 O O   . HOH J 5 .   ? 4.620   -20.970 -17.833 1.00 21.24  ? 1447 HOH A O   1 
HETATM 1417 O O   . HOH J 5 .   ? 0.341   2.821   -14.391 1.00 36.90  ? 1448 HOH A O   1 
HETATM 1418 O O   . HOH J 5 .   ? 2.778   21.033  12.212  1.00 37.35  ? 1449 HOH A O   1 
HETATM 1419 O O   . HOH J 5 .   ? 7.858   2.366   -8.592  1.00 76.01  ? 1450 HOH A O   1 
HETATM 1420 O O   . HOH J 5 .   ? 2.038   -4.760  16.296  1.00 30.99  ? 1451 HOH A O   1 
HETATM 1421 O O   . HOH J 5 .   ? -0.138  10.977  -10.999 1.00 45.53  ? 1452 HOH A O   1 
HETATM 1422 O O   . HOH J 5 .   ? -3.506  15.061  -11.359 1.00 36.98  ? 1453 HOH A O   1 
HETATM 1423 O O   . HOH J 5 .   ? -12.921 -8.687  -4.307  1.00 57.04  ? 1454 HOH A O   1 
HETATM 1424 O O   . HOH J 5 .   ? 5.298   7.144   17.975  1.00 46.27  ? 1455 HOH A O   1 
HETATM 1425 O O   . HOH J 5 .   ? -10.233 9.694   1.679   1.00 24.21  ? 1456 HOH A O   1 
HETATM 1426 O O   . HOH J 5 .   ? 5.831   -8.888  -14.372 1.00 39.84  ? 1457 HOH A O   1 
HETATM 1427 O O   . HOH J 5 .   ? -4.458  -10.861 0.065   1.00 23.71  ? 1458 HOH A O   1 
HETATM 1428 O O   . HOH J 5 .   ? -11.759 -0.020  7.938   1.00 32.99  ? 1459 HOH A O   1 
HETATM 1429 O O   . HOH J 5 .   ? -11.247 -7.476  -11.898 1.00 33.83  ? 1460 HOH A O   1 
HETATM 1430 O O   . HOH J 5 .   ? 0.632   8.225   14.860  1.00 29.56  ? 1461 HOH A O   1 
HETATM 1431 O O   . HOH J 5 .   ? 16.265  12.316  16.785  1.00 40.62  ? 1462 HOH A O   1 
HETATM 1432 O O   . HOH J 5 .   ? -9.072  1.837   13.952  1.00 22.11  ? 1463 HOH A O   1 
HETATM 1433 O O   . HOH J 5 .   ? 3.622   -7.086  -16.312 1.00 40.66  ? 1464 HOH A O   1 
HETATM 1434 O O   . HOH J 5 .   ? 9.683   -2.811  -0.239  1.00 27.40  ? 1465 HOH A O   1 
HETATM 1435 O O   . HOH J 5 .   ? 1.525   5.377   -13.836 1.00 34.80  ? 1466 HOH A O   1 
HETATM 1436 O O   . HOH J 5 .   ? 6.594   7.977   -10.576 1.00 27.38  ? 1467 HOH A O   1 
HETATM 1437 O O   . HOH J 5 .   ? 7.837   11.242  -4.304  0.48 43.84  ? 1468 HOH A O   1 
HETATM 1438 O O   . HOH J 5 .   ? 5.493   14.474  -10.864 1.00 36.08  ? 1469 HOH A O   1 
HETATM 1439 O O   . HOH J 5 .   ? -2.328  4.510   -17.244 1.00 58.78  ? 1470 HOH A O   1 
HETATM 1440 O O   . HOH J 5 .   ? -11.597 5.648   -11.242 1.00 49.71  ? 1471 HOH A O   1 
HETATM 1441 O O   . HOH J 5 .   ? -4.694  -20.604 -19.092 0.48 30.45  ? 1472 HOH A O   1 
HETATM 1442 O O   . HOH J 5 .   ? 8.357   -14.929 -10.031 1.00 51.71  ? 1473 HOH A O   1 
HETATM 1443 O O   . HOH J 5 .   ? -0.636  0.159   -17.532 1.00 27.30  ? 1474 HOH A O   1 
HETATM 1444 O O   . HOH J 5 .   ? 4.685   5.803   -13.912 1.00 37.61  ? 1475 HOH A O   1 
HETATM 1445 O O   . HOH J 5 .   ? 8.574   7.881   -8.470  1.00 34.11  ? 1476 HOH A O   1 
HETATM 1446 O O   . HOH J 5 .   ? 7.659   -5.617  2.812   1.00 41.98  ? 1477 HOH A O   1 
HETATM 1447 O O   . HOH J 5 .   ? 9.043   -5.223  -3.929  1.00 47.82  ? 1478 HOH A O   1 
HETATM 1448 O O   . HOH J 5 .   ? -12.599 -4.381  -15.612 1.00 44.65  ? 1479 HOH A O   1 
HETATM 1449 O O   . HOH J 5 .   ? 3.711   -2.781  -16.930 1.00 57.59  ? 1480 HOH A O   1 
HETATM 1450 O O   . HOH J 5 .   ? -4.714  6.905   -12.807 1.00 46.37  ? 1481 HOH A O   1 
HETATM 1451 O O   . HOH J 5 .   ? -4.652  14.785  0.737   1.00 15.99  ? 1482 HOH A O   1 
HETATM 1452 O O   . HOH J 5 .   ? 8.785   -8.521  0.073   1.00 42.26  ? 1483 HOH A O   1 
HETATM 1453 O O   . HOH J 5 .   ? -10.479 -0.106  -16.470 1.00 48.39  ? 1484 HOH A O   1 
HETATM 1454 O O   . HOH J 5 .   ? -5.120  10.581  17.707  1.00 49.96  ? 1485 HOH A O   1 
HETATM 1455 O O   . HOH J 5 .   ? 7.433   -10.806 -12.627 1.00 37.90  ? 1486 HOH A O   1 
HETATM 1456 O O   . HOH J 5 .   ? 8.601   -8.943  -7.317  1.00 45.66  ? 1487 HOH A O   1 
HETATM 1457 O O   . HOH J 5 .   ? -8.220  -11.475 -11.816 1.00 50.40  ? 1488 HOH A O   1 
HETATM 1458 O O   . HOH J 5 .   ? 7.887   -10.677 0.025   1.00 28.88  ? 1489 HOH A O   1 
HETATM 1459 O O   . HOH J 5 .   ? 6.751   -11.653 2.480   1.00 23.85  ? 1490 HOH A O   1 
HETATM 1460 O O   . HOH J 5 .   ? -8.441  1.867   16.434  1.00 32.44  ? 1491 HOH A O   1 
HETATM 1461 O O   . HOH J 5 .   ? 0.172   7.312   -13.510 1.00 44.95  ? 1492 HOH A O   1 
HETATM 1462 O O   . HOH J 5 .   ? 8.018   -15.343 1.193   1.00 46.99  ? 1493 HOH A O   1 
HETATM 1463 O O   . HOH J 5 .   ? -1.208  9.087   -11.848 1.00 53.71  ? 1494 HOH A O   1 
HETATM 1464 O O   . HOH J 5 .   ? 5.895   9.980   -12.264 1.00 31.92  ? 1495 HOH A O   1 
HETATM 1465 O O   . HOH J 5 .   ? -14.179 -1.659  -8.779  1.00 36.20  ? 1496 HOH A O   1 
HETATM 1466 O O   . HOH J 5 .   ? -15.108 -0.639  3.562   0.30 40.16  ? 1497 HOH A O   1 
HETATM 1467 O O   . HOH J 5 .   ? -13.158 2.726   6.535   1.00 51.14  ? 1498 HOH A O   1 
HETATM 1468 O O   . HOH J 5 .   ? -1.288  -12.430 -22.260 1.00 20.54  ? 1499 HOH A O   1 
HETATM 1469 O O   . HOH J 5 .   ? -3.810  0.248   18.515  1.00 38.65  ? 1500 HOH A O   1 
HETATM 1470 O O   . HOH J 5 .   ? -14.276 6.951   5.458   1.00 46.96  ? 1501 HOH A O   1 
HETATM 1471 O O   . HOH J 5 .   ? 8.348   -7.893  2.743   1.00 43.53  ? 1502 HOH A O   1 
HETATM 1472 O O   . HOH J 5 .   ? 10.285  -7.846  -5.046  1.00 49.92  ? 1503 HOH A O   1 
HETATM 1473 O O   . HOH J 5 .   ? -5.446  -15.030 -5.847  1.00 47.82  ? 1504 HOH A O   1 
HETATM 1474 O O   . HOH J 5 .   ? -5.479  7.470   -10.378 1.00 42.20  ? 1505 HOH A O   1 
HETATM 1475 O O   . HOH J 5 .   ? -11.154 -12.001 -6.894  1.00 56.48  ? 1506 HOH A O   1 
HETATM 1476 O O   . HOH J 5 .   ? 7.136   5.582   17.202  1.00 48.32  ? 1507 HOH A O   1 
HETATM 1477 O O   . HOH J 5 .   ? 8.017   27.092  18.054  1.00 52.09  ? 1508 HOH A O   1 
HETATM 1478 O O   . HOH J 5 .   ? 9.169   24.473  20.824  1.00 58.29  ? 1509 HOH A O   1 
HETATM 1479 O O   . HOH J 5 .   ? 8.483   -13.544 3.277   1.00 36.48  ? 1510 HOH A O   1 
HETATM 1480 O O   . HOH J 5 .   ? 4.678   8.529   -14.412 1.00 39.04  ? 1511 HOH A O   1 
HETATM 1481 O O   . HOH J 5 .   ? 1.970   9.466   -14.498 1.00 47.72  ? 1512 HOH A O   1 
# 
